data_9K3Q
#
_entry.id   9K3Q
#
_cell.length_a   1.00
_cell.length_b   1.00
_cell.length_c   1.00
_cell.angle_alpha   90.00
_cell.angle_beta   90.00
_cell.angle_gamma   90.00
#
_symmetry.space_group_name_H-M   'P 1'
#
loop_
_entity.id
_entity.type
_entity.pdbx_description
1 polymer 'Light-harvesting protein B-870 beta chain'
2 polymer 'Light-harvesting protein B-870 alpha chain'
3 polymer 'Photoreaction center protein H'
4 polymer 'Reaction center protein L chain'
5 polymer 'Reaction center protein M chain'
6 non-polymer 'Trans-Geranyl BACTERIOCHLOROPHYLL A'
7 non-polymer SPIRILLOXANTHIN
8 non-polymer 'FE (III) ION'
9 non-polymer 'BACTERIOPHEOPHYTIN A'
10 non-polymer UBIQUINONE-10
#
loop_
_entity_poly.entity_id
_entity_poly.type
_entity_poly.pdbx_seq_one_letter_code
_entity_poly.pdbx_strand_id
1 'polypeptide(L)' ITEGEAKEFHKIFTSSILVFFGVAAFAHLLVWIWRPWVPGPNGY 1,3,5,7,9,I,K,O,Q,S,U,W,Y,d,m,n
2 'polypeptide(L)' WRIWQLFDPRQALVGLATFLFVLALLIHFILLSTERFNWLEGAST 2,4,6,8,A,D,E,F,G,J,N,R,T,V,X,Z
3 'polypeptide(L)'
;NKGDITGYMDVAQVVLYAFWIFFAGLIIYLRREDRREGYPLEDAISGKINSLQGLGSVFSIARPKIFKLKTGATYAAPNF
KRDAVAIKATRTAPTAGAPFEPTGNPMTDAVGPAAYALRDELPDLTLGGQPAIVPLRVAPTFSVAAEDTDPRGLPVVDRK
GAVAGKVTDLWIDRASIAIRYLEVELAATPGRKVLLPFAATRINAKTKSKTVTVQSILARHFANVPTIAKTDSITRREED
KVMAYYSSGYLYSDR
;
H
4 'polypeptide(L)'
;ALLSFERKYRVRGGTLIGGDLFDFWVGPFYVGFFGVTTLLFTVLGTALIVWGAALGPSWTFWQISINPPDVSYGLAMAPM
AKGGLWQIITFSAIGAFVSWALREVEICRKLGIGYHIPFAFGFAILAYVSLVVIRPVMMGAWGYGFPYGFMTHLDWVSNT
GYQYANFHYNPAHMLGITLFFTTCLALALHGSLILSAANPGKGEVVKGPEHENTYFQDTIGYSVGTLGIHRVGLILALSA
VVWSIICMILSGPIYTGSWPDWWLWWQKLPFWNH
;
L
5 'polypeptide(L)'
;GPIYLGTTGVLSLVFGFFAIEIIGFNLLASVNWSPMEFGRQFFWLGLEPPAAEYGLGFAPLAEGGWWQIAGFFLTTSILL
WWVRMYRRARALKMGTHTAWAFASAIFLFLSLGFIRPLLMGNFSESVPFGIFPHLEWTNSFSLNYGNFFYNPFHMLSIAF
LYGSALLFAMHGATILAVSRLGGDREVEQITDRGTAAERAALFWRWTMGFNATMESIHRWAWWFAVLCTFTGAIGILLTG
TVVDNWFEWGVKHGLAPAP
;
M
#
# COMPACT_ATOMS: atom_id res chain seq x y z
N ILE A 1 2.49 -21.04 46.58
CA ILE A 1 1.15 -20.64 46.95
C ILE A 1 0.91 -20.95 48.43
N THR A 2 1.67 -21.91 48.96
CA THR A 2 1.55 -22.34 50.34
C THR A 2 2.88 -22.15 51.06
N GLU A 3 2.81 -21.70 52.31
CA GLU A 3 3.98 -21.18 53.02
C GLU A 3 5.06 -22.23 53.26
N GLY A 4 4.70 -23.42 53.74
CA GLY A 4 5.70 -24.44 54.03
C GLY A 4 6.44 -24.93 52.81
N GLU A 5 5.68 -25.21 51.75
CA GLU A 5 6.29 -25.63 50.49
C GLU A 5 7.15 -24.52 49.89
N ALA A 6 6.71 -23.26 49.99
CA ALA A 6 7.55 -22.16 49.48
C ALA A 6 8.83 -22.03 50.32
N LYS A 7 8.73 -22.27 51.63
CA LYS A 7 9.90 -22.20 52.50
C LYS A 7 10.92 -23.28 52.14
N GLU A 8 10.44 -24.52 51.96
CA GLU A 8 11.36 -25.57 51.53
C GLU A 8 11.87 -25.34 50.11
N PHE A 9 11.08 -24.68 49.26
CA PHE A 9 11.59 -24.25 47.96
C PHE A 9 12.74 -23.28 48.12
N HIS A 10 12.63 -22.33 49.06
CA HIS A 10 13.75 -21.43 49.31
C HIS A 10 14.96 -22.20 49.82
N LYS A 11 14.73 -23.20 50.67
CA LYS A 11 15.85 -24.01 51.17
C LYS A 11 16.60 -24.68 50.02
N ILE A 12 15.87 -25.31 49.09
CA ILE A 12 16.53 -26.05 47.99
C ILE A 12 17.05 -25.07 46.94
N PHE A 13 16.43 -23.92 46.83
CA PHE A 13 16.92 -22.89 45.92
C PHE A 13 18.24 -22.32 46.40
N THR A 14 18.36 -22.08 47.70
CA THR A 14 19.65 -21.65 48.25
C THR A 14 20.70 -22.75 48.11
N SER A 15 20.34 -23.99 48.40
CA SER A 15 21.27 -25.10 48.25
C SER A 15 21.76 -25.27 46.81
N SER A 16 20.96 -24.90 45.82
CA SER A 16 21.35 -24.94 44.42
C SER A 16 22.13 -23.71 43.98
N ILE A 17 21.69 -22.51 44.40
CA ILE A 17 22.34 -21.29 43.96
C ILE A 17 23.73 -21.16 44.58
N LEU A 18 23.92 -21.66 45.81
CA LEU A 18 25.26 -21.65 46.37
C LEU A 18 26.22 -22.52 45.57
N VAL A 19 25.76 -23.69 45.15
CA VAL A 19 26.59 -24.56 44.31
C VAL A 19 26.87 -23.90 42.96
N PHE A 20 25.85 -23.28 42.37
CA PHE A 20 26.04 -22.60 41.09
C PHE A 20 27.07 -21.48 41.21
N PHE A 21 26.96 -20.67 42.27
CA PHE A 21 27.91 -19.58 42.46
C PHE A 21 29.31 -20.09 42.77
N GLY A 22 29.42 -21.20 43.50
CA GLY A 22 30.74 -21.79 43.74
C GLY A 22 31.38 -22.28 42.46
N VAL A 23 30.60 -22.94 41.61
CA VAL A 23 31.13 -23.40 40.33
C VAL A 23 31.56 -22.22 39.47
N ALA A 24 30.73 -21.17 39.44
CA ALA A 24 31.08 -19.99 38.66
C ALA A 24 32.34 -19.32 39.20
N ALA A 25 32.48 -19.25 40.52
CA ALA A 25 33.67 -18.65 41.11
C ALA A 25 34.92 -19.46 40.80
N PHE A 26 34.82 -20.79 40.87
CA PHE A 26 35.96 -21.64 40.52
C PHE A 26 36.35 -21.46 39.06
N ALA A 27 35.35 -21.41 38.17
CA ALA A 27 35.62 -21.19 36.76
C ALA A 27 36.29 -19.85 36.53
N HIS A 28 35.81 -18.81 37.23
CA HIS A 28 36.39 -17.48 37.05
C HIS A 28 37.81 -17.43 37.60
N LEU A 29 38.08 -18.15 38.70
CA LEU A 29 39.45 -18.22 39.21
C LEU A 29 40.37 -18.90 38.20
N LEU A 30 39.89 -19.98 37.57
CA LEU A 30 40.69 -20.64 36.55
C LEU A 30 40.94 -19.73 35.35
N VAL A 31 39.92 -18.99 34.93
CA VAL A 31 40.08 -18.08 33.80
C VAL A 31 41.05 -16.94 34.16
N TRP A 32 40.99 -16.46 35.41
CA TRP A 32 41.92 -15.42 35.83
C TRP A 32 43.35 -15.95 35.87
N ILE A 33 43.53 -17.20 36.30
CA ILE A 33 44.85 -17.81 36.25
C ILE A 33 45.34 -17.92 34.81
N TRP A 34 44.44 -18.28 33.89
CA TRP A 34 44.82 -18.42 32.49
C TRP A 34 45.21 -17.07 31.89
N ARG A 35 44.26 -16.13 31.86
CA ARG A 35 44.48 -14.79 31.31
C ARG A 35 43.66 -13.77 32.09
N PRO A 36 44.29 -12.92 32.89
CA PRO A 36 43.54 -11.89 33.62
C PRO A 36 42.90 -10.89 32.66
N TRP A 37 41.77 -10.33 33.09
CA TRP A 37 40.97 -9.44 32.26
C TRP A 37 41.00 -7.99 32.73
N VAL A 38 41.95 -7.63 33.59
CA VAL A 38 42.08 -6.24 34.02
C VAL A 38 43.43 -5.71 33.55
N PRO A 39 43.47 -4.94 32.47
CA PRO A 39 44.75 -4.42 31.98
C PRO A 39 45.33 -3.38 32.91
N GLY A 40 46.66 -3.30 32.91
CA GLY A 40 47.38 -2.34 33.70
C GLY A 40 47.49 -1.01 33.00
N PRO A 41 48.25 -0.04 33.60
CA PRO A 41 48.31 1.21 32.83
C PRO A 41 49.02 1.08 31.50
N ASN A 42 49.96 0.16 31.37
CA ASN A 42 50.61 -0.06 30.09
C ASN A 42 49.86 -1.04 29.21
N GLY A 43 48.71 -1.55 29.65
CA GLY A 43 47.97 -2.51 28.88
C GLY A 43 48.34 -3.94 29.25
N TYR A 44 48.00 -4.85 28.33
CA TYR A 44 48.28 -6.27 28.53
C TYR A 44 49.73 -6.60 28.18
N TRP B 1 13.20 -34.61 42.95
CA TRP B 1 12.27 -35.73 43.04
C TRP B 1 10.85 -35.22 42.96
N ARG B 2 10.67 -33.95 43.33
CA ARG B 2 9.39 -33.28 43.23
C ARG B 2 9.25 -32.46 41.95
N ILE B 3 10.28 -32.47 41.10
CA ILE B 3 10.27 -31.73 39.85
C ILE B 3 9.24 -32.25 38.87
N TRP B 4 8.94 -33.55 38.89
CA TRP B 4 8.00 -34.14 37.94
C TRP B 4 6.55 -33.98 38.39
N GLN B 5 6.32 -33.44 39.58
CA GLN B 5 4.99 -32.95 39.94
C GLN B 5 4.78 -31.51 39.53
N LEU B 6 5.83 -30.69 39.62
CA LEU B 6 5.83 -29.25 39.37
C LEU B 6 5.79 -29.00 37.86
N PHE B 7 6.82 -29.48 37.17
CA PHE B 7 6.90 -29.39 35.72
C PHE B 7 6.26 -30.60 35.06
N ASP B 8 5.69 -30.40 33.88
CA ASP B 8 5.15 -31.49 33.11
C ASP B 8 6.29 -32.32 32.51
N PRO B 9 6.37 -33.63 32.80
CA PRO B 9 7.45 -34.45 32.23
C PRO B 9 7.38 -34.56 30.71
N ARG B 10 6.25 -34.30 30.09
CA ARG B 10 6.15 -34.47 28.64
C ARG B 10 6.72 -33.27 27.95
N GLN B 11 6.48 -32.09 28.49
CA GLN B 11 7.00 -30.87 27.88
C GLN B 11 8.45 -30.61 28.28
N ALA B 12 8.80 -30.93 29.53
CA ALA B 12 10.16 -30.67 30.00
C ALA B 12 11.19 -31.45 29.19
N LEU B 13 10.91 -32.74 28.92
CA LEU B 13 11.85 -33.56 28.17
C LEU B 13 12.02 -33.04 26.74
N VAL B 14 10.91 -32.66 26.09
CA VAL B 14 11.00 -32.16 24.73
C VAL B 14 11.80 -30.86 24.68
N GLY B 15 11.51 -29.96 25.62
CA GLY B 15 12.26 -28.71 25.66
C GLY B 15 13.74 -28.93 25.93
N LEU B 16 14.06 -29.83 26.85
CA LEU B 16 15.46 -30.12 27.15
C LEU B 16 16.17 -30.73 25.95
N ALA B 17 15.51 -31.65 25.25
CA ALA B 17 16.11 -32.27 24.07
C ALA B 17 16.34 -31.24 22.97
N THR B 18 15.36 -30.36 22.73
CA THR B 18 15.54 -29.33 21.73
C THR B 18 16.68 -28.38 22.09
N PHE B 19 16.75 -27.98 23.36
CA PHE B 19 17.82 -27.10 23.82
C PHE B 19 19.19 -27.76 23.63
N LEU B 20 19.30 -29.03 24.03
CA LEU B 20 20.58 -29.72 23.90
C LEU B 20 20.99 -29.89 22.44
N PHE B 21 20.03 -30.23 21.58
CA PHE B 21 20.35 -30.37 20.16
C PHE B 21 20.80 -29.04 19.56
N VAL B 22 20.11 -27.95 19.89
CA VAL B 22 20.49 -26.65 19.37
C VAL B 22 21.88 -26.25 19.86
N LEU B 23 22.15 -26.48 21.15
CA LEU B 23 23.47 -26.15 21.68
C LEU B 23 24.57 -26.97 21.02
N ALA B 24 24.34 -28.27 20.83
CA ALA B 24 25.34 -29.12 20.19
C ALA B 24 25.59 -28.69 18.75
N LEU B 25 24.51 -28.38 18.02
CA LEU B 25 24.66 -27.92 16.64
C LEU B 25 25.44 -26.61 16.59
N LEU B 26 25.14 -25.69 17.51
CA LEU B 26 25.83 -24.40 17.54
C LEU B 26 27.32 -24.59 17.82
N ILE B 27 27.65 -25.43 18.80
CA ILE B 27 29.06 -25.64 19.15
C ILE B 27 29.79 -26.32 18.01
N HIS B 28 29.15 -27.30 17.34
CA HIS B 28 29.79 -27.95 16.22
C HIS B 28 30.00 -27.00 15.05
N PHE B 29 29.05 -26.10 14.81
CA PHE B 29 29.23 -25.09 13.77
C PHE B 29 30.40 -24.18 14.11
N ILE B 30 30.52 -23.77 15.38
CA ILE B 30 31.65 -22.92 15.77
C ILE B 30 32.96 -23.66 15.57
N LEU B 31 33.01 -24.94 15.93
CA LEU B 31 34.23 -25.73 15.74
C LEU B 31 34.58 -25.84 14.26
N LEU B 32 33.58 -26.08 13.41
CA LEU B 32 33.83 -26.10 11.97
C LEU B 32 34.36 -24.76 11.49
N SER B 33 33.87 -23.67 12.09
CA SER B 33 34.36 -22.34 11.73
C SER B 33 35.82 -22.17 12.08
N THR B 34 36.22 -22.64 13.26
CA THR B 34 37.60 -22.45 13.70
C THR B 34 38.56 -23.23 12.83
N GLU B 35 39.77 -22.73 12.63
CA GLU B 35 40.77 -23.40 11.79
C GLU B 35 41.39 -24.56 12.52
N ARG B 36 41.69 -24.38 13.79
CA ARG B 36 42.38 -25.46 14.49
C ARG B 36 41.48 -26.69 14.66
N PHE B 37 40.20 -26.49 14.94
CA PHE B 37 39.30 -27.57 15.30
C PHE B 37 38.42 -28.02 14.14
N ASN B 38 38.67 -27.55 12.94
CA ASN B 38 37.95 -28.02 11.76
C ASN B 38 38.47 -29.41 11.42
N TRP B 39 37.79 -30.44 11.92
CA TRP B 39 38.25 -31.82 11.72
C TRP B 39 38.11 -32.28 10.27
N LEU B 40 37.15 -31.72 9.53
CA LEU B 40 36.97 -32.14 8.14
C LEU B 40 38.10 -31.63 7.25
N GLU B 41 38.48 -30.37 7.39
CA GLU B 41 39.54 -29.81 6.57
C GLU B 41 40.92 -30.20 7.10
N GLY B 42 41.10 -30.17 8.42
CA GLY B 42 42.33 -30.62 9.04
C GLY B 42 43.53 -29.74 8.76
N ALA B 43 43.52 -28.52 9.29
CA ALA B 43 44.67 -27.64 9.17
C ALA B 43 45.83 -28.15 10.03
N SER B 44 47.04 -27.90 9.57
CA SER B 44 48.23 -28.31 10.31
C SER B 44 48.40 -27.48 11.57
N THR B 45 49.04 -28.08 12.57
CA THR B 45 49.28 -27.43 13.84
C THR B 45 50.68 -26.80 13.87
N ILE C 1 3.09 -38.17 35.93
CA ILE C 1 1.69 -38.53 35.96
C ILE C 1 1.24 -38.72 37.42
N THR C 2 1.59 -39.86 37.99
CA THR C 2 1.34 -40.13 39.40
C THR C 2 2.65 -40.16 40.18
N GLU C 3 2.55 -40.42 41.48
CA GLU C 3 3.71 -40.29 42.35
C GLU C 3 4.71 -41.41 42.11
N GLY C 4 4.23 -42.65 41.98
CA GLY C 4 5.14 -43.76 41.68
C GLY C 4 5.77 -43.63 40.31
N GLU C 5 4.99 -43.17 39.32
CA GLU C 5 5.55 -42.90 38.00
C GLU C 5 6.60 -41.80 38.07
N ALA C 6 6.41 -40.82 38.96
CA ALA C 6 7.44 -39.82 39.22
C ALA C 6 8.69 -40.41 39.85
N LYS C 7 8.53 -41.36 40.78
CA LYS C 7 9.71 -42.07 41.31
C LYS C 7 10.50 -42.70 40.17
N GLU C 8 9.81 -43.46 39.32
CA GLU C 8 10.48 -44.14 38.22
C GLU C 8 11.10 -43.14 37.25
N PHE C 9 10.40 -42.03 36.98
CA PHE C 9 10.89 -40.99 36.10
C PHE C 9 12.18 -40.39 36.63
N HIS C 10 12.22 -40.15 37.92
CA HIS C 10 13.43 -39.61 38.52
C HIS C 10 14.58 -40.60 38.45
N LYS C 11 14.29 -41.88 38.60
CA LYS C 11 15.33 -42.89 38.54
C LYS C 11 15.91 -42.96 37.15
N ILE C 12 15.06 -43.07 36.14
CA ILE C 12 15.54 -43.18 34.78
C ILE C 12 16.20 -41.89 34.31
N PHE C 13 15.69 -40.73 34.76
CA PHE C 13 16.31 -39.45 34.42
C PHE C 13 17.73 -39.38 34.96
N THR C 14 17.92 -39.79 36.22
CA THR C 14 19.26 -39.77 36.80
C THR C 14 20.19 -40.72 36.05
N SER C 15 19.72 -41.93 35.73
CA SER C 15 20.56 -42.87 35.01
C SER C 15 20.94 -42.35 33.63
N SER C 16 19.97 -41.80 32.91
CA SER C 16 20.24 -41.28 31.57
C SER C 16 21.13 -40.06 31.59
N ILE C 17 20.97 -39.19 32.57
CA ILE C 17 21.85 -38.03 32.65
C ILE C 17 23.26 -38.47 33.03
N LEU C 18 23.39 -39.51 33.87
CA LEU C 18 24.72 -40.03 34.16
C LEU C 18 25.40 -40.58 32.91
N VAL C 19 24.66 -41.32 32.09
CA VAL C 19 25.27 -41.89 30.89
C VAL C 19 25.59 -40.79 29.90
N PHE C 20 24.73 -39.80 29.80
CA PHE C 20 24.97 -38.67 28.90
C PHE C 20 26.23 -37.91 29.30
N PHE C 21 26.36 -37.58 30.59
CA PHE C 21 27.52 -36.84 31.06
C PHE C 21 28.79 -37.67 30.98
N GLY C 22 28.70 -38.98 31.21
CA GLY C 22 29.87 -39.83 31.04
C GLY C 22 30.34 -39.89 29.61
N VAL C 23 29.41 -40.02 28.66
CA VAL C 23 29.78 -40.01 27.25
C VAL C 23 30.38 -38.67 26.87
N ALA C 24 29.79 -37.57 27.36
CA ALA C 24 30.33 -36.25 27.06
C ALA C 24 31.74 -36.08 27.62
N ALA C 25 31.97 -36.55 28.85
CA ALA C 25 33.29 -36.44 29.44
C ALA C 25 34.32 -37.28 28.68
N PHE C 26 33.93 -38.49 28.25
CA PHE C 26 34.85 -39.32 27.48
C PHE C 26 35.18 -38.68 26.14
N ALA C 27 34.17 -38.10 25.48
CA ALA C 27 34.41 -37.40 24.22
C ALA C 27 35.32 -36.20 24.42
N HIS C 28 35.13 -35.46 25.51
CA HIS C 28 35.98 -34.31 25.77
C HIS C 28 37.40 -34.73 26.09
N LEU C 29 37.57 -35.85 26.78
CA LEU C 29 38.91 -36.38 27.02
C LEU C 29 39.59 -36.75 25.72
N LEU C 30 38.85 -37.41 24.81
CA LEU C 30 39.42 -37.75 23.51
C LEU C 30 39.81 -36.50 22.73
N VAL C 31 38.94 -35.48 22.75
CA VAL C 31 39.24 -34.25 22.01
C VAL C 31 40.44 -33.53 22.62
N TRP C 32 40.56 -33.55 23.95
CA TRP C 32 41.72 -32.93 24.59
C TRP C 32 43.00 -33.67 24.24
N ILE C 33 42.97 -35.00 24.18
CA ILE C 33 44.19 -35.72 23.76
C ILE C 33 44.49 -35.54 22.28
N TRP C 34 43.48 -35.31 21.46
CA TRP C 34 43.74 -35.00 20.06
C TRP C 34 44.34 -33.60 19.90
N ARG C 35 43.60 -32.58 20.30
CA ARG C 35 44.04 -31.19 20.22
C ARG C 35 43.47 -30.39 21.39
N PRO C 36 44.32 -29.95 22.33
CA PRO C 36 43.82 -29.16 23.45
C PRO C 36 43.31 -27.81 23.00
N TRP C 37 42.39 -27.25 23.78
CA TRP C 37 41.71 -26.02 23.43
C TRP C 37 42.02 -24.85 24.36
N VAL C 38 43.04 -24.98 25.22
CA VAL C 38 43.46 -23.85 26.04
C VAL C 38 44.82 -23.38 25.54
N PRO C 39 44.89 -22.23 24.86
CA PRO C 39 46.17 -21.79 24.31
C PRO C 39 47.13 -21.35 25.41
N GLY C 40 48.42 -21.42 25.09
CA GLY C 40 49.45 -20.97 26.00
C GLY C 40 49.68 -19.48 25.89
N PRO C 41 50.73 -18.97 26.54
CA PRO C 41 50.99 -17.53 26.46
C PRO C 41 51.28 -17.04 25.06
N ASN C 42 51.96 -17.83 24.24
CA ASN C 42 52.31 -17.35 22.91
C ASN C 42 51.28 -17.78 21.89
N GLY C 43 50.42 -18.70 22.27
CA GLY C 43 49.45 -19.27 21.35
C GLY C 43 49.40 -20.77 21.52
N TYR C 44 49.12 -21.46 20.43
CA TYR C 44 49.06 -22.92 20.45
C TYR C 44 50.43 -23.53 20.16
N TRP D 1 10.35 -48.06 29.12
CA TRP D 1 9.56 -48.58 28.01
C TRP D 1 8.18 -47.96 27.93
N ARG D 2 7.75 -47.36 29.02
CA ARG D 2 6.43 -46.74 29.07
C ARG D 2 6.44 -45.34 28.46
N ILE D 3 7.45 -45.04 27.63
CA ILE D 3 7.62 -43.72 27.03
C ILE D 3 6.50 -43.37 26.07
N TRP D 4 5.87 -44.38 25.45
CA TRP D 4 4.85 -44.13 24.44
C TRP D 4 3.51 -43.75 25.05
N GLN D 5 3.32 -44.01 26.35
CA GLN D 5 2.16 -43.44 27.03
C GLN D 5 2.36 -41.96 27.31
N LEU D 6 3.60 -41.52 27.48
CA LEU D 6 3.89 -40.10 27.64
C LEU D 6 3.77 -39.36 26.31
N PHE D 7 4.54 -39.79 25.31
CA PHE D 7 4.55 -39.13 24.01
C PHE D 7 3.76 -39.97 23.01
N ASP D 8 2.94 -39.30 22.21
CA ASP D 8 2.13 -39.94 21.19
C ASP D 8 3.03 -40.72 20.23
N PRO D 9 2.78 -42.01 20.01
CA PRO D 9 3.64 -42.79 19.12
C PRO D 9 3.75 -42.22 17.71
N ARG D 10 2.62 -41.82 17.14
CA ARG D 10 2.60 -41.33 15.76
C ARG D 10 3.44 -40.06 15.63
N GLN D 11 3.17 -39.07 16.48
CA GLN D 11 3.89 -37.81 16.40
C GLN D 11 5.36 -38.01 16.75
N ALA D 12 5.66 -38.88 17.72
CA ALA D 12 7.04 -39.15 18.07
C ALA D 12 7.81 -39.72 16.90
N LEU D 13 7.25 -40.73 16.23
CA LEU D 13 7.94 -41.34 15.11
C LEU D 13 8.08 -40.36 13.95
N VAL D 14 7.03 -39.58 13.66
CA VAL D 14 7.10 -38.64 12.54
C VAL D 14 8.14 -37.55 12.82
N GLY D 15 8.14 -36.99 14.03
CA GLY D 15 9.12 -35.98 14.36
C GLY D 15 10.54 -36.51 14.38
N LEU D 16 10.72 -37.73 14.89
CA LEU D 16 12.04 -38.34 14.88
C LEU D 16 12.53 -38.55 13.45
N ALA D 17 11.65 -39.02 12.57
CA ALA D 17 12.04 -39.21 11.17
C ALA D 17 12.42 -37.88 10.53
N THR D 18 11.62 -36.83 10.76
CA THR D 18 11.92 -35.53 10.17
C THR D 18 13.24 -35.00 10.69
N PHE D 19 13.48 -35.08 12.00
CA PHE D 19 14.72 -34.57 12.58
C PHE D 19 15.92 -35.35 12.07
N LEU D 20 15.82 -36.68 12.00
CA LEU D 20 16.93 -37.49 11.52
C LEU D 20 17.24 -37.19 10.06
N PHE D 21 16.20 -37.04 9.23
CA PHE D 21 16.44 -36.71 7.83
C PHE D 21 17.06 -35.33 7.68
N VAL D 22 16.61 -34.37 8.49
CA VAL D 22 17.19 -33.02 8.43
C VAL D 22 18.67 -33.06 8.78
N LEU D 23 19.00 -33.79 9.86
CA LEU D 23 20.40 -33.90 10.28
C LEU D 23 21.24 -34.59 9.21
N ALA D 24 20.71 -35.67 8.62
CA ALA D 24 21.45 -36.38 7.58
C ALA D 24 21.68 -35.50 6.37
N LEU D 25 20.66 -34.76 5.95
CA LEU D 25 20.81 -33.85 4.80
C LEU D 25 21.81 -32.76 5.09
N LEU D 26 21.79 -32.21 6.31
CA LEU D 26 22.75 -31.18 6.68
C LEU D 26 24.18 -31.71 6.66
N ILE D 27 24.38 -32.92 7.20
CA ILE D 27 25.73 -33.48 7.23
C ILE D 27 26.21 -33.79 5.81
N HIS D 28 25.31 -34.29 4.95
CA HIS D 28 25.69 -34.55 3.57
C HIS D 28 26.03 -33.25 2.84
N PHE D 29 25.28 -32.19 3.10
CA PHE D 29 25.60 -30.89 2.50
C PHE D 29 26.96 -30.39 2.96
N ILE D 30 27.27 -30.57 4.25
CA ILE D 30 28.57 -30.15 4.76
C ILE D 30 29.68 -30.94 4.07
N LEU D 31 29.48 -32.26 3.92
CA LEU D 31 30.49 -33.09 3.26
C LEU D 31 30.68 -32.67 1.81
N LEU D 32 29.59 -32.32 1.12
CA LEU D 32 29.72 -31.80 -0.24
C LEU D 32 30.49 -30.49 -0.25
N SER D 33 30.26 -29.64 0.76
CA SER D 33 30.97 -28.36 0.82
C SER D 33 32.46 -28.56 1.02
N THR D 34 32.85 -29.51 1.85
CA THR D 34 34.27 -29.75 2.08
C THR D 34 34.94 -30.29 0.82
N GLU D 35 36.26 -30.22 0.80
CA GLU D 35 37.01 -30.67 -0.37
C GLU D 35 37.44 -32.10 -0.22
N ARG D 36 37.86 -32.48 0.96
CA ARG D 36 38.37 -33.84 1.13
C ARG D 36 37.28 -34.88 0.94
N PHE D 37 36.08 -34.63 1.47
CA PHE D 37 35.01 -35.61 1.49
C PHE D 37 33.98 -35.42 0.39
N ASN D 38 34.25 -34.56 -0.59
CA ASN D 38 33.35 -34.38 -1.71
C ASN D 38 33.53 -35.57 -2.64
N TRP D 39 32.68 -36.58 -2.46
CA TRP D 39 32.78 -37.79 -3.28
C TRP D 39 32.39 -37.53 -4.72
N LEU D 40 31.48 -36.58 -4.96
CA LEU D 40 31.09 -36.28 -6.34
C LEU D 40 32.21 -35.58 -7.08
N GLU D 41 32.86 -34.58 -6.49
CA GLU D 41 33.97 -33.93 -7.16
C GLU D 41 35.18 -34.82 -7.17
N GLY D 42 35.51 -35.40 -6.03
CA GLY D 42 36.63 -36.32 -5.96
C GLY D 42 37.99 -35.67 -6.04
N ALA D 43 38.31 -34.84 -5.06
CA ALA D 43 39.63 -34.21 -5.01
C ALA D 43 40.68 -35.21 -4.51
N SER D 44 41.91 -35.00 -4.95
CA SER D 44 43.01 -35.87 -4.57
C SER D 44 43.42 -35.62 -3.12
N THR D 45 44.02 -36.63 -2.52
CA THR D 45 44.53 -36.49 -1.16
C THR D 45 45.95 -37.02 -1.12
N ILE E 1 -1.57 -47.08 22.45
CA ILE E 1 -2.46 -46.24 23.24
C ILE E 1 -2.62 -46.83 24.64
N THR E 2 -2.21 -48.09 24.79
CA THR E 2 -2.24 -48.78 26.08
C THR E 2 -0.84 -49.24 26.47
N GLU E 3 -0.70 -49.61 27.74
CA GLU E 3 0.58 -50.11 28.23
C GLU E 3 0.94 -51.46 27.61
N GLY E 4 -0.06 -52.32 27.40
CA GLY E 4 0.20 -53.58 26.70
C GLY E 4 0.70 -53.37 25.30
N GLU E 5 0.18 -52.36 24.60
CA GLU E 5 0.73 -52.01 23.29
C GLU E 5 2.09 -51.34 23.43
N ALA E 6 2.33 -50.65 24.55
CA ALA E 6 3.62 -50.02 24.78
C ALA E 6 4.74 -51.04 24.91
N LYS E 7 4.45 -52.19 25.53
CA LYS E 7 5.46 -53.26 25.56
C LYS E 7 5.93 -53.61 24.15
N GLU E 8 4.99 -53.90 23.25
CA GLU E 8 5.30 -54.31 21.89
C GLU E 8 5.96 -53.19 21.11
N PHE E 9 5.50 -51.95 21.30
CA PHE E 9 6.16 -50.84 20.62
C PHE E 9 7.59 -50.82 21.07
N HIS E 10 7.82 -50.73 22.37
CA HIS E 10 9.21 -50.61 22.80
C HIS E 10 10.08 -51.74 22.27
N LYS E 11 9.54 -52.96 22.21
CA LYS E 11 10.30 -54.06 21.62
C LYS E 11 10.66 -53.78 20.16
N ILE E 12 9.67 -53.44 19.35
CA ILE E 12 9.94 -53.19 17.93
C ILE E 12 10.82 -51.95 17.75
N PHE E 13 10.64 -50.93 18.58
CA PHE E 13 11.46 -49.73 18.49
C PHE E 13 12.91 -50.04 18.82
N THR E 14 13.14 -50.88 19.83
CA THR E 14 14.49 -51.30 20.14
C THR E 14 15.11 -52.05 18.97
N SER E 15 14.36 -52.98 18.37
CA SER E 15 14.88 -53.72 17.22
C SER E 15 15.23 -52.78 16.08
N SER E 16 14.33 -51.84 15.77
CA SER E 16 14.54 -50.95 14.64
C SER E 16 15.69 -49.99 14.87
N ILE E 17 15.80 -49.44 16.09
CA ILE E 17 16.89 -48.53 16.38
C ILE E 17 18.22 -49.27 16.38
N LEU E 18 18.23 -50.53 16.82
CA LEU E 18 19.45 -51.33 16.73
C LEU E 18 19.84 -51.56 15.28
N VAL E 19 18.88 -51.87 14.41
CA VAL E 19 19.19 -52.03 12.99
C VAL E 19 19.75 -50.74 12.40
N PHE E 20 19.10 -49.61 12.73
CA PHE E 20 19.52 -48.32 12.22
C PHE E 20 20.94 -47.99 12.66
N PHE E 21 21.23 -48.19 13.95
CA PHE E 21 22.56 -47.89 14.47
C PHE E 21 23.62 -48.85 13.95
N GLY E 22 23.28 -50.12 13.73
CA GLY E 22 24.21 -51.04 13.12
C GLY E 22 24.57 -50.64 11.70
N VAL E 23 23.55 -50.26 10.92
CA VAL E 23 23.81 -49.80 9.56
C VAL E 23 24.67 -48.54 9.58
N ALA E 24 24.36 -47.61 10.49
CA ALA E 24 25.15 -46.38 10.59
C ALA E 24 26.60 -46.69 10.96
N ALA E 25 26.80 -47.61 11.90
CA ALA E 25 28.16 -47.97 12.32
C ALA E 25 28.92 -48.63 11.18
N PHE E 26 28.26 -49.51 10.41
CA PHE E 26 28.93 -50.15 9.28
C PHE E 26 29.32 -49.12 8.22
N ALA E 27 28.41 -48.19 7.93
CA ALA E 27 28.72 -47.13 6.96
C ALA E 27 29.86 -46.25 7.45
N HIS E 28 29.88 -45.93 8.74
CA HIS E 28 30.97 -45.13 9.30
C HIS E 28 32.29 -45.87 9.23
N LEU E 29 32.27 -47.18 9.48
CA LEU E 29 33.49 -47.98 9.34
C LEU E 29 33.99 -47.95 7.91
N LEU E 30 33.09 -48.10 6.94
CA LEU E 30 33.51 -48.03 5.53
C LEU E 30 34.09 -46.66 5.19
N VAL E 31 33.46 -45.59 5.66
CA VAL E 31 33.94 -44.25 5.35
C VAL E 31 35.29 -43.99 6.02
N TRP E 32 35.48 -44.49 7.24
CA TRP E 32 36.76 -44.32 7.91
C TRP E 32 37.86 -45.11 7.20
N ILE E 33 37.54 -46.31 6.72
CA ILE E 33 38.51 -47.08 5.94
C ILE E 33 38.88 -46.33 4.67
N TRP E 34 37.88 -45.73 4.00
CA TRP E 34 38.15 -44.98 2.79
C TRP E 34 39.02 -43.76 3.07
N ARG E 35 38.52 -42.83 3.89
CA ARG E 35 39.24 -41.62 4.28
C ARG E 35 38.93 -41.24 5.72
N PRO E 36 39.91 -41.33 6.62
CA PRO E 36 39.66 -40.90 8.00
C PRO E 36 39.43 -39.40 8.10
N TRP E 37 38.68 -39.01 9.12
CA TRP E 37 38.29 -37.61 9.31
C TRP E 37 38.95 -36.97 10.53
N VAL E 38 39.89 -37.64 11.18
CA VAL E 38 40.62 -37.07 12.29
C VAL E 38 42.03 -36.76 11.78
N PRO E 39 42.42 -35.49 11.70
CA PRO E 39 43.74 -35.16 11.16
C PRO E 39 44.84 -35.39 12.19
N GLY E 40 46.06 -35.58 11.67
CA GLY E 40 47.23 -35.67 12.50
C GLY E 40 47.72 -34.30 12.90
N PRO E 41 48.84 -34.24 13.61
CA PRO E 41 49.41 -32.93 13.97
C PRO E 41 49.70 -32.04 12.77
N ASN E 42 50.19 -32.66 11.70
CA ASN E 42 50.52 -31.91 10.49
C ASN E 42 49.41 -32.04 9.46
N GLY E 43 48.19 -31.76 9.85
CA GLY E 43 47.06 -31.93 8.96
C GLY E 43 46.84 -33.39 8.57
N TYR E 44 46.38 -33.59 7.34
CA TYR E 44 46.17 -34.93 6.82
C TYR E 44 47.41 -35.47 6.14
N TRP F 1 2.57 -55.45 11.00
CA TRP F 1 1.33 -54.83 10.57
C TRP F 1 0.91 -53.92 11.65
N ARG F 2 1.67 -53.96 12.72
CA ARG F 2 1.33 -53.16 13.87
C ARG F 2 1.45 -51.69 13.52
N ILE F 3 2.41 -51.37 12.66
CA ILE F 3 2.65 -49.98 12.28
C ILE F 3 1.44 -49.37 11.59
N TRP F 4 0.71 -50.17 10.82
CA TRP F 4 -0.40 -49.68 10.02
C TRP F 4 -1.68 -49.51 10.82
N GLN F 5 -1.73 -50.00 12.06
CA GLN F 5 -2.80 -49.67 12.98
C GLN F 5 -2.66 -48.26 13.54
N LEU F 6 -1.43 -47.78 13.69
CA LEU F 6 -1.20 -46.41 14.12
C LEU F 6 -1.26 -45.44 12.95
N PHE F 7 -0.40 -45.64 11.95
CA PHE F 7 -0.39 -44.75 10.80
C PHE F 7 -1.46 -45.15 9.79
N ASP F 8 -2.24 -44.18 9.35
CA ASP F 8 -3.22 -44.42 8.30
C ASP F 8 -2.50 -44.77 7.01
N PRO F 9 -2.89 -45.85 6.33
CA PRO F 9 -2.18 -46.24 5.10
C PRO F 9 -2.17 -45.16 4.03
N ARG F 10 -3.28 -44.45 3.85
CA ARG F 10 -3.35 -43.42 2.81
C ARG F 10 -2.38 -42.29 3.10
N GLN F 11 -2.42 -41.75 4.32
CA GLN F 11 -1.52 -40.65 4.68
C GLN F 11 -0.07 -41.09 4.63
N ALA F 12 0.22 -42.29 5.14
CA ALA F 12 1.59 -42.79 5.13
C ALA F 12 2.11 -42.92 3.70
N LEU F 13 1.31 -43.52 2.81
CA LEU F 13 1.74 -43.70 1.43
C LEU F 13 1.92 -42.35 0.72
N VAL F 14 1.01 -41.41 0.96
CA VAL F 14 1.06 -40.12 0.29
C VAL F 14 2.29 -39.35 0.75
N GLY F 15 2.59 -39.38 2.04
CA GLY F 15 3.78 -38.71 2.53
C GLY F 15 5.06 -39.36 2.05
N LEU F 16 5.10 -40.69 2.06
CA LEU F 16 6.29 -41.41 1.64
C LEU F 16 6.57 -41.18 0.15
N ALA F 17 5.54 -41.22 -0.68
CA ALA F 17 5.73 -41.00 -2.11
C ALA F 17 6.22 -39.59 -2.39
N THR F 18 5.65 -38.59 -1.71
CA THR F 18 6.10 -37.21 -1.88
C THR F 18 7.56 -37.07 -1.49
N PHE F 19 7.94 -37.62 -0.33
CA PHE F 19 9.31 -37.51 0.12
C PHE F 19 10.27 -38.21 -0.84
N LEU F 20 9.92 -39.41 -1.30
CA LEU F 20 10.80 -40.14 -2.20
C LEU F 20 10.95 -39.42 -3.54
N PHE F 21 9.85 -38.89 -4.08
CA PHE F 21 9.93 -38.17 -5.35
C PHE F 21 10.79 -36.91 -5.22
N VAL F 22 10.61 -36.16 -4.13
CA VAL F 22 11.40 -34.95 -3.94
C VAL F 22 12.88 -35.30 -3.78
N LEU F 23 13.17 -36.35 -3.01
CA LEU F 23 14.56 -36.78 -2.83
C LEU F 23 15.18 -37.22 -4.15
N ALA F 24 14.44 -37.98 -4.95
CA ALA F 24 14.98 -38.44 -6.23
C ALA F 24 15.23 -37.27 -7.17
N LEU F 25 14.30 -36.30 -7.21
CA LEU F 25 14.50 -35.11 -8.03
C LEU F 25 15.72 -34.33 -7.59
N LEU F 26 15.89 -34.17 -6.27
CA LEU F 26 17.04 -33.44 -5.76
C LEU F 26 18.35 -34.15 -6.10
N ILE F 27 18.38 -35.48 -5.95
CA ILE F 27 19.60 -36.22 -6.26
C ILE F 27 19.93 -36.13 -7.74
N HIS F 28 18.91 -36.24 -8.60
CA HIS F 28 19.15 -36.13 -10.03
C HIS F 28 19.67 -34.73 -10.40
N PHE F 29 19.11 -33.69 -9.80
CA PHE F 29 19.60 -32.34 -10.07
C PHE F 29 21.04 -32.18 -9.59
N ILE F 30 21.35 -32.73 -8.41
CA ILE F 30 22.72 -32.65 -7.89
C ILE F 30 23.68 -33.34 -8.84
N LEU F 31 23.30 -34.51 -9.35
CA LEU F 31 24.14 -35.22 -10.31
C LEU F 31 24.32 -34.40 -11.59
N LEU F 32 23.25 -33.77 -12.06
CA LEU F 32 23.34 -32.95 -13.26
C LEU F 32 24.23 -31.73 -13.04
N SER F 33 24.35 -31.27 -11.79
CA SER F 33 25.19 -30.12 -11.47
C SER F 33 26.63 -30.52 -11.19
N THR F 34 27.05 -31.73 -11.56
CA THR F 34 28.42 -32.17 -11.40
C THR F 34 29.02 -32.50 -12.76
N GLU F 35 30.32 -32.24 -12.91
CA GLU F 35 30.99 -32.50 -14.18
C GLU F 35 31.08 -33.99 -14.46
N ARG F 36 31.37 -34.80 -13.44
CA ARG F 36 31.65 -36.21 -13.68
C ARG F 36 30.38 -36.99 -14.02
N PHE F 37 29.29 -36.73 -13.30
CA PHE F 37 28.09 -37.56 -13.39
C PHE F 37 27.01 -36.95 -14.26
N ASN F 38 27.30 -35.88 -15.00
CA ASN F 38 26.32 -35.31 -15.91
C ASN F 38 26.28 -36.17 -17.18
N TRP F 39 25.20 -36.94 -17.34
CA TRP F 39 25.07 -37.82 -18.49
C TRP F 39 24.63 -37.10 -19.75
N LEU F 40 23.91 -35.98 -19.62
CA LEU F 40 23.45 -35.22 -20.78
C LEU F 40 24.54 -34.33 -21.38
N GLU F 41 25.60 -34.06 -20.64
CA GLU F 41 26.72 -33.25 -21.10
C GLU F 41 28.03 -33.94 -20.77
N GLY F 42 28.10 -35.23 -21.09
CA GLY F 42 29.19 -36.09 -20.66
C GLY F 42 30.58 -35.63 -21.04
N ALA F 43 31.48 -35.61 -20.06
CA ALA F 43 32.88 -35.29 -20.24
C ALA F 43 33.73 -36.51 -19.94
N SER F 44 35.05 -36.35 -20.05
CA SER F 44 35.97 -37.44 -19.77
C SER F 44 36.08 -37.67 -18.27
N THR F 45 36.40 -38.91 -17.91
CA THR F 45 36.57 -39.28 -16.51
C THR F 45 37.89 -38.75 -15.96
N ILE G 1 -9.08 -49.74 10.62
CA ILE G 1 -8.32 -50.77 9.93
C ILE G 1 -8.33 -52.07 10.74
N THR G 2 -8.87 -53.12 10.15
CA THR G 2 -8.94 -54.41 10.82
C THR G 2 -7.57 -55.08 10.84
N GLU G 3 -7.45 -56.12 11.66
CA GLU G 3 -6.19 -56.85 11.76
C GLU G 3 -5.82 -57.51 10.44
N GLY G 4 -6.80 -58.14 9.79
CA GLY G 4 -6.52 -58.76 8.50
C GLY G 4 -6.16 -57.76 7.42
N GLU G 5 -6.86 -56.63 7.39
CA GLU G 5 -6.54 -55.58 6.42
C GLU G 5 -5.14 -55.04 6.68
N ALA G 6 -4.78 -54.82 7.94
CA ALA G 6 -3.43 -54.37 8.27
C ALA G 6 -2.39 -55.39 7.84
N LYS G 7 -2.66 -56.67 8.06
CA LYS G 7 -1.71 -57.71 7.67
C LYS G 7 -1.52 -57.77 6.17
N GLU G 8 -2.62 -57.68 5.42
CA GLU G 8 -2.53 -57.73 3.96
C GLU G 8 -1.84 -56.49 3.41
N PHE G 9 -2.11 -55.33 3.99
CA PHE G 9 -1.43 -54.12 3.57
C PHE G 9 0.05 -54.18 3.89
N HIS G 10 0.41 -54.77 5.04
CA HIS G 10 1.81 -54.96 5.38
C HIS G 10 2.50 -55.89 4.39
N LYS G 11 1.82 -56.96 3.99
CA LYS G 11 2.39 -57.88 3.00
C LYS G 11 2.64 -57.17 1.67
N ILE G 12 1.64 -56.43 1.19
CA ILE G 12 1.80 -55.72 -0.08
C ILE G 12 2.89 -54.67 0.02
N PHE G 13 2.94 -53.95 1.15
CA PHE G 13 3.97 -52.94 1.37
C PHE G 13 5.36 -53.56 1.37
N THR G 14 5.51 -54.70 2.03
CA THR G 14 6.81 -55.36 2.06
C THR G 14 7.23 -55.81 0.66
N SER G 15 6.30 -56.41 -0.09
CA SER G 15 6.64 -56.85 -1.43
C SER G 15 7.03 -55.67 -2.32
N SER G 16 6.26 -54.58 -2.25
CA SER G 16 6.53 -53.42 -3.08
C SER G 16 7.85 -52.76 -2.70
N ILE G 17 8.14 -52.65 -1.41
CA ILE G 17 9.39 -52.02 -0.99
C ILE G 17 10.58 -52.90 -1.36
N LEU G 18 10.43 -54.23 -1.28
CA LEU G 18 11.51 -55.11 -1.72
C LEU G 18 11.76 -54.96 -3.22
N VAL G 19 10.70 -54.88 -4.02
CA VAL G 19 10.87 -54.69 -5.45
C VAL G 19 11.54 -53.35 -5.74
N PHE G 20 11.11 -52.30 -5.04
CA PHE G 20 11.68 -50.98 -5.23
C PHE G 20 13.16 -50.96 -4.87
N PHE G 21 13.53 -51.59 -3.75
CA PHE G 21 14.93 -51.63 -3.36
C PHE G 21 15.75 -52.47 -4.32
N GLY G 22 15.20 -53.56 -4.85
CA GLY G 22 15.91 -54.33 -5.85
C GLY G 22 16.18 -53.55 -7.11
N VAL G 23 15.17 -52.80 -7.58
CA VAL G 23 15.36 -51.98 -8.78
C VAL G 23 16.40 -50.90 -8.52
N ALA G 24 16.33 -50.26 -7.34
CA ALA G 24 17.31 -49.23 -6.99
C ALA G 24 18.71 -49.81 -6.92
N ALA G 25 18.85 -51.01 -6.34
CA ALA G 25 20.16 -51.65 -6.25
C ALA G 25 20.71 -51.99 -7.63
N PHE G 26 19.86 -52.48 -8.53
CA PHE G 26 20.31 -52.77 -9.89
C PHE G 26 20.75 -51.49 -10.60
N ALA G 27 19.99 -50.41 -10.44
CA ALA G 27 20.38 -49.14 -11.04
C ALA G 27 21.70 -48.64 -10.47
N HIS G 28 21.88 -48.77 -9.16
CA HIS G 28 23.13 -48.34 -8.54
C HIS G 28 24.31 -49.19 -9.02
N LEU G 29 24.10 -50.50 -9.19
CA LEU G 29 25.15 -51.35 -9.72
C LEU G 29 25.53 -50.95 -11.13
N LEU G 30 24.54 -50.64 -11.97
CA LEU G 30 24.82 -50.18 -13.32
C LEU G 30 25.60 -48.87 -13.31
N VAL G 31 25.19 -47.94 -12.43
CA VAL G 31 25.87 -46.65 -12.36
C VAL G 31 27.30 -46.81 -11.85
N TRP G 32 27.51 -47.72 -10.89
CA TRP G 32 28.86 -47.96 -10.38
C TRP G 32 29.74 -48.60 -11.45
N ILE G 33 29.18 -49.51 -12.24
CA ILE G 33 29.93 -50.11 -13.34
C ILE G 33 30.31 -49.03 -14.35
N TRP G 34 29.38 -48.13 -14.67
CA TRP G 34 29.65 -47.07 -15.62
C TRP G 34 30.73 -46.11 -15.10
N ARG G 35 30.55 -45.59 -13.88
CA ARG G 35 31.47 -44.64 -13.28
C ARG G 35 31.37 -44.71 -11.76
N PRO G 36 32.39 -45.24 -11.08
CA PRO G 36 32.34 -45.28 -9.61
C PRO G 36 32.35 -43.89 -9.01
N TRP G 37 31.73 -43.77 -7.82
CA TRP G 37 31.56 -42.49 -7.17
C TRP G 37 32.31 -42.39 -5.85
N VAL G 38 33.35 -43.20 -5.66
CA VAL G 38 34.20 -43.09 -4.48
C VAL G 38 35.64 -42.82 -4.94
N PRO G 39 36.14 -41.60 -4.79
CA PRO G 39 37.48 -41.29 -5.28
C PRO G 39 38.56 -42.03 -4.51
N GLY G 40 39.67 -42.28 -5.20
CA GLY G 40 40.81 -42.93 -4.60
C GLY G 40 41.77 -41.94 -3.99
N PRO G 41 42.97 -42.41 -3.61
CA PRO G 41 43.96 -41.48 -3.02
C PRO G 41 44.34 -40.34 -3.94
N ASN G 42 44.39 -40.58 -5.25
CA ASN G 42 44.75 -39.54 -6.22
C ASN G 42 43.55 -39.03 -6.99
N GLY G 43 42.35 -39.13 -6.42
CA GLY G 43 41.16 -38.65 -7.09
C GLY G 43 40.74 -39.55 -8.24
N TYR G 44 39.84 -39.01 -9.05
CA TYR G 44 39.34 -39.73 -10.21
C TYR G 44 40.34 -39.69 -11.36
N TRP H 1 -8.96 -52.54 -8.12
CA TRP H 1 -9.51 -52.12 -6.84
C TRP H 1 -8.40 -52.01 -5.79
N ARG H 2 -7.25 -52.59 -6.09
CA ARG H 2 -6.13 -52.61 -5.16
C ARG H 2 -5.79 -51.24 -4.61
N ILE H 3 -5.65 -50.28 -5.51
CA ILE H 3 -5.29 -48.92 -5.13
C ILE H 3 -6.41 -47.93 -5.37
N TRP H 4 -7.47 -48.32 -6.07
CA TRP H 4 -8.62 -47.47 -6.29
C TRP H 4 -9.68 -47.62 -5.22
N GLN H 5 -9.49 -48.54 -4.27
CA GLN H 5 -10.39 -48.62 -3.12
C GLN H 5 -10.30 -47.37 -2.27
N LEU H 6 -9.09 -46.83 -2.13
CA LEU H 6 -8.85 -45.67 -1.29
C LEU H 6 -8.91 -44.37 -2.07
N PHE H 7 -8.10 -44.23 -3.12
CA PHE H 7 -7.96 -42.98 -3.83
C PHE H 7 -9.13 -42.76 -4.79
N ASP H 8 -9.61 -41.52 -4.86
CA ASP H 8 -10.68 -41.14 -5.77
C ASP H 8 -10.22 -41.31 -7.22
N PRO H 9 -11.01 -41.96 -8.07
CA PRO H 9 -10.58 -42.14 -9.47
C PRO H 9 -10.33 -40.85 -10.21
N ARG H 10 -11.25 -39.88 -10.13
CA ARG H 10 -11.09 -38.63 -10.86
C ARG H 10 -9.86 -37.86 -10.38
N GLN H 11 -9.70 -37.76 -9.05
CA GLN H 11 -8.55 -37.06 -8.49
C GLN H 11 -7.25 -37.74 -8.86
N ALA H 12 -7.22 -39.07 -8.80
CA ALA H 12 -6.01 -39.80 -9.17
C ALA H 12 -5.66 -39.57 -10.64
N LEU H 13 -6.65 -39.64 -11.52
CA LEU H 13 -6.40 -39.42 -12.94
C LEU H 13 -5.90 -38.01 -13.21
N VAL H 14 -6.53 -37.01 -12.59
CA VAL H 14 -6.14 -35.62 -12.83
C VAL H 14 -4.72 -35.38 -12.31
N GLY H 15 -4.44 -35.85 -11.10
CA GLY H 15 -3.11 -35.66 -10.54
C GLY H 15 -2.03 -36.37 -11.35
N LEU H 16 -2.32 -37.59 -11.78
CA LEU H 16 -1.34 -38.33 -12.58
C LEU H 16 -1.10 -37.66 -13.92
N ALA H 17 -2.16 -37.19 -14.58
CA ALA H 17 -1.99 -36.52 -15.86
C ALA H 17 -1.18 -35.24 -15.71
N THR H 18 -1.51 -34.43 -14.70
CA THR H 18 -0.77 -33.19 -14.47
C THR H 18 0.69 -33.47 -14.15
N PHE H 19 0.95 -34.44 -13.28
CA PHE H 19 2.32 -34.77 -12.93
C PHE H 19 3.12 -35.26 -14.13
N LEU H 20 2.51 -36.13 -14.95
CA LEU H 20 3.21 -36.63 -16.12
C LEU H 20 3.50 -35.52 -17.11
N PHE H 21 2.53 -34.63 -17.33
CA PHE H 21 2.78 -33.51 -18.24
C PHE H 21 3.89 -32.60 -17.73
N VAL H 22 3.86 -32.29 -16.43
CA VAL H 22 4.89 -31.41 -15.88
C VAL H 22 6.26 -32.06 -15.96
N LEU H 23 6.34 -33.36 -15.65
CA LEU H 23 7.62 -34.07 -15.75
C LEU H 23 8.13 -34.10 -17.18
N ALA H 24 7.25 -34.36 -18.15
CA ALA H 24 7.66 -34.36 -19.55
C ALA H 24 8.15 -32.99 -19.98
N LEU H 25 7.44 -31.94 -19.59
CA LEU H 25 7.86 -30.59 -19.93
C LEU H 25 9.22 -30.26 -19.32
N LEU H 26 9.43 -30.65 -18.06
CA LEU H 26 10.72 -30.39 -17.41
C LEU H 26 11.84 -31.14 -18.10
N ILE H 27 11.62 -32.41 -18.46
CA ILE H 27 12.66 -33.19 -19.11
C ILE H 27 12.97 -32.61 -20.49
N HIS H 28 11.93 -32.20 -21.24
CA HIS H 28 12.16 -31.60 -22.54
C HIS H 28 12.93 -30.28 -22.44
N PHE H 29 12.60 -29.46 -21.44
CA PHE H 29 13.33 -28.21 -21.23
C PHE H 29 14.79 -28.49 -20.88
N ILE H 30 15.03 -29.48 -20.02
CA ILE H 30 16.39 -29.82 -19.64
C ILE H 30 17.18 -30.30 -20.86
N LEU H 31 16.55 -31.09 -21.71
CA LEU H 31 17.21 -31.53 -22.95
C LEU H 31 17.51 -30.34 -23.85
N LEU H 32 16.56 -29.41 -23.98
CA LEU H 32 16.78 -28.23 -24.81
C LEU H 32 17.91 -27.37 -24.26
N SER H 33 18.16 -27.43 -22.96
CA SER H 33 19.23 -26.65 -22.35
C SER H 33 20.61 -27.26 -22.50
N THR H 34 20.72 -28.40 -23.16
CA THR H 34 22.00 -29.07 -23.37
C THR H 34 22.40 -28.97 -24.84
N GLU H 35 23.71 -28.95 -25.09
CA GLU H 35 24.21 -28.82 -26.45
C GLU H 35 23.96 -30.08 -27.27
N ARG H 36 24.14 -31.25 -26.66
CA ARG H 36 24.08 -32.49 -27.41
C ARG H 36 22.66 -32.85 -27.84
N PHE H 37 21.70 -32.70 -26.93
CA PHE H 37 20.34 -33.18 -27.16
C PHE H 37 19.37 -32.08 -27.57
N ASN H 38 19.86 -30.89 -27.87
CA ASN H 38 19.01 -29.82 -28.39
C ASN H 38 18.73 -30.12 -29.87
N TRP H 39 17.57 -30.68 -30.15
CA TRP H 39 17.21 -31.05 -31.51
C TRP H 39 16.87 -29.85 -32.38
N LEU H 40 16.66 -28.67 -31.79
CA LEU H 40 16.34 -27.49 -32.57
C LEU H 40 17.58 -26.83 -33.14
N GLU H 41 18.57 -26.56 -32.29
CA GLU H 41 19.84 -26.02 -32.78
C GLU H 41 20.65 -27.07 -33.51
N GLY H 42 20.67 -28.30 -32.99
CA GLY H 42 21.32 -29.40 -33.67
C GLY H 42 22.82 -29.26 -33.84
N ALA H 43 23.52 -28.99 -32.74
CA ALA H 43 24.98 -28.91 -32.80
C ALA H 43 25.58 -30.28 -33.10
N SER H 44 26.82 -30.26 -33.58
CA SER H 44 27.49 -31.49 -33.98
C SER H 44 27.85 -32.34 -32.76
N THR H 45 28.07 -33.62 -33.01
CA THR H 45 28.45 -34.56 -31.95
C THR H 45 29.95 -34.48 -31.65
N ILE I 1 -16.26 -46.35 -7.36
CA ILE I 1 -16.97 -46.22 -6.09
C ILE I 1 -17.43 -47.60 -5.61
N THR I 2 -18.04 -48.35 -6.51
CA THR I 2 -18.47 -49.71 -6.22
C THR I 2 -17.47 -50.71 -6.78
N GLU I 3 -17.72 -52.00 -6.54
CA GLU I 3 -16.76 -53.03 -6.93
C GLU I 3 -16.64 -53.15 -8.44
N GLY I 4 -17.78 -53.18 -9.15
CA GLY I 4 -17.74 -53.25 -10.59
C GLY I 4 -17.09 -52.05 -11.23
N GLU I 5 -17.41 -50.85 -10.71
CA GLU I 5 -16.78 -49.64 -11.22
C GLU I 5 -15.28 -49.64 -10.98
N ALA I 6 -14.85 -50.10 -9.80
CA ALA I 6 -13.42 -50.21 -9.53
C ALA I 6 -12.74 -51.20 -10.45
N LYS I 7 -13.43 -52.28 -10.78
CA LYS I 7 -12.84 -53.28 -11.67
C LYS I 7 -12.70 -52.73 -13.06
N GLU I 8 -13.71 -52.01 -13.53
CA GLU I 8 -13.63 -51.40 -14.86
C GLU I 8 -12.53 -50.34 -14.91
N PHE I 9 -12.43 -49.53 -13.85
CA PHE I 9 -11.40 -48.50 -13.79
C PHE I 9 -10.01 -49.13 -13.80
N HIS I 10 -9.82 -50.20 -13.03
CA HIS I 10 -8.52 -50.86 -13.02
C HIS I 10 -8.17 -51.44 -14.38
N LYS I 11 -9.14 -52.06 -15.06
CA LYS I 11 -8.88 -52.61 -16.38
C LYS I 11 -8.47 -51.52 -17.36
N ILE I 12 -9.24 -50.44 -17.42
CA ILE I 12 -8.94 -49.38 -18.39
C ILE I 12 -7.63 -48.68 -18.03
N PHE I 13 -7.37 -48.49 -16.73
CA PHE I 13 -6.12 -47.89 -16.29
C PHE I 13 -4.93 -48.75 -16.68
N THR I 14 -5.04 -50.06 -16.50
CA THR I 14 -3.96 -50.96 -16.90
C THR I 14 -3.71 -50.87 -18.39
N SER I 15 -4.78 -50.89 -19.19
CA SER I 15 -4.61 -50.79 -20.64
C SER I 15 -3.94 -49.48 -21.03
N SER I 16 -4.40 -48.36 -20.47
CA SER I 16 -3.85 -47.05 -20.83
C SER I 16 -2.41 -46.90 -20.38
N ILE I 17 -2.07 -47.37 -19.16
CA ILE I 17 -0.69 -47.25 -18.71
C ILE I 17 0.23 -48.16 -19.52
N LEU I 18 -0.28 -49.26 -20.04
CA LEU I 18 0.54 -50.15 -20.83
C LEU I 18 0.78 -49.53 -22.18
N VAL I 19 -0.22 -48.87 -22.73
CA VAL I 19 -0.01 -48.16 -23.99
C VAL I 19 0.98 -47.01 -23.81
N PHE I 20 0.83 -46.25 -22.72
CA PHE I 20 1.74 -45.13 -22.45
C PHE I 20 3.17 -45.60 -22.31
N PHE I 21 3.38 -46.67 -21.53
CA PHE I 21 4.73 -47.17 -21.31
C PHE I 21 5.32 -47.77 -22.59
N GLY I 22 4.50 -48.44 -23.40
CA GLY I 22 5.01 -48.94 -24.66
C GLY I 22 5.44 -47.83 -25.61
N VAL I 23 4.63 -46.77 -25.70
CA VAL I 23 5.00 -45.64 -26.56
C VAL I 23 6.25 -44.96 -26.04
N ALA I 24 6.35 -44.81 -24.70
CA ALA I 24 7.54 -44.20 -24.12
C ALA I 24 8.78 -45.04 -24.39
N ALA I 25 8.65 -46.37 -24.27
CA ALA I 25 9.78 -47.25 -24.54
C ALA I 25 10.21 -47.16 -25.99
N PHE I 26 9.25 -47.10 -26.92
CA PHE I 26 9.57 -46.96 -28.33
C PHE I 26 10.30 -45.64 -28.59
N ALA I 27 9.81 -44.56 -28.00
CA ALA I 27 10.46 -43.26 -28.18
C ALA I 27 11.87 -43.26 -27.61
N HIS I 28 12.05 -43.88 -26.43
CA HIS I 28 13.38 -43.95 -25.83
C HIS I 28 14.33 -44.78 -26.66
N LEU I 29 13.84 -45.88 -27.24
CA LEU I 29 14.68 -46.69 -28.13
C LEU I 29 15.09 -45.88 -29.35
N LEU I 30 14.16 -45.14 -29.94
CA LEU I 30 14.51 -44.31 -31.09
C LEU I 30 15.54 -43.25 -30.71
N VAL I 31 15.38 -42.62 -29.55
CA VAL I 31 16.32 -41.60 -29.11
C VAL I 31 17.69 -42.23 -28.87
N TRP I 32 17.73 -43.45 -28.33
CA TRP I 32 19.01 -44.11 -28.09
C TRP I 32 19.70 -44.45 -29.41
N ILE I 33 18.94 -44.91 -30.41
CA ILE I 33 19.54 -45.17 -31.71
C ILE I 33 20.08 -43.88 -32.31
N TRP I 34 19.34 -42.78 -32.16
CA TRP I 34 19.79 -41.50 -32.69
C TRP I 34 21.09 -41.06 -32.00
N ARG I 35 21.03 -40.85 -30.69
CA ARG I 35 22.19 -40.45 -29.89
C ARG I 35 22.11 -41.05 -28.50
N PRO I 36 23.01 -41.96 -28.15
CA PRO I 36 23.01 -42.51 -26.78
C PRO I 36 23.32 -41.44 -25.75
N TRP I 37 22.79 -41.62 -24.54
CA TRP I 37 22.93 -40.64 -23.47
C TRP I 37 23.79 -41.15 -22.32
N VAL I 38 24.62 -42.15 -22.56
CA VAL I 38 25.55 -42.67 -21.55
C VAL I 38 26.97 -42.46 -22.07
N PRO I 39 27.69 -41.47 -21.57
CA PRO I 39 29.03 -41.18 -22.08
C PRO I 39 30.02 -42.29 -21.72
N GLY I 40 31.04 -42.41 -22.57
CA GLY I 40 32.09 -43.38 -22.34
C GLY I 40 33.23 -42.82 -21.51
N PRO I 41 34.31 -43.58 -21.37
CA PRO I 41 35.47 -43.08 -20.61
C PRO I 41 36.05 -41.79 -21.18
N ASN I 42 36.01 -41.62 -22.49
CA ASN I 42 36.55 -40.41 -23.09
C ASN I 42 35.46 -39.39 -23.28
N GLY I 43 34.20 -39.81 -23.21
CA GLY I 43 33.10 -38.91 -23.46
C GLY I 43 32.34 -39.26 -24.72
N TYR I 44 31.71 -38.24 -25.30
CA TYR I 44 30.92 -38.44 -26.51
C TYR I 44 31.77 -38.24 -27.76
N TRP J 1 -29.71 46.93 4.94
CA TRP J 1 -29.78 46.60 6.36
C TRP J 1 -30.25 45.17 6.61
N ARG J 2 -31.34 44.78 5.92
CA ARG J 2 -31.90 43.43 6.05
C ARG J 2 -30.94 42.40 5.53
N ILE J 3 -29.96 42.78 4.74
CA ILE J 3 -28.90 41.88 4.32
C ILE J 3 -28.29 41.10 5.49
N TRP J 4 -28.35 41.66 6.70
CA TRP J 4 -27.93 40.91 7.89
C TRP J 4 -29.02 40.00 8.42
N GLN J 5 -30.15 39.95 7.76
CA GLN J 5 -31.16 38.98 8.12
C GLN J 5 -30.95 37.87 7.08
N LEU J 6 -30.74 38.22 5.80
CA LEU J 6 -30.40 37.16 4.84
C LEU J 6 -29.05 36.52 5.07
N PHE J 7 -28.16 37.20 5.79
CA PHE J 7 -26.78 36.72 6.02
C PHE J 7 -26.54 36.71 7.53
N ASP J 8 -26.17 35.56 8.06
CA ASP J 8 -25.94 35.46 9.49
C ASP J 8 -24.73 36.31 9.89
N PRO J 9 -24.86 37.19 10.88
CA PRO J 9 -23.71 38.01 11.29
C PRO J 9 -22.47 37.20 11.64
N ARG J 10 -22.63 36.16 12.46
CA ARG J 10 -21.47 35.39 12.92
C ARG J 10 -20.81 34.64 11.76
N GLN J 11 -21.62 33.92 11.00
CA GLN J 11 -21.07 33.11 9.92
C GLN J 11 -20.46 33.98 8.84
N ALA J 12 -21.01 35.16 8.62
CA ALA J 12 -20.42 36.06 7.65
C ALA J 12 -19.13 36.69 8.17
N LEU J 13 -19.12 37.12 9.42
CA LEU J 13 -17.95 37.77 9.99
C LEU J 13 -16.76 36.83 10.13
N VAL J 14 -16.99 35.57 10.52
CA VAL J 14 -15.88 34.63 10.64
C VAL J 14 -15.22 34.40 9.29
N GLY J 15 -16.04 34.15 8.26
CA GLY J 15 -15.48 33.96 6.93
C GLY J 15 -14.78 35.19 6.40
N LEU J 16 -15.38 36.37 6.62
CA LEU J 16 -14.75 37.61 6.17
C LEU J 16 -13.41 37.83 6.86
N ALA J 17 -13.35 37.59 8.17
CA ALA J 17 -12.11 37.80 8.90
C ALA J 17 -11.03 36.81 8.44
N THR J 18 -11.40 35.54 8.24
CA THR J 18 -10.43 34.57 7.77
C THR J 18 -9.92 34.94 6.38
N PHE J 19 -10.82 35.34 5.48
CA PHE J 19 -10.42 35.73 4.14
C PHE J 19 -9.50 36.93 4.17
N LEU J 20 -9.83 37.94 4.98
CA LEU J 20 -9.00 39.13 5.06
C LEU J 20 -7.63 38.81 5.63
N PHE J 21 -7.57 37.96 6.67
CA PHE J 21 -6.28 37.59 7.24
C PHE J 21 -5.42 36.85 6.22
N VAL J 22 -6.01 35.90 5.50
CA VAL J 22 -5.23 35.15 4.52
C VAL J 22 -4.75 36.07 3.40
N LEU J 23 -5.62 36.97 2.93
CA LEU J 23 -5.22 37.89 1.88
C LEU J 23 -4.10 38.82 2.33
N ALA J 24 -4.19 39.34 3.57
CA ALA J 24 -3.16 40.22 4.08
C ALA J 24 -1.83 39.48 4.24
N LEU J 25 -1.88 38.24 4.73
CA LEU J 25 -0.65 37.45 4.85
C LEU J 25 -0.03 37.19 3.48
N LEU J 26 -0.87 36.86 2.50
CA LEU J 26 -0.36 36.62 1.15
C LEU J 26 0.29 37.88 0.58
N ILE J 27 -0.35 39.04 0.75
CA ILE J 27 0.21 40.28 0.23
C ILE J 27 1.52 40.62 0.93
N HIS J 28 1.57 40.42 2.26
CA HIS J 28 2.80 40.71 3.00
C HIS J 28 3.94 39.80 2.55
N PHE J 29 3.64 38.51 2.32
CA PHE J 29 4.67 37.61 1.83
C PHE J 29 5.13 37.97 0.44
N ILE J 30 4.20 38.38 -0.43
CA ILE J 30 4.57 38.82 -1.77
C ILE J 30 5.48 40.03 -1.70
N LEU J 31 5.18 40.97 -0.79
CA LEU J 31 6.06 42.12 -0.61
C LEU J 31 7.43 41.70 -0.11
N LEU J 32 7.48 40.77 0.85
CA LEU J 32 8.76 40.27 1.34
C LEU J 32 9.56 39.60 0.23
N SER J 33 8.87 39.05 -0.77
CA SER J 33 9.58 38.43 -1.89
C SER J 33 10.40 39.44 -2.67
N THR J 34 9.87 40.64 -2.89
CA THR J 34 10.51 41.64 -3.74
C THR J 34 11.74 42.22 -3.03
N GLU J 35 12.42 43.12 -3.74
CA GLU J 35 13.59 43.81 -3.22
C GLU J 35 13.32 45.25 -2.81
N ARG J 36 12.40 45.92 -3.50
CA ARG J 36 12.10 47.31 -3.19
C ARG J 36 11.33 47.45 -1.89
N PHE J 37 10.36 46.56 -1.65
CA PHE J 37 9.46 46.66 -0.52
C PHE J 37 9.78 45.67 0.59
N ASN J 38 10.98 45.08 0.58
CA ASN J 38 11.42 44.21 1.65
C ASN J 38 11.93 45.08 2.79
N TRP J 39 11.04 45.44 3.72
CA TRP J 39 11.39 46.38 4.78
C TRP J 39 12.35 45.77 5.79
N LEU J 40 12.46 44.45 5.86
CA LEU J 40 13.36 43.82 6.81
C LEU J 40 14.81 43.87 6.30
N GLU J 41 15.07 43.27 5.15
CA GLU J 41 16.39 43.37 4.53
C GLU J 41 16.33 44.51 3.56
N GLY J 42 16.27 45.72 4.05
CA GLY J 42 16.14 46.92 3.25
C GLY J 42 17.28 47.16 2.28
N ALA J 43 16.96 47.27 1.01
CA ALA J 43 17.95 47.49 -0.04
C ALA J 43 17.88 48.93 -0.53
N SER J 44 19.01 49.42 -1.05
CA SER J 44 19.08 50.77 -1.56
C SER J 44 18.24 50.93 -2.82
N THR J 45 17.63 52.08 -2.96
CA THR J 45 16.78 52.37 -4.11
C THR J 45 17.62 52.57 -5.38
N TRP K 1 -15.53 -45.10 -22.53
CA TRP K 1 -16.56 -44.07 -22.57
C TRP K 1 -16.99 -43.65 -21.17
N ARG K 2 -16.55 -44.43 -20.19
CA ARG K 2 -16.90 -44.14 -18.82
C ARG K 2 -16.13 -42.96 -18.29
N ILE K 3 -15.06 -42.57 -18.96
CA ILE K 3 -14.31 -41.37 -18.57
C ILE K 3 -15.21 -40.15 -18.68
N TRP K 4 -16.23 -40.19 -19.53
CA TRP K 4 -17.17 -39.09 -19.64
C TRP K 4 -18.26 -39.14 -18.58
N GLN K 5 -18.45 -40.29 -17.92
CA GLN K 5 -19.19 -40.31 -16.67
C GLN K 5 -18.34 -39.80 -15.51
N LEU K 6 -17.02 -39.99 -15.58
CA LEU K 6 -16.14 -39.47 -14.54
C LEU K 6 -15.99 -37.95 -14.63
N PHE K 7 -15.84 -37.41 -15.84
CA PHE K 7 -15.57 -36.01 -16.05
C PHE K 7 -16.69 -35.36 -16.85
N ASP K 8 -16.98 -34.11 -16.53
CA ASP K 8 -17.99 -33.35 -17.27
C ASP K 8 -17.49 -33.10 -18.68
N PRO K 9 -18.22 -33.50 -19.72
CA PRO K 9 -17.74 -33.29 -21.09
C PRO K 9 -17.48 -31.82 -21.43
N ARG K 10 -18.31 -30.91 -20.93
CA ARG K 10 -18.11 -29.49 -21.23
C ARG K 10 -16.81 -28.98 -20.63
N GLN K 11 -16.58 -29.31 -19.35
CA GLN K 11 -15.33 -28.91 -18.70
C GLN K 11 -14.12 -29.55 -19.36
N ALA K 12 -14.24 -30.82 -19.74
CA ALA K 12 -13.14 -31.50 -20.42
C ALA K 12 -12.82 -30.81 -21.74
N LEU K 13 -13.84 -30.47 -22.53
CA LEU K 13 -13.61 -29.81 -23.81
C LEU K 13 -12.99 -28.43 -23.61
N VAL K 14 -13.49 -27.65 -22.64
CA VAL K 14 -12.94 -26.31 -22.42
C VAL K 14 -11.47 -26.40 -21.99
N GLY K 15 -11.18 -27.28 -21.03
CA GLY K 15 -9.80 -27.43 -20.59
C GLY K 15 -8.88 -27.92 -21.69
N LEU K 16 -9.34 -28.86 -22.51
CA LEU K 16 -8.51 -29.34 -23.60
C LEU K 16 -8.26 -28.20 -24.55
N ALA K 17 -9.30 -27.48 -24.96
CA ALA K 17 -9.09 -26.41 -25.92
C ALA K 17 -8.07 -25.40 -25.40
N THR K 18 -8.22 -24.98 -24.13
CA THR K 18 -7.28 -24.01 -23.57
C THR K 18 -5.86 -24.58 -23.53
N PHE K 19 -5.71 -25.82 -23.05
CA PHE K 19 -4.39 -26.42 -22.94
C PHE K 19 -3.74 -26.59 -24.30
N LEU K 20 -4.51 -27.08 -25.29
CA LEU K 20 -3.95 -27.28 -26.63
C LEU K 20 -3.56 -25.96 -27.27
N PHE K 21 -4.38 -24.93 -27.13
CA PHE K 21 -4.03 -23.64 -27.71
C PHE K 21 -2.77 -23.08 -27.05
N VAL K 22 -2.67 -23.17 -25.72
CA VAL K 22 -1.48 -22.65 -25.04
C VAL K 22 -0.24 -23.42 -25.46
N LEU K 23 -0.36 -24.75 -25.57
CA LEU K 23 0.78 -25.57 -25.99
C LEU K 23 1.21 -25.24 -27.41
N ALA K 24 0.24 -25.08 -28.32
CA ALA K 24 0.58 -24.74 -29.70
C ALA K 24 1.24 -23.37 -29.78
N LEU K 25 0.73 -22.40 -29.03
CA LEU K 25 1.33 -21.07 -29.01
C LEU K 25 2.75 -21.12 -28.46
N LEU K 26 2.97 -21.90 -27.40
CA LEU K 26 4.31 -22.01 -26.83
C LEU K 26 5.27 -22.66 -27.81
N ILE K 27 4.85 -23.71 -28.50
CA ILE K 27 5.73 -24.38 -29.46
C ILE K 27 6.03 -23.46 -30.63
N HIS K 28 5.04 -22.72 -31.10
CA HIS K 28 5.27 -21.78 -32.19
C HIS K 28 6.24 -20.68 -31.78
N PHE K 29 6.11 -20.16 -30.55
CA PHE K 29 7.05 -19.15 -30.08
C PHE K 29 8.45 -19.72 -29.94
N ILE K 30 8.57 -20.97 -29.49
CA ILE K 30 9.88 -21.62 -29.42
C ILE K 30 10.50 -21.71 -30.81
N LEU K 31 9.71 -22.13 -31.81
CA LEU K 31 10.22 -22.23 -33.17
C LEU K 31 10.64 -20.87 -33.70
N LEU K 32 9.86 -19.83 -33.40
CA LEU K 32 10.25 -18.48 -33.79
C LEU K 32 11.57 -18.09 -33.14
N SER K 33 11.77 -18.47 -31.87
CA SER K 33 13.03 -18.18 -31.19
C SER K 33 14.19 -18.88 -31.86
N THR K 34 14.02 -20.13 -32.28
CA THR K 34 15.10 -20.86 -32.93
C THR K 34 15.42 -20.25 -34.29
N GLU K 35 16.70 -20.32 -34.66
CA GLU K 35 17.16 -19.73 -35.91
C GLU K 35 16.80 -20.59 -37.12
N ARG K 36 16.85 -21.91 -36.97
CA ARG K 36 16.63 -22.79 -38.12
C ARG K 36 15.18 -22.78 -38.58
N PHE K 37 14.24 -22.76 -37.63
CA PHE K 37 12.83 -22.93 -37.94
C PHE K 37 12.04 -21.62 -37.92
N ASN K 38 12.72 -20.48 -37.83
CA ASN K 38 12.05 -19.19 -37.91
C ASN K 38 11.68 -18.93 -39.37
N TRP K 39 10.44 -19.26 -39.73
CA TRP K 39 10.00 -19.09 -41.11
C TRP K 39 9.83 -17.64 -41.50
N LEU K 40 9.65 -16.75 -40.53
CA LEU K 40 9.48 -15.33 -40.85
C LEU K 40 10.80 -14.66 -41.19
N GLU K 41 11.91 -15.17 -40.73
CA GLU K 41 13.20 -14.61 -41.07
C GLU K 41 13.84 -15.42 -42.17
N GLY K 42 13.69 -16.74 -42.14
CA GLY K 42 14.23 -17.57 -43.19
C GLY K 42 15.74 -17.64 -43.25
N ALA K 43 16.39 -17.84 -42.10
CA ALA K 43 17.84 -17.99 -42.08
C ALA K 43 18.26 -19.20 -42.90
N SER K 44 19.28 -19.03 -43.71
CA SER K 44 19.75 -20.10 -44.58
C SER K 44 20.39 -21.22 -43.76
N THR K 45 20.29 -22.44 -44.30
CA THR K 45 20.87 -23.60 -43.64
C THR K 45 22.32 -23.83 -44.09
N TRP L 1 -23.57 -31.37 -34.02
CA TRP L 1 -24.35 -30.17 -33.72
C TRP L 1 -24.75 -30.12 -32.25
N ARG L 2 -24.44 -31.19 -31.50
CA ARG L 2 -24.73 -31.24 -30.08
C ARG L 2 -23.79 -30.36 -29.27
N ILE L 3 -22.71 -29.87 -29.86
CA ILE L 3 -21.83 -28.93 -29.19
C ILE L 3 -22.58 -27.66 -28.83
N TRP L 4 -23.65 -27.34 -29.56
CA TRP L 4 -24.46 -26.17 -29.22
C TRP L 4 -25.50 -26.48 -28.14
N GLN L 5 -25.76 -27.76 -27.86
CA GLN L 5 -26.41 -28.11 -26.61
C GLN L 5 -25.43 -28.03 -25.45
N LEU L 6 -24.16 -28.38 -25.69
CA LEU L 6 -23.16 -28.28 -24.64
C LEU L 6 -22.89 -26.83 -24.26
N PHE L 7 -22.81 -25.93 -25.25
CA PHE L 7 -22.38 -24.56 -25.03
C PHE L 7 -23.45 -23.58 -25.48
N ASP L 8 -23.58 -22.48 -24.75
CA ASP L 8 -24.51 -21.42 -25.11
C ASP L 8 -24.04 -20.76 -26.40
N PRO L 9 -24.86 -20.70 -27.44
CA PRO L 9 -24.40 -20.08 -28.70
C PRO L 9 -23.96 -18.64 -28.56
N ARG L 10 -24.66 -17.83 -27.75
CA ARG L 10 -24.29 -16.42 -27.61
C ARG L 10 -22.90 -16.27 -27.00
N GLN L 11 -22.66 -16.93 -25.86
CA GLN L 11 -21.36 -16.84 -25.20
C GLN L 11 -20.27 -17.46 -26.07
N ALA L 12 -20.60 -18.55 -26.76
CA ALA L 12 -19.62 -19.18 -27.65
C ALA L 12 -19.19 -18.23 -28.75
N LEU L 13 -20.17 -17.57 -29.39
CA LEU L 13 -19.85 -16.62 -30.45
C LEU L 13 -19.06 -15.43 -29.92
N VAL L 14 -19.43 -14.90 -28.75
CA VAL L 14 -18.72 -13.75 -28.20
C VAL L 14 -17.28 -14.11 -27.91
N GLY L 15 -17.07 -15.24 -27.22
CA GLY L 15 -15.72 -15.65 -26.89
C GLY L 15 -14.89 -15.98 -28.12
N LEU L 16 -15.51 -16.63 -29.11
CA LEU L 16 -14.80 -16.95 -30.34
C LEU L 16 -14.41 -15.69 -31.09
N ALA L 17 -15.30 -14.70 -31.15
CA ALA L 17 -14.97 -13.45 -31.82
C ALA L 17 -13.82 -12.73 -31.11
N THR L 18 -13.87 -12.68 -29.78
CA THR L 18 -12.78 -12.04 -29.04
C THR L 18 -11.46 -12.76 -29.28
N PHE L 19 -11.47 -14.09 -29.21
CA PHE L 19 -10.25 -14.86 -29.41
C PHE L 19 -9.69 -14.67 -30.82
N LEU L 20 -10.57 -14.72 -31.82
CA LEU L 20 -10.12 -14.57 -33.20
C LEU L 20 -9.56 -13.17 -33.45
N PHE L 21 -10.22 -12.14 -32.91
CA PHE L 21 -9.70 -10.79 -33.08
C PHE L 21 -8.34 -10.63 -32.42
N VAL L 22 -8.17 -11.15 -31.20
CA VAL L 22 -6.89 -11.03 -30.52
C VAL L 22 -5.81 -11.79 -31.28
N LEU L 23 -6.13 -13.00 -31.77
CA LEU L 23 -5.15 -13.77 -32.53
C LEU L 23 -4.75 -13.05 -33.81
N ALA L 24 -5.72 -12.48 -34.53
CA ALA L 24 -5.42 -11.76 -35.76
C ALA L 24 -4.57 -10.52 -35.48
N LEU L 25 -4.89 -9.80 -34.41
CA LEU L 25 -4.10 -8.63 -34.04
C LEU L 25 -2.66 -9.03 -33.70
N LEU L 26 -2.50 -10.13 -32.95
CA LEU L 26 -1.17 -10.61 -32.61
C LEU L 26 -0.38 -11.00 -33.85
N ILE L 27 -1.02 -11.70 -34.78
CA ILE L 27 -0.32 -12.12 -35.99
C ILE L 27 0.07 -10.91 -36.84
N HIS L 28 -0.82 -9.92 -36.95
CA HIS L 28 -0.49 -8.73 -37.71
C HIS L 28 0.67 -7.97 -37.07
N PHE L 29 0.68 -7.86 -35.74
CA PHE L 29 1.77 -7.17 -35.08
C PHE L 29 3.08 -7.94 -35.22
N ILE L 30 3.02 -9.28 -35.20
CA ILE L 30 4.21 -10.08 -35.44
C ILE L 30 4.75 -9.83 -36.84
N LEU L 31 3.87 -9.80 -37.83
CA LEU L 31 4.29 -9.53 -39.21
C LEU L 31 4.91 -8.14 -39.32
N LEU L 32 4.33 -7.15 -38.64
CA LEU L 32 4.93 -5.82 -38.62
C LEU L 32 6.31 -5.84 -37.99
N SER L 33 6.47 -6.61 -36.90
CA SER L 33 7.77 -6.71 -36.25
C SER L 33 8.81 -7.36 -37.16
N THR L 34 8.40 -8.30 -38.00
CA THR L 34 9.34 -8.87 -38.96
C THR L 34 9.69 -7.84 -40.03
N GLU L 35 10.84 -8.06 -40.68
CA GLU L 35 11.32 -7.16 -41.71
C GLU L 35 10.79 -7.52 -43.09
N ARG L 36 10.68 -8.82 -43.39
CA ARG L 36 10.28 -9.24 -44.72
C ARG L 36 8.81 -8.88 -45.01
N PHE L 37 7.93 -9.03 -44.02
CA PHE L 37 6.51 -8.86 -44.23
C PHE L 37 5.97 -7.53 -43.72
N ASN L 38 6.85 -6.61 -43.32
CA ASN L 38 6.40 -5.28 -42.89
C ASN L 38 5.99 -4.50 -44.12
N TRP L 39 4.69 -4.52 -44.44
CA TRP L 39 4.19 -3.85 -45.63
C TRP L 39 4.20 -2.33 -45.50
N LEU L 40 4.17 -1.80 -44.28
CA LEU L 40 4.17 -0.34 -44.11
C LEU L 40 5.52 0.25 -44.43
N GLU L 41 6.61 -0.31 -43.90
CA GLU L 41 7.93 0.19 -44.23
C GLU L 41 8.44 -0.33 -45.56
N GLY L 42 8.08 -1.55 -45.97
CA GLY L 42 8.42 -2.06 -47.28
C GLY L 42 9.91 -2.22 -47.54
N ALA L 43 10.61 -2.86 -46.63
CA ALA L 43 12.03 -3.16 -46.85
C ALA L 43 12.19 -4.12 -48.03
N SER L 44 13.27 -3.94 -48.77
CA SER L 44 13.52 -4.76 -49.95
C SER L 44 13.83 -6.21 -49.55
N THR L 45 13.51 -7.13 -50.46
CA THR L 45 13.75 -8.55 -50.22
C THR L 45 15.24 -8.86 -50.25
N TRP M 1 -30.54 -13.67 -39.93
CA TRP M 1 -31.24 -12.56 -39.31
C TRP M 1 -31.50 -12.87 -37.83
N ARG M 2 -31.32 -14.14 -37.46
CA ARG M 2 -31.50 -14.58 -36.10
C ARG M 2 -30.43 -14.05 -35.15
N ILE M 3 -29.33 -13.51 -35.69
CA ILE M 3 -28.30 -12.93 -34.84
C ILE M 3 -28.86 -11.76 -34.04
N TRP M 4 -29.86 -11.07 -34.58
CA TRP M 4 -30.49 -9.97 -33.86
C TRP M 4 -31.51 -10.44 -32.84
N GLN M 5 -31.97 -11.69 -32.94
CA GLN M 5 -32.69 -12.28 -31.82
C GLN M 5 -31.71 -12.73 -30.74
N LEU M 6 -30.53 -13.22 -31.14
CA LEU M 6 -29.54 -13.66 -30.17
C LEU M 6 -28.96 -12.48 -29.40
N PHE M 7 -28.76 -11.35 -30.07
CA PHE M 7 -28.11 -10.18 -29.48
C PHE M 7 -29.06 -8.99 -29.48
N ASP M 8 -29.07 -8.25 -28.39
CA ASP M 8 -29.84 -7.02 -28.32
C ASP M 8 -29.32 -6.05 -29.37
N PRO M 9 -30.16 -5.53 -30.25
CA PRO M 9 -29.66 -4.59 -31.28
C PRO M 9 -28.97 -3.38 -30.69
N ARG M 10 -29.47 -2.83 -29.59
CA ARG M 10 -28.85 -1.65 -29.00
C ARG M 10 -27.43 -1.96 -28.52
N GLN M 11 -27.29 -3.02 -27.73
CA GLN M 11 -25.97 -3.39 -27.22
C GLN M 11 -25.02 -3.74 -28.36
N ALA M 12 -25.50 -4.48 -29.36
CA ALA M 12 -24.66 -4.81 -30.50
C ALA M 12 -24.20 -3.57 -31.25
N LEU M 13 -25.11 -2.60 -31.45
CA LEU M 13 -24.74 -1.39 -32.17
C LEU M 13 -23.72 -0.56 -31.39
N VAL M 14 -23.93 -0.38 -30.08
CA VAL M 14 -22.96 0.40 -29.31
C VAL M 14 -21.60 -0.30 -29.26
N GLY M 15 -21.59 -1.61 -29.06
CA GLY M 15 -20.34 -2.33 -29.06
C GLY M 15 -19.62 -2.26 -30.40
N LEU M 16 -20.38 -2.41 -31.49
CA LEU M 16 -19.79 -2.33 -32.82
C LEU M 16 -19.24 -0.94 -33.10
N ALA M 17 -19.98 0.11 -32.71
CA ALA M 17 -19.50 1.47 -32.93
C ALA M 17 -18.23 1.75 -32.14
N THR M 18 -18.20 1.33 -30.87
CA THR M 18 -17.00 1.53 -30.07
C THR M 18 -15.82 0.77 -30.65
N PHE M 19 -16.03 -0.49 -31.05
CA PHE M 19 -14.96 -1.28 -31.65
C PHE M 19 -14.45 -0.65 -32.93
N LEU M 20 -15.35 -0.20 -33.79
CA LEU M 20 -14.94 0.40 -35.06
C LEU M 20 -14.18 1.69 -34.83
N PHE M 21 -14.65 2.54 -33.89
CA PHE M 21 -13.92 3.78 -33.62
C PHE M 21 -12.53 3.51 -33.05
N VAL M 22 -12.42 2.57 -32.12
CA VAL M 22 -11.12 2.28 -31.54
C VAL M 22 -10.18 1.69 -32.59
N LEU M 23 -10.70 0.80 -33.44
CA LEU M 23 -9.88 0.22 -34.50
C LEU M 23 -9.42 1.28 -35.49
N ALA M 24 -10.32 2.19 -35.88
CA ALA M 24 -9.95 3.25 -36.80
C ALA M 24 -8.90 4.17 -36.18
N LEU M 25 -9.07 4.51 -34.90
CA LEU M 25 -8.09 5.35 -34.23
C LEU M 25 -6.72 4.66 -34.17
N LEU M 26 -6.72 3.37 -33.85
CA LEU M 26 -5.47 2.62 -33.80
C LEU M 26 -4.77 2.59 -35.16
N ILE M 27 -5.54 2.35 -36.23
CA ILE M 27 -4.95 2.28 -37.56
C ILE M 27 -4.44 3.66 -37.99
N HIS M 28 -5.18 4.72 -37.64
CA HIS M 28 -4.72 6.07 -37.96
C HIS M 28 -3.42 6.41 -37.25
N PHE M 29 -3.32 6.05 -35.97
CA PHE M 29 -2.07 6.30 -35.25
C PHE M 29 -0.93 5.47 -35.79
N ILE M 30 -1.21 4.23 -36.21
CA ILE M 30 -0.19 3.39 -36.82
C ILE M 30 0.31 4.02 -38.11
N LEU M 31 -0.61 4.54 -38.92
CA LEU M 31 -0.20 5.22 -40.16
C LEU M 31 0.61 6.47 -39.86
N LEU M 32 0.21 7.22 -38.83
CA LEU M 32 0.96 8.42 -38.45
C LEU M 32 2.37 8.07 -37.99
N SER M 33 2.54 6.91 -37.36
CA SER M 33 3.86 6.48 -36.93
C SER M 33 4.77 6.09 -38.08
N THR M 34 4.25 5.94 -39.29
CA THR M 34 5.03 5.53 -40.45
C THR M 34 5.51 6.76 -41.22
N GLU M 35 6.70 6.65 -41.80
CA GLU M 35 7.24 7.75 -42.59
C GLU M 35 6.52 7.89 -43.93
N ARG M 36 6.15 6.76 -44.54
CA ARG M 36 5.56 6.81 -45.87
C ARG M 36 4.13 7.31 -45.84
N PHE M 37 3.35 6.88 -44.85
CA PHE M 37 1.92 7.16 -44.81
C PHE M 37 1.56 8.29 -43.85
N ASN M 38 2.53 9.05 -43.37
CA ASN M 38 2.24 10.21 -42.52
C ASN M 38 1.87 11.36 -43.44
N TRP M 39 0.57 11.63 -43.57
CA TRP M 39 0.11 12.72 -44.42
C TRP M 39 0.38 14.09 -43.81
N LEU M 40 0.55 14.16 -42.49
CA LEU M 40 0.83 15.44 -41.84
C LEU M 40 2.28 15.87 -42.05
N GLU M 41 3.22 14.92 -42.02
CA GLU M 41 4.63 15.23 -42.20
C GLU M 41 5.03 15.28 -43.68
N GLY M 42 4.46 14.39 -44.49
CA GLY M 42 4.69 14.42 -45.93
C GLY M 42 6.12 14.14 -46.35
N ALA M 43 6.72 13.10 -45.80
CA ALA M 43 8.06 12.71 -46.23
C ALA M 43 8.04 12.24 -47.68
N SER M 44 9.12 12.56 -48.39
CA SER M 44 9.20 12.25 -49.81
C SER M 44 9.24 10.73 -50.02
N THR M 45 8.65 10.26 -51.11
CA THR M 45 8.64 8.85 -51.40
C THR M 45 9.75 8.50 -52.37
N TRP N 1 -35.20 7.83 -38.49
CA TRP N 1 -36.29 8.06 -37.56
C TRP N 1 -36.56 6.82 -36.71
N ARG N 2 -36.15 5.67 -37.21
CA ARG N 2 -36.36 4.41 -36.48
C ARG N 2 -35.27 4.24 -35.44
N ILE N 3 -34.15 4.92 -35.63
CA ILE N 3 -33.04 4.79 -34.70
C ILE N 3 -33.40 5.37 -33.33
N TRP N 4 -34.17 6.47 -33.32
CA TRP N 4 -34.56 7.10 -32.07
C TRP N 4 -35.61 6.30 -31.30
N GLN N 5 -36.19 5.27 -31.92
CA GLN N 5 -36.99 4.28 -31.19
C GLN N 5 -36.13 3.19 -30.59
N LEU N 6 -34.82 3.24 -30.85
CA LEU N 6 -33.86 2.39 -30.17
C LEU N 6 -33.18 3.18 -29.07
N PHE N 7 -32.59 4.31 -29.44
CA PHE N 7 -31.78 5.11 -28.51
C PHE N 7 -32.54 6.34 -28.06
N ASP N 8 -32.39 6.69 -26.79
CA ASP N 8 -33.01 7.88 -26.25
C ASP N 8 -32.40 9.11 -26.91
N PRO N 9 -33.21 10.03 -27.44
CA PRO N 9 -32.65 11.23 -28.10
C PRO N 9 -31.74 12.06 -27.21
N ARG N 10 -32.09 12.22 -25.93
CA ARG N 10 -31.25 13.00 -25.03
C ARG N 10 -29.90 12.35 -24.82
N GLN N 11 -29.89 11.02 -24.67
CA GLN N 11 -28.63 10.29 -24.47
C GLN N 11 -27.80 10.25 -25.73
N ALA N 12 -28.45 10.24 -26.87
CA ALA N 12 -27.72 10.30 -28.13
C ALA N 12 -27.08 11.67 -28.32
N LEU N 13 -27.82 12.73 -28.02
CA LEU N 13 -27.27 14.08 -28.15
C LEU N 13 -26.10 14.31 -27.18
N VAL N 14 -26.23 13.85 -25.93
CA VAL N 14 -25.14 14.04 -24.98
C VAL N 14 -23.90 13.25 -25.41
N GLY N 15 -24.08 12.00 -25.82
CA GLY N 15 -22.95 11.22 -26.29
C GLY N 15 -22.30 11.82 -27.51
N LEU N 16 -23.11 12.30 -28.46
CA LEU N 16 -22.55 12.95 -29.65
C LEU N 16 -21.77 14.20 -29.28
N ALA N 17 -22.31 15.02 -28.38
CA ALA N 17 -21.62 16.24 -27.99
C ALA N 17 -20.27 15.92 -27.36
N THR N 18 -20.25 14.99 -26.41
CA THR N 18 -19.00 14.65 -25.74
C THR N 18 -18.00 14.05 -26.73
N PHE N 19 -18.45 13.12 -27.57
CA PHE N 19 -17.54 12.46 -28.51
C PHE N 19 -16.98 13.46 -29.52
N LEU N 20 -17.84 14.33 -30.06
CA LEU N 20 -17.38 15.29 -31.05
C LEU N 20 -16.42 16.29 -30.44
N PHE N 21 -16.69 16.76 -29.21
CA PHE N 21 -15.78 17.69 -28.57
C PHE N 21 -14.42 17.05 -28.33
N VAL N 22 -14.40 15.81 -27.82
CA VAL N 22 -13.13 15.16 -27.55
C VAL N 22 -12.37 14.89 -28.85
N LEU N 23 -13.08 14.46 -29.90
CA LEU N 23 -12.42 14.21 -31.18
C LEU N 23 -11.84 15.49 -31.77
N ALA N 24 -12.60 16.59 -31.71
CA ALA N 24 -12.10 17.85 -32.23
C ALA N 24 -10.90 18.33 -31.44
N LEU N 25 -10.94 18.18 -30.11
CA LEU N 25 -9.80 18.56 -29.27
C LEU N 25 -8.57 17.73 -29.64
N LEU N 26 -8.74 16.42 -29.83
CA LEU N 26 -7.62 15.57 -30.18
C LEU N 26 -7.03 15.95 -31.53
N ILE N 27 -7.88 16.21 -32.52
CA ILE N 27 -7.37 16.56 -33.84
C ILE N 27 -6.67 17.92 -33.81
N HIS N 28 -7.22 18.87 -33.06
CA HIS N 28 -6.56 20.17 -32.92
C HIS N 28 -5.21 20.03 -32.24
N PHE N 29 -5.13 19.19 -31.20
CA PHE N 29 -3.86 18.97 -30.54
C PHE N 29 -2.84 18.34 -31.48
N ILE N 30 -3.28 17.39 -32.30
CA ILE N 30 -2.37 16.77 -33.27
C ILE N 30 -1.87 17.81 -34.27
N LEU N 31 -2.78 18.65 -34.76
CA LEU N 31 -2.38 19.70 -35.70
C LEU N 31 -1.38 20.66 -35.07
N LEU N 32 -1.63 21.06 -33.82
CA LEU N 32 -0.69 21.94 -33.13
C LEU N 32 0.65 21.26 -32.94
N SER N 33 0.65 19.95 -32.69
CA SER N 33 1.91 19.22 -32.56
C SER N 33 2.67 19.20 -33.88
N THR N 34 1.97 19.08 -35.00
CA THR N 34 2.65 19.10 -36.28
C THR N 34 3.26 20.46 -36.58
N GLU N 35 4.23 20.47 -37.49
CA GLU N 35 4.91 21.71 -37.85
C GLU N 35 4.22 22.43 -39.00
N ARG N 36 3.75 21.68 -40.01
CA ARG N 36 3.12 22.30 -41.17
C ARG N 36 1.81 22.98 -40.79
N PHE N 37 1.02 22.37 -39.92
CA PHE N 37 -0.33 22.82 -39.64
C PHE N 37 -0.44 23.50 -38.28
N ASN N 38 0.67 23.98 -37.72
CA ASN N 38 0.65 24.76 -36.49
C ASN N 38 0.48 26.22 -36.86
N TRP N 39 -0.77 26.70 -36.86
CA TRP N 39 -1.06 28.06 -37.27
C TRP N 39 -0.55 29.09 -36.27
N LEU N 40 -0.36 28.70 -35.01
CA LEU N 40 0.15 29.65 -34.02
C LEU N 40 1.62 29.97 -34.25
N GLU N 41 2.45 28.94 -34.45
CA GLU N 41 3.86 29.17 -34.70
C GLU N 41 4.12 29.62 -36.14
N GLY N 42 3.32 29.15 -37.09
CA GLY N 42 3.41 29.60 -38.47
C GLY N 42 4.72 29.26 -39.16
N ALA N 43 5.16 28.01 -39.03
CA ALA N 43 6.38 27.58 -39.70
C ALA N 43 6.24 27.72 -41.21
N SER N 44 7.35 28.09 -41.85
CA SER N 44 7.34 28.31 -43.30
C SER N 44 7.14 27.01 -44.05
N THR N 45 6.55 27.11 -45.24
CA THR N 45 6.34 25.95 -46.10
C THR N 45 7.59 25.61 -46.88
N ASN O 1 16.69 -0.82 -33.67
CA ASN O 1 15.69 -1.58 -34.41
C ASN O 1 15.40 -2.91 -33.72
N LYS O 2 15.64 -2.95 -32.41
CA LYS O 2 15.37 -4.17 -31.64
C LYS O 2 13.88 -4.43 -31.49
N GLY O 3 13.16 -3.49 -30.87
CA GLY O 3 11.75 -3.62 -30.64
C GLY O 3 10.86 -2.83 -31.58
N ASP O 4 11.38 -2.36 -32.69
CA ASP O 4 10.61 -1.49 -33.58
C ASP O 4 9.54 -2.28 -34.32
N ILE O 5 8.31 -1.80 -34.23
CA ILE O 5 7.22 -2.32 -35.05
C ILE O 5 7.14 -1.56 -36.38
N THR O 6 7.22 -0.24 -36.30
CA THR O 6 7.30 0.62 -37.47
C THR O 6 8.42 1.62 -37.19
N GLY O 7 8.47 2.69 -38.00
CA GLY O 7 9.52 3.68 -37.80
C GLY O 7 9.51 4.29 -36.41
N TYR O 8 8.33 4.54 -35.86
CA TYR O 8 8.18 5.14 -34.54
C TYR O 8 7.55 4.21 -33.52
N MET O 9 6.59 3.38 -33.92
CA MET O 9 5.96 2.46 -32.99
C MET O 9 6.92 1.34 -32.60
N ASP O 10 6.75 0.85 -31.38
CA ASP O 10 7.56 -0.27 -30.90
C ASP O 10 6.73 -1.14 -29.97
N VAL O 11 7.33 -2.26 -29.56
CA VAL O 11 6.60 -3.30 -28.85
C VAL O 11 6.13 -2.80 -27.49
N ALA O 12 6.98 -2.04 -26.78
CA ALA O 12 6.58 -1.54 -25.47
C ALA O 12 5.38 -0.60 -25.58
N GLN O 13 5.39 0.29 -26.57
CA GLN O 13 4.26 1.19 -26.78
C GLN O 13 3.00 0.42 -27.18
N VAL O 14 3.15 -0.61 -28.02
CA VAL O 14 2.00 -1.41 -28.43
C VAL O 14 1.38 -2.10 -27.22
N VAL O 15 2.21 -2.68 -26.36
CA VAL O 15 1.70 -3.34 -25.16
C VAL O 15 1.07 -2.33 -24.21
N LEU O 16 1.65 -1.14 -24.12
CA LEU O 16 1.08 -0.10 -23.27
C LEU O 16 -0.31 0.30 -23.75
N TYR O 17 -0.48 0.45 -25.07
CA TYR O 17 -1.80 0.82 -25.59
C TYR O 17 -2.79 -0.32 -25.47
N ALA O 18 -2.32 -1.57 -25.60
CA ALA O 18 -3.20 -2.71 -25.35
C ALA O 18 -3.68 -2.70 -23.91
N PHE O 19 -2.78 -2.40 -22.97
CA PHE O 19 -3.19 -2.29 -21.57
C PHE O 19 -4.15 -1.13 -21.36
N TRP O 20 -3.95 -0.03 -22.08
CA TRP O 20 -4.89 1.10 -21.95
C TRP O 20 -6.28 0.70 -22.41
N ILE O 21 -6.38 -0.03 -23.53
CA ILE O 21 -7.67 -0.52 -23.99
C ILE O 21 -8.30 -1.44 -22.96
N PHE O 22 -7.51 -2.38 -22.44
CA PHE O 22 -8.02 -3.31 -21.44
C PHE O 22 -8.47 -2.59 -20.18
N PHE O 23 -7.74 -1.56 -19.77
CA PHE O 23 -8.09 -0.83 -18.55
C PHE O 23 -9.35 0.00 -18.76
N ALA O 24 -9.54 0.55 -19.95
CA ALA O 24 -10.80 1.23 -20.24
C ALA O 24 -11.97 0.26 -20.16
N GLY O 25 -11.81 -0.93 -20.76
CA GLY O 25 -12.86 -1.94 -20.62
C GLY O 25 -13.10 -2.35 -19.18
N LEU O 26 -12.02 -2.46 -18.41
CA LEU O 26 -12.14 -2.84 -17.01
C LEU O 26 -12.87 -1.76 -16.21
N ILE O 27 -12.60 -0.48 -16.50
CA ILE O 27 -13.31 0.59 -15.82
C ILE O 27 -14.79 0.56 -16.18
N ILE O 28 -15.10 0.27 -17.45
CA ILE O 28 -16.50 0.11 -17.85
C ILE O 28 -17.17 -0.99 -17.04
N TYR O 29 -16.50 -2.14 -16.93
CA TYR O 29 -17.06 -3.27 -16.19
C TYR O 29 -17.22 -2.93 -14.71
N LEU O 30 -16.24 -2.25 -14.13
CA LEU O 30 -16.30 -1.92 -12.71
C LEU O 30 -17.41 -0.93 -12.42
N ARG O 31 -17.64 0.04 -13.31
CA ARG O 31 -18.77 0.94 -13.15
C ARG O 31 -20.09 0.19 -13.31
N ARG O 32 -20.14 -0.75 -14.25
CA ARG O 32 -21.32 -1.61 -14.38
C ARG O 32 -21.64 -2.31 -13.06
N GLU O 33 -20.61 -2.86 -12.42
CA GLU O 33 -20.81 -3.50 -11.12
C GLU O 33 -21.18 -2.48 -10.05
N ASP O 34 -20.65 -1.25 -10.14
CA ASP O 34 -21.01 -0.20 -9.21
C ASP O 34 -22.49 0.15 -9.29
N ARG O 35 -23.09 0.04 -10.48
CA ARG O 35 -24.47 0.43 -10.69
C ARG O 35 -25.47 -0.68 -10.39
N ARG O 36 -25.12 -1.63 -9.53
CA ARG O 36 -26.04 -2.71 -9.17
C ARG O 36 -26.92 -2.36 -7.97
N GLU O 37 -26.72 -1.22 -7.33
CA GLU O 37 -27.55 -0.80 -6.22
C GLU O 37 -27.84 0.68 -6.32
N GLY O 38 -29.12 1.04 -6.27
CA GLY O 38 -29.54 2.42 -6.30
C GLY O 38 -29.80 2.99 -7.67
N TYR O 39 -29.45 2.27 -8.73
CA TYR O 39 -29.68 2.70 -10.09
C TYR O 39 -30.89 1.98 -10.68
N PRO O 40 -31.59 2.59 -11.66
CA PRO O 40 -31.33 3.88 -12.33
C PRO O 40 -31.53 5.08 -11.43
N LEU O 41 -31.01 6.24 -11.82
CA LEU O 41 -31.15 7.46 -11.04
C LEU O 41 -32.53 8.07 -11.26
N GLU O 42 -33.12 8.57 -10.19
CA GLU O 42 -34.43 9.18 -10.24
C GLU O 42 -34.31 10.71 -10.13
N ASP O 43 -35.34 11.39 -10.61
CA ASP O 43 -35.40 12.84 -10.49
C ASP O 43 -35.54 13.23 -9.02
N ALA O 44 -34.86 14.31 -8.64
CA ALA O 44 -34.84 14.72 -7.24
C ALA O 44 -36.23 15.12 -6.75
N ILE O 45 -36.99 15.82 -7.58
CA ILE O 45 -38.28 16.36 -7.17
C ILE O 45 -39.39 15.33 -7.43
N SER O 46 -39.59 14.98 -8.69
CA SER O 46 -40.72 14.12 -9.06
C SER O 46 -40.51 12.67 -8.67
N GLY O 47 -39.27 12.19 -8.68
CA GLY O 47 -38.98 10.81 -8.42
C GLY O 47 -39.03 9.90 -9.64
N LYS O 48 -39.36 10.44 -10.81
CA LYS O 48 -39.36 9.64 -12.02
C LYS O 48 -37.94 9.34 -12.47
N ILE O 49 -37.78 8.26 -13.22
CA ILE O 49 -36.47 7.83 -13.70
C ILE O 49 -36.00 8.83 -14.76
N ASN O 50 -35.00 9.64 -14.42
CA ASN O 50 -34.51 10.67 -15.33
C ASN O 50 -33.13 11.13 -14.85
N SER O 51 -32.16 11.09 -15.75
CA SER O 51 -30.81 11.53 -15.42
C SER O 51 -30.09 11.93 -16.70
N LEU O 52 -29.00 12.66 -16.53
CA LEU O 52 -28.17 13.09 -17.66
C LEU O 52 -27.17 11.99 -17.98
N GLN O 53 -27.40 11.28 -19.08
CA GLN O 53 -26.57 10.14 -19.45
C GLN O 53 -26.30 10.18 -20.95
N GLY O 54 -25.21 9.52 -21.35
CA GLY O 54 -24.77 9.50 -22.73
C GLY O 54 -25.10 8.20 -23.43
N LEU O 55 -24.37 7.96 -24.52
CA LEU O 55 -24.56 6.75 -25.33
C LEU O 55 -24.17 5.48 -24.58
N GLY O 56 -23.47 5.59 -23.46
CA GLY O 56 -23.10 4.44 -22.68
C GLY O 56 -24.17 3.90 -21.77
N SER O 57 -25.36 4.49 -21.78
CA SER O 57 -26.45 4.00 -20.93
C SER O 57 -26.89 2.59 -21.32
N VAL O 58 -26.65 2.17 -22.56
CA VAL O 58 -26.98 0.81 -22.96
C VAL O 58 -26.13 -0.18 -22.17
N PHE O 59 -24.84 0.11 -22.01
CA PHE O 59 -23.92 -0.74 -21.28
C PHE O 59 -23.82 -0.39 -19.81
N SER O 60 -24.49 0.67 -19.36
CA SER O 60 -24.29 1.16 -18.00
C SER O 60 -24.83 0.20 -16.96
N ILE O 61 -26.06 -0.28 -17.14
CA ILE O 61 -26.74 -1.12 -16.16
C ILE O 61 -26.73 -2.56 -16.67
N ALA O 62 -26.19 -3.47 -15.87
CA ALA O 62 -26.08 -4.86 -16.25
C ALA O 62 -27.37 -5.61 -15.93
N ARG O 63 -27.50 -6.80 -16.50
CA ARG O 63 -28.64 -7.66 -16.22
C ARG O 63 -28.61 -8.08 -14.75
N PRO O 64 -29.79 -8.25 -14.13
CA PRO O 64 -29.82 -8.59 -12.70
C PRO O 64 -29.18 -9.94 -12.43
N LYS O 65 -28.23 -9.95 -11.51
CA LYS O 65 -27.64 -11.19 -11.03
C LYS O 65 -28.44 -11.73 -9.86
N ILE O 66 -28.41 -13.04 -9.69
CA ILE O 66 -29.22 -13.72 -8.69
C ILE O 66 -28.30 -14.32 -7.63
N PHE O 67 -28.52 -13.93 -6.38
CA PHE O 67 -27.80 -14.50 -5.25
C PHE O 67 -28.64 -15.62 -4.65
N LYS O 68 -28.10 -16.83 -4.64
CA LYS O 68 -28.79 -17.98 -4.06
C LYS O 68 -28.43 -18.06 -2.57
N LEU O 69 -29.45 -18.04 -1.72
CA LEU O 69 -29.23 -18.10 -0.29
C LEU O 69 -29.49 -19.52 0.24
N LYS O 70 -28.90 -19.80 1.39
CA LYS O 70 -29.05 -21.12 1.99
C LYS O 70 -30.48 -21.38 2.47
N THR O 71 -31.29 -20.34 2.61
CA THR O 71 -32.68 -20.49 3.02
C THR O 71 -33.61 -20.81 1.85
N GLY O 72 -33.08 -20.88 0.63
CA GLY O 72 -33.88 -21.14 -0.54
C GLY O 72 -34.36 -19.91 -1.28
N ALA O 73 -34.33 -18.74 -0.64
CA ALA O 73 -34.74 -17.51 -1.29
C ALA O 73 -33.60 -16.98 -2.18
N THR O 74 -33.96 -16.07 -3.07
CA THR O 74 -33.00 -15.46 -3.98
C THR O 74 -33.10 -13.94 -3.89
N TYR O 75 -31.95 -13.29 -3.99
CA TYR O 75 -31.87 -11.83 -3.98
C TYR O 75 -31.29 -11.37 -5.32
N ALA O 76 -31.99 -10.45 -5.97
CA ALA O 76 -31.58 -9.94 -7.27
C ALA O 76 -30.90 -8.59 -7.12
N ALA O 77 -29.82 -8.42 -7.87
CA ALA O 77 -29.08 -7.16 -7.88
C ALA O 77 -28.72 -6.79 -9.32
N PRO O 78 -29.26 -5.69 -9.84
CA PRO O 78 -30.18 -4.73 -9.20
C PRO O 78 -31.60 -5.27 -9.06
N ASN O 79 -32.26 -4.97 -7.95
CA ASN O 79 -33.63 -5.42 -7.73
C ASN O 79 -34.68 -4.42 -8.22
N PHE O 80 -34.27 -3.19 -8.51
CA PHE O 80 -35.15 -2.13 -9.00
C PHE O 80 -36.28 -1.81 -8.02
N LYS O 81 -36.06 -2.05 -6.73
CA LYS O 81 -37.04 -1.76 -5.69
C LYS O 81 -36.68 -0.43 -5.06
N ARG O 82 -37.45 0.61 -5.40
CA ARG O 82 -37.18 1.96 -4.94
C ARG O 82 -37.92 2.25 -3.64
N ASP O 83 -37.36 3.18 -2.87
CA ASP O 83 -38.05 3.67 -1.69
C ASP O 83 -39.20 4.59 -2.10
N ALA O 84 -40.10 4.82 -1.15
CA ALA O 84 -41.24 5.70 -1.42
C ALA O 84 -40.76 7.13 -1.68
N VAL O 85 -41.36 7.77 -2.68
CA VAL O 85 -40.98 9.14 -3.02
C VAL O 85 -41.32 10.09 -1.87
N ALA O 86 -42.51 9.94 -1.29
CA ALA O 86 -42.92 10.81 -0.19
C ALA O 86 -42.25 10.37 1.10
N ILE O 87 -41.62 11.32 1.78
CA ILE O 87 -41.00 11.07 3.08
C ILE O 87 -41.46 12.16 4.04
N LYS O 88 -41.29 11.90 5.33
CA LYS O 88 -41.77 12.81 6.38
C LYS O 88 -40.78 13.97 6.57
N ALA O 89 -40.58 14.71 5.48
CA ALA O 89 -39.75 15.90 5.50
C ALA O 89 -40.13 16.77 4.31
N THR O 90 -39.77 18.05 4.39
CA THR O 90 -40.06 19.01 3.34
C THR O 90 -38.79 19.80 3.02
N ARG O 91 -38.54 20.01 1.73
CA ARG O 91 -37.37 20.75 1.31
C ARG O 91 -37.45 22.20 1.77
N THR O 92 -36.29 22.76 2.14
CA THR O 92 -36.25 24.16 2.52
C THR O 92 -36.36 25.10 1.33
N ALA O 93 -36.06 24.62 0.12
CA ALA O 93 -36.17 25.39 -1.10
C ALA O 93 -36.74 24.51 -2.19
N PRO O 94 -37.42 25.11 -3.18
CA PRO O 94 -37.98 24.29 -4.27
C PRO O 94 -36.94 23.72 -5.22
N THR O 95 -35.66 24.07 -5.07
CA THR O 95 -34.64 23.55 -5.96
C THR O 95 -34.42 22.06 -5.71
N ALA O 96 -33.88 21.39 -6.74
CA ALA O 96 -33.64 19.95 -6.65
C ALA O 96 -32.58 19.63 -5.60
N GLY O 97 -31.54 20.45 -5.52
CA GLY O 97 -30.45 20.23 -4.58
C GLY O 97 -30.67 20.71 -3.17
N ALA O 98 -31.86 21.24 -2.88
CA ALA O 98 -32.14 21.74 -1.55
C ALA O 98 -32.22 20.59 -0.54
N PRO O 99 -31.85 20.83 0.70
CA PRO O 99 -31.95 19.79 1.74
C PRO O 99 -33.37 19.70 2.27
N PHE O 100 -33.61 18.63 3.04
CA PHE O 100 -34.91 18.37 3.64
C PHE O 100 -34.92 18.79 5.11
N GLU O 101 -36.08 19.27 5.55
CA GLU O 101 -36.29 19.66 6.94
C GLU O 101 -37.33 18.73 7.55
N PRO O 102 -37.00 18.03 8.64
CA PRO O 102 -37.99 17.10 9.22
C PRO O 102 -39.24 17.81 9.68
N THR O 103 -40.39 17.18 9.41
CA THR O 103 -41.67 17.78 9.79
C THR O 103 -41.90 17.72 11.28
N GLY O 104 -41.63 16.56 11.89
CA GLY O 104 -41.84 16.39 13.32
C GLY O 104 -40.58 15.95 14.04
N ASN O 105 -40.65 14.80 14.71
CA ASN O 105 -39.48 14.25 15.38
C ASN O 105 -38.71 13.39 14.39
N PRO O 106 -37.51 13.82 13.98
CA PRO O 106 -36.75 13.03 13.00
C PRO O 106 -36.35 11.65 13.49
N MET O 107 -36.09 11.51 14.80
CA MET O 107 -35.66 10.22 15.33
C MET O 107 -36.74 9.16 15.14
N THR O 108 -38.00 9.52 15.41
CA THR O 108 -39.09 8.58 15.20
C THR O 108 -39.50 8.49 13.74
N ASP O 109 -39.43 9.60 13.00
CA ASP O 109 -39.84 9.62 11.59
C ASP O 109 -38.83 8.89 10.69
N ALA O 110 -37.63 8.62 11.18
CA ALA O 110 -36.61 7.87 10.45
C ALA O 110 -36.24 8.58 9.14
N VAL O 111 -35.75 9.81 9.28
CA VAL O 111 -35.21 10.57 8.17
C VAL O 111 -33.82 11.05 8.54
N GLY O 112 -32.96 11.15 7.53
CA GLY O 112 -31.58 11.53 7.74
C GLY O 112 -30.78 10.42 8.39
N PRO O 113 -29.99 10.77 9.41
CA PRO O 113 -29.21 9.74 10.11
C PRO O 113 -30.07 8.69 10.81
N ALA O 114 -31.35 8.98 11.07
CA ALA O 114 -32.25 8.00 11.65
C ALA O 114 -32.87 7.08 10.61
N ALA O 115 -32.65 7.33 9.33
CA ALA O 115 -33.24 6.51 8.28
C ALA O 115 -32.59 5.13 8.24
N TYR O 116 -33.39 4.13 7.87
CA TYR O 116 -32.93 2.76 7.79
C TYR O 116 -33.45 2.13 6.52
N ALA O 117 -32.75 1.09 6.07
CA ALA O 117 -33.14 0.36 4.86
C ALA O 117 -34.14 -0.72 5.21
N LEU O 118 -35.14 -0.87 4.34
CA LEU O 118 -36.19 -1.87 4.54
C LEU O 118 -35.65 -3.26 4.21
N ARG O 119 -34.84 -3.78 5.14
CA ARG O 119 -34.28 -5.11 4.99
C ARG O 119 -35.35 -6.17 5.23
N ASP O 120 -34.97 -7.42 4.98
CA ASP O 120 -35.90 -8.53 5.18
C ASP O 120 -36.25 -8.66 6.66
N GLU O 121 -37.49 -9.05 6.93
CA GLU O 121 -37.93 -9.27 8.30
C GLU O 121 -37.54 -10.67 8.77
N LEU O 122 -36.26 -11.01 8.61
CA LEU O 122 -35.74 -12.32 8.95
C LEU O 122 -34.41 -12.20 9.67
N PRO O 123 -34.23 -12.90 10.78
CA PRO O 123 -32.95 -12.82 11.50
C PRO O 123 -31.83 -13.47 10.71
N ASP O 124 -30.61 -13.00 10.97
CA ASP O 124 -29.45 -13.61 10.36
C ASP O 124 -29.29 -15.04 10.88
N LEU O 125 -28.94 -15.96 9.97
CA LEU O 125 -28.85 -17.37 10.29
C LEU O 125 -27.41 -17.84 10.18
N THR O 126 -27.02 -18.75 11.08
CA THR O 126 -25.70 -19.35 11.05
C THR O 126 -25.66 -20.47 10.02
N LEU O 127 -24.53 -21.21 10.02
CA LEU O 127 -24.39 -22.33 9.11
C LEU O 127 -25.41 -23.42 9.39
N GLY O 128 -25.75 -23.64 10.66
CA GLY O 128 -26.72 -24.65 11.04
C GLY O 128 -28.17 -24.24 10.90
N GLY O 129 -28.44 -23.01 10.50
CA GLY O 129 -29.80 -22.55 10.31
C GLY O 129 -30.42 -21.83 11.49
N GLN O 130 -29.79 -21.90 12.67
CA GLN O 130 -30.30 -21.20 13.83
C GLN O 130 -30.01 -19.70 13.72
N PRO O 131 -30.82 -18.86 14.37
CA PRO O 131 -30.57 -17.42 14.32
C PRO O 131 -29.20 -17.06 14.85
N ALA O 132 -28.53 -16.12 14.17
CA ALA O 132 -27.15 -15.79 14.51
C ALA O 132 -27.07 -14.97 15.79
N ILE O 133 -27.98 -14.01 15.96
CA ILE O 133 -27.92 -13.06 17.07
C ILE O 133 -29.00 -13.46 18.07
N VAL O 134 -28.57 -13.93 19.23
CA VAL O 134 -29.48 -14.34 20.31
C VAL O 134 -28.90 -13.87 21.64
N PRO O 135 -29.75 -13.65 22.63
CA PRO O 135 -29.25 -13.32 23.97
C PRO O 135 -28.50 -14.49 24.59
N LEU O 136 -27.65 -14.15 25.57
CA LEU O 136 -26.81 -15.16 26.20
C LEU O 136 -27.63 -16.22 26.94
N ARG O 137 -28.87 -15.93 27.30
CA ARG O 137 -29.72 -16.93 27.92
C ARG O 137 -29.99 -18.10 26.99
N VAL O 138 -30.24 -17.81 25.71
CA VAL O 138 -30.55 -18.86 24.75
C VAL O 138 -29.30 -19.63 24.30
N ALA O 139 -28.11 -19.07 24.53
CA ALA O 139 -26.85 -19.69 24.12
C ALA O 139 -25.98 -19.91 25.35
N PRO O 140 -26.24 -20.97 26.12
CA PRO O 140 -25.42 -21.22 27.31
C PRO O 140 -23.97 -21.56 27.00
N THR O 141 -23.70 -22.09 25.81
CA THR O 141 -22.34 -22.50 25.47
C THR O 141 -21.38 -21.31 25.44
N PHE O 142 -21.81 -20.19 24.87
CA PHE O 142 -20.95 -19.02 24.76
C PHE O 142 -20.76 -18.36 26.11
N SER O 143 -19.59 -17.74 26.28
CA SER O 143 -19.29 -17.00 27.50
C SER O 143 -18.32 -15.88 27.17
N VAL O 144 -18.32 -14.86 28.02
CA VAL O 144 -17.40 -13.73 27.86
C VAL O 144 -16.04 -14.13 28.40
N ALA O 145 -14.99 -13.64 27.75
CA ALA O 145 -13.63 -13.96 28.16
C ALA O 145 -13.38 -13.50 29.59
N ALA O 146 -12.65 -14.33 30.35
CA ALA O 146 -12.35 -14.00 31.74
C ALA O 146 -11.44 -12.78 31.88
N GLU O 147 -10.66 -12.46 30.85
CA GLU O 147 -9.81 -11.28 30.89
C GLU O 147 -10.59 -10.00 30.72
N ASP O 148 -11.80 -10.06 30.17
CA ASP O 148 -12.64 -8.89 29.96
C ASP O 148 -13.66 -8.76 31.08
N THR O 149 -14.26 -7.57 31.16
CA THR O 149 -15.28 -7.28 32.16
C THR O 149 -16.66 -7.54 31.58
N ASP O 150 -17.46 -8.31 32.29
CA ASP O 150 -18.82 -8.61 31.84
C ASP O 150 -19.67 -7.35 31.93
N PRO O 151 -20.22 -6.84 30.83
CA PRO O 151 -21.05 -5.63 30.90
C PRO O 151 -22.34 -5.82 31.68
N ARG O 152 -22.77 -7.07 31.89
CA ARG O 152 -24.02 -7.31 32.60
C ARG O 152 -23.95 -6.77 34.02
N GLY O 153 -25.00 -6.05 34.43
CA GLY O 153 -25.06 -5.44 35.73
C GLY O 153 -24.42 -4.06 35.82
N LEU O 154 -23.77 -3.60 34.75
CA LEU O 154 -23.12 -2.30 34.75
C LEU O 154 -24.12 -1.21 34.38
N PRO O 155 -24.07 -0.06 35.06
CA PRO O 155 -25.00 1.03 34.72
C PRO O 155 -24.72 1.59 33.34
N VAL O 156 -25.78 2.06 32.69
CA VAL O 156 -25.69 2.70 31.38
C VAL O 156 -25.85 4.20 31.59
N VAL O 157 -24.85 4.96 31.18
CA VAL O 157 -24.83 6.41 31.38
C VAL O 157 -24.62 7.08 30.03
N ASP O 158 -25.11 8.32 29.93
CA ASP O 158 -24.98 9.11 28.71
C ASP O 158 -23.83 10.12 28.86
N ARG O 159 -23.68 10.97 27.84
CA ARG O 159 -22.59 11.93 27.83
C ARG O 159 -22.74 13.02 28.87
N LYS O 160 -23.96 13.25 29.39
CA LYS O 160 -24.22 14.28 30.37
C LYS O 160 -24.25 13.76 31.80
N GLY O 161 -23.97 12.47 32.00
CA GLY O 161 -23.96 11.88 33.32
C GLY O 161 -25.28 11.31 33.78
N ALA O 162 -26.36 11.48 33.02
CA ALA O 162 -27.65 10.92 33.40
C ALA O 162 -27.65 9.42 33.17
N VAL O 163 -28.13 8.67 34.16
CA VAL O 163 -28.17 7.22 34.07
C VAL O 163 -29.43 6.79 33.33
N ALA O 164 -29.24 5.97 32.30
CA ALA O 164 -30.37 5.48 31.52
C ALA O 164 -30.92 4.15 32.02
N GLY O 165 -30.07 3.31 32.61
CA GLY O 165 -30.53 2.03 33.09
C GLY O 165 -29.36 1.12 33.44
N LYS O 166 -29.63 -0.17 33.46
CA LYS O 166 -28.64 -1.18 33.80
C LYS O 166 -28.65 -2.29 32.77
N VAL O 167 -27.47 -2.83 32.48
CA VAL O 167 -27.35 -3.92 31.52
C VAL O 167 -27.81 -5.22 32.18
N THR O 168 -28.76 -5.90 31.56
CA THR O 168 -29.28 -7.15 32.07
C THR O 168 -28.96 -8.35 31.19
N ASP O 169 -28.54 -8.14 29.95
CA ASP O 169 -28.24 -9.24 29.05
C ASP O 169 -27.31 -8.75 27.95
N LEU O 170 -26.67 -9.71 27.28
CA LEU O 170 -25.80 -9.43 26.14
C LEU O 170 -26.29 -10.23 24.95
N TRP O 171 -26.35 -9.59 23.79
CA TRP O 171 -26.73 -10.26 22.54
C TRP O 171 -25.48 -10.56 21.75
N ILE O 172 -25.24 -11.83 21.48
CA ILE O 172 -24.02 -12.28 20.83
C ILE O 172 -24.32 -12.64 19.39
N ASP O 173 -23.26 -12.84 18.60
CA ASP O 173 -23.36 -13.33 17.23
C ASP O 173 -22.69 -14.69 17.15
N ARG O 174 -23.44 -15.69 16.70
CA ARG O 174 -22.92 -17.05 16.61
C ARG O 174 -22.12 -17.31 15.34
N ALA O 175 -22.42 -16.60 14.25
CA ALA O 175 -21.68 -16.78 13.00
C ALA O 175 -20.27 -16.21 13.13
N SER O 176 -20.17 -14.90 13.36
CA SER O 176 -18.90 -14.24 13.64
C SER O 176 -18.92 -13.89 15.12
N ILE O 177 -18.04 -14.54 15.90
CA ILE O 177 -18.06 -14.44 17.35
C ILE O 177 -17.78 -13.00 17.76
N ALA O 178 -18.76 -12.36 18.40
CA ALA O 178 -18.68 -10.99 18.86
C ALA O 178 -19.93 -10.68 19.66
N ILE O 179 -19.87 -9.57 20.40
CA ILE O 179 -21.03 -9.04 21.11
C ILE O 179 -21.66 -7.94 20.27
N ARG O 180 -22.93 -8.12 19.90
CA ARG O 180 -23.61 -7.19 19.01
C ARG O 180 -24.44 -6.16 19.75
N TYR O 181 -25.26 -6.58 20.71
CA TYR O 181 -26.19 -5.69 21.38
C TYR O 181 -26.20 -5.94 22.88
N LEU O 182 -26.52 -4.88 23.62
CA LEU O 182 -26.66 -4.93 25.06
C LEU O 182 -28.11 -4.69 25.42
N GLU O 183 -28.68 -5.58 26.22
CA GLU O 183 -30.06 -5.42 26.67
C GLU O 183 -30.07 -4.59 27.95
N VAL O 184 -30.69 -3.42 27.89
CA VAL O 184 -30.68 -2.45 28.98
C VAL O 184 -32.09 -2.32 29.54
N GLU O 185 -32.21 -2.47 30.85
CA GLU O 185 -33.47 -2.25 31.54
C GLU O 185 -33.55 -0.78 31.95
N LEU O 186 -34.50 -0.06 31.37
CA LEU O 186 -34.60 1.38 31.59
C LEU O 186 -34.98 1.69 33.03
N ALA O 187 -34.35 2.73 33.58
CA ALA O 187 -34.71 3.17 34.93
C ALA O 187 -36.15 3.65 34.98
N ALA O 188 -36.56 4.47 34.02
CA ALA O 188 -37.95 4.87 33.90
C ALA O 188 -38.78 3.73 33.35
N THR O 189 -40.02 3.62 33.83
CA THR O 189 -40.93 2.54 33.47
C THR O 189 -40.25 1.19 33.69
N PRO O 190 -40.07 0.77 34.94
CA PRO O 190 -39.33 -0.47 35.19
C PRO O 190 -39.99 -1.68 34.53
N GLY O 191 -39.15 -2.60 34.05
CA GLY O 191 -39.60 -3.74 33.29
C GLY O 191 -39.46 -3.57 31.79
N ARG O 192 -39.28 -2.34 31.31
CA ARG O 192 -39.09 -2.08 29.89
C ARG O 192 -37.61 -2.26 29.54
N LYS O 193 -37.35 -3.04 28.51
CA LYS O 193 -35.98 -3.34 28.07
C LYS O 193 -35.79 -2.89 26.64
N VAL O 194 -34.67 -2.22 26.37
CA VAL O 194 -34.34 -1.73 25.04
C VAL O 194 -33.00 -2.32 24.63
N LEU O 195 -32.85 -2.52 23.32
CA LEU O 195 -31.59 -3.01 22.77
C LEU O 195 -30.63 -1.86 22.57
N LEU O 196 -29.34 -2.13 22.75
CA LEU O 196 -28.31 -1.10 22.70
C LEU O 196 -27.13 -1.63 21.90
N PRO O 197 -26.78 -1.01 20.77
CA PRO O 197 -25.65 -1.51 19.97
C PRO O 197 -24.35 -1.49 20.76
N PHE O 198 -23.52 -2.50 20.53
CA PHE O 198 -22.24 -2.59 21.24
C PHE O 198 -21.22 -1.63 20.64
N ALA O 199 -21.24 -1.46 19.32
CA ALA O 199 -20.26 -0.61 18.65
C ALA O 199 -20.39 0.85 19.01
N ALA O 200 -21.54 1.28 19.53
CA ALA O 200 -21.76 2.66 19.92
C ALA O 200 -21.53 2.90 21.40
N THR O 201 -21.02 1.90 22.12
CA THR O 201 -20.86 1.99 23.58
C THR O 201 -19.39 1.74 23.93
N ARG O 202 -18.79 2.71 24.60
CA ARG O 202 -17.45 2.55 25.13
C ARG O 202 -17.49 2.43 26.65
N ILE O 203 -16.58 1.63 27.19
CA ILE O 203 -16.45 1.42 28.63
C ILE O 203 -15.57 2.51 29.19
N ASN O 204 -15.98 3.08 30.33
CA ASN O 204 -15.32 4.23 30.92
C ASN O 204 -14.13 3.85 31.80
N ALA O 205 -13.56 2.67 31.59
CA ALA O 205 -12.37 2.22 32.31
C ALA O 205 -12.54 2.29 33.82
N LYS O 206 -11.64 3.00 34.49
CA LYS O 206 -11.61 3.03 35.95
C LYS O 206 -12.58 4.08 36.47
N THR O 207 -13.83 3.65 36.65
CA THR O 207 -14.85 4.46 37.30
C THR O 207 -15.43 3.75 38.52
N LYS O 208 -14.84 2.61 38.90
CA LYS O 208 -15.27 1.76 40.00
C LYS O 208 -16.63 1.12 39.70
N SER O 209 -17.20 1.45 38.54
CA SER O 209 -18.36 0.79 38.00
C SER O 209 -18.24 0.51 36.50
N LYS O 210 -17.23 1.10 35.85
CA LYS O 210 -17.01 0.93 34.42
C LYS O 210 -18.27 1.23 33.61
N THR O 211 -18.89 2.37 33.91
CA THR O 211 -20.15 2.76 33.29
C THR O 211 -20.06 2.69 31.77
N VAL O 212 -21.01 1.98 31.17
CA VAL O 212 -21.06 1.81 29.72
C VAL O 212 -21.61 3.11 29.14
N THR O 213 -20.72 3.99 28.69
CA THR O 213 -21.12 5.32 28.24
C THR O 213 -21.68 5.25 26.83
N VAL O 214 -22.80 5.92 26.61
CA VAL O 214 -23.42 6.03 25.29
C VAL O 214 -23.35 7.49 24.88
N GLN O 215 -22.45 7.79 23.95
CA GLN O 215 -22.31 9.15 23.44
C GLN O 215 -23.33 9.49 22.37
N SER O 216 -24.01 8.49 21.81
CA SER O 216 -24.95 8.74 20.73
C SER O 216 -26.12 9.59 21.20
N ILE O 217 -26.94 9.06 22.11
CA ILE O 217 -28.17 9.71 22.52
C ILE O 217 -28.10 10.00 24.02
N LEU O 218 -29.06 10.79 24.49
CA LEU O 218 -29.18 11.13 25.89
C LEU O 218 -30.07 10.11 26.60
N ALA O 219 -30.23 10.30 27.92
CA ALA O 219 -31.03 9.36 28.71
C ALA O 219 -32.49 9.38 28.29
N ARG O 220 -33.03 10.57 28.00
CA ARG O 220 -34.44 10.69 27.68
C ARG O 220 -34.80 10.05 26.34
N HIS O 221 -33.82 9.79 25.48
CA HIS O 221 -34.08 9.16 24.19
C HIS O 221 -34.19 7.65 24.27
N PHE O 222 -33.81 7.04 25.40
CA PHE O 222 -33.86 5.59 25.51
C PHE O 222 -35.29 5.06 25.48
N ALA O 223 -36.26 5.86 25.93
CA ALA O 223 -37.65 5.40 25.94
C ALA O 223 -38.22 5.26 24.55
N ASN O 224 -37.63 5.91 23.55
CA ASN O 224 -38.13 5.88 22.18
C ASN O 224 -37.35 4.93 21.28
N VAL O 225 -36.49 4.10 21.86
CA VAL O 225 -35.72 3.14 21.03
C VAL O 225 -36.68 2.15 20.41
N PRO O 226 -36.55 1.82 19.12
CA PRO O 226 -37.49 0.89 18.49
C PRO O 226 -37.48 -0.48 19.18
N THR O 227 -38.66 -1.08 19.24
CA THR O 227 -38.85 -2.37 19.91
C THR O 227 -38.64 -3.52 18.93
N ILE O 228 -38.54 -4.72 19.49
CA ILE O 228 -38.35 -5.94 18.72
C ILE O 228 -39.46 -6.92 19.07
N ALA O 229 -39.96 -7.61 18.04
CA ALA O 229 -41.10 -8.51 18.22
C ALA O 229 -40.76 -9.70 19.10
N LYS O 230 -39.63 -10.31 18.87
CA LYS O 230 -39.26 -11.49 19.64
C LYS O 230 -38.26 -11.21 20.73
N THR O 231 -38.35 -11.96 21.80
CA THR O 231 -37.48 -11.74 22.95
C THR O 231 -36.15 -12.48 22.84
N ASP O 232 -35.98 -13.35 21.85
CA ASP O 232 -34.75 -14.11 21.70
C ASP O 232 -34.14 -14.00 20.30
N SER O 233 -34.79 -13.31 19.38
CA SER O 233 -34.24 -13.13 18.04
C SER O 233 -34.62 -11.75 17.53
N ILE O 234 -33.77 -11.20 16.67
CA ILE O 234 -33.98 -9.88 16.08
C ILE O 234 -33.83 -9.98 14.58
N THR O 235 -34.80 -9.42 13.85
CA THR O 235 -34.77 -9.45 12.39
C THR O 235 -33.78 -8.41 11.87
N ARG O 236 -33.45 -8.52 10.59
CA ARG O 236 -32.53 -7.57 9.97
C ARG O 236 -33.11 -6.17 9.94
N ARG O 237 -34.41 -6.06 9.66
CA ARG O 237 -35.05 -4.74 9.62
C ARG O 237 -35.04 -4.08 10.99
N GLU O 238 -35.38 -4.84 12.04
CA GLU O 238 -35.34 -4.29 13.40
C GLU O 238 -33.92 -3.94 13.80
N GLU O 239 -32.95 -4.78 13.41
CA GLU O 239 -31.55 -4.48 13.67
C GLU O 239 -31.16 -3.14 13.06
N ASP O 240 -31.45 -2.94 11.78
CA ASP O 240 -31.13 -1.68 11.12
C ASP O 240 -31.84 -0.54 11.79
N LYS O 241 -33.12 -0.73 12.13
CA LYS O 241 -33.86 0.35 12.76
C LYS O 241 -33.19 0.79 14.05
N VAL O 242 -32.75 -0.16 14.87
CA VAL O 242 -32.10 0.18 16.14
C VAL O 242 -30.78 0.91 15.88
N MET O 243 -29.94 0.37 14.99
CA MET O 243 -28.67 1.01 14.71
C MET O 243 -28.86 2.41 14.12
N ALA O 244 -29.84 2.57 13.24
CA ALA O 244 -30.10 3.87 12.64
C ALA O 244 -30.60 4.87 13.68
N TYR O 245 -31.48 4.44 14.58
CA TYR O 245 -31.95 5.33 15.63
C TYR O 245 -30.80 5.77 16.52
N TYR O 246 -29.90 4.85 16.86
CA TYR O 246 -28.78 5.23 17.71
C TYR O 246 -27.77 6.10 16.97
N SER O 247 -27.60 5.90 15.66
CA SER O 247 -26.62 6.68 14.91
C SER O 247 -27.05 8.12 14.71
N SER O 248 -28.35 8.42 14.84
CA SER O 248 -28.87 9.76 14.64
C SER O 248 -28.72 10.64 15.87
N GLY O 249 -28.19 10.10 16.97
CA GLY O 249 -28.08 10.89 18.18
C GLY O 249 -27.11 12.05 18.04
N TYR O 250 -26.01 11.86 17.33
CA TYR O 250 -25.01 12.90 17.19
C TYR O 250 -25.57 14.14 16.49
N LEU O 251 -26.59 13.98 15.66
CA LEU O 251 -27.17 15.09 14.92
C LEU O 251 -28.49 15.60 15.51
N TYR O 252 -29.31 14.71 16.08
CA TYR O 252 -30.63 15.11 16.56
C TYR O 252 -30.81 14.92 18.06
N SER O 253 -29.72 14.78 18.82
CA SER O 253 -29.84 14.58 20.26
C SER O 253 -30.23 15.88 20.97
N ASP O 254 -29.61 16.99 20.57
CA ASP O 254 -29.86 18.28 21.20
C ASP O 254 -31.04 19.02 20.58
N ARG O 255 -31.70 18.43 19.59
CA ARG O 255 -32.84 19.07 18.94
C ARG O 255 -34.16 18.58 19.56
N ILE P 1 -24.67 -37.81 -16.01
CA ILE P 1 -24.58 -37.97 -17.45
C ILE P 1 -25.00 -39.37 -17.82
N THR P 2 -26.08 -39.46 -18.59
CA THR P 2 -26.59 -40.75 -18.99
C THR P 2 -25.65 -41.55 -19.83
N GLU P 3 -25.83 -42.84 -19.82
CA GLU P 3 -24.92 -43.77 -20.49
C GLU P 3 -24.97 -43.56 -22.00
N GLY P 4 -26.16 -43.39 -22.55
CA GLY P 4 -26.29 -43.22 -24.00
C GLY P 4 -25.63 -41.94 -24.50
N GLU P 5 -25.90 -40.83 -23.80
CA GLU P 5 -25.27 -39.57 -24.21
C GLU P 5 -23.76 -39.60 -23.97
N ALA P 6 -23.31 -40.33 -22.95
CA ALA P 6 -21.88 -40.50 -22.74
C ALA P 6 -21.24 -41.26 -23.90
N LYS P 7 -21.90 -42.31 -24.37
CA LYS P 7 -21.39 -43.04 -25.53
C LYS P 7 -21.40 -42.17 -26.79
N GLU P 8 -22.45 -41.38 -26.98
CA GLU P 8 -22.50 -40.48 -28.14
C GLU P 8 -21.36 -39.47 -28.09
N PHE P 9 -21.12 -38.89 -26.92
CA PHE P 9 -20.01 -37.96 -26.76
C PHE P 9 -18.69 -38.64 -27.01
N HIS P 10 -18.52 -39.89 -26.54
CA HIS P 10 -17.29 -40.61 -26.78
C HIS P 10 -17.06 -40.86 -28.26
N LYS P 11 -18.12 -41.22 -28.99
CA LYS P 11 -17.99 -41.45 -30.42
C LYS P 11 -17.58 -40.18 -31.15
N ILE P 12 -18.25 -39.07 -30.85
CA ILE P 12 -17.94 -37.82 -31.53
C ILE P 12 -16.54 -37.35 -31.15
N PHE P 13 -16.16 -37.52 -29.89
CA PHE P 13 -14.84 -37.14 -29.43
C PHE P 13 -13.77 -37.97 -30.13
N THR P 14 -13.99 -39.27 -30.28
CA THR P 14 -13.02 -40.11 -30.97
C THR P 14 -12.87 -39.68 -32.42
N SER P 15 -13.98 -39.40 -33.10
CA SER P 15 -13.87 -38.94 -34.49
C SER P 15 -13.12 -37.62 -34.57
N SER P 16 -13.45 -36.68 -33.68
CA SER P 16 -12.81 -35.36 -33.72
C SER P 16 -11.32 -35.45 -33.41
N ILE P 17 -10.94 -36.25 -32.42
CA ILE P 17 -9.53 -36.37 -32.07
C ILE P 17 -8.77 -37.11 -33.17
N LEU P 18 -9.40 -38.02 -33.89
CA LEU P 18 -8.68 -38.66 -34.96
C LEU P 18 -8.50 -37.69 -36.12
N VAL P 19 -9.50 -36.87 -36.40
CA VAL P 19 -9.31 -35.85 -37.44
C VAL P 19 -8.21 -34.88 -37.04
N PHE P 20 -8.20 -34.46 -35.77
CA PHE P 20 -7.17 -33.54 -35.28
C PHE P 20 -5.78 -34.15 -35.40
N PHE P 21 -5.63 -35.41 -34.99
CA PHE P 21 -4.33 -36.06 -35.08
C PHE P 21 -3.91 -36.28 -36.52
N GLY P 22 -4.85 -36.57 -37.42
CA GLY P 22 -4.50 -36.68 -38.83
C GLY P 22 -4.01 -35.37 -39.40
N VAL P 23 -4.68 -34.27 -39.08
CA VAL P 23 -4.24 -32.96 -39.56
C VAL P 23 -2.86 -32.62 -38.99
N ALA P 24 -2.66 -32.90 -37.70
CA ALA P 24 -1.35 -32.64 -37.10
C ALA P 24 -0.25 -33.48 -37.74
N ALA P 25 -0.56 -34.75 -38.04
CA ALA P 25 0.43 -35.61 -38.69
C ALA P 25 0.75 -35.10 -40.10
N PHE P 26 -0.26 -34.65 -40.84
CA PHE P 26 -0.01 -34.09 -42.17
C PHE P 26 0.87 -32.83 -42.08
N ALA P 27 0.57 -31.95 -41.11
CA ALA P 27 1.37 -30.76 -40.94
C ALA P 27 2.81 -31.10 -40.57
N HIS P 28 3.00 -32.08 -39.68
CA HIS P 28 4.34 -32.48 -39.29
C HIS P 28 5.09 -33.12 -40.45
N LEU P 29 4.39 -33.89 -41.29
CA LEU P 29 5.03 -34.44 -42.48
C LEU P 29 5.49 -33.33 -43.42
N LEU P 30 4.65 -32.31 -43.62
CA LEU P 30 5.06 -31.19 -44.46
C LEU P 30 6.25 -30.45 -43.87
N VAL P 31 6.25 -30.26 -42.55
CA VAL P 31 7.36 -29.55 -41.91
C VAL P 31 8.65 -30.36 -42.01
N TRP P 32 8.54 -31.69 -41.87
CA TRP P 32 9.72 -32.54 -42.03
C TRP P 32 10.25 -32.51 -43.45
N ILE P 33 9.36 -32.51 -44.44
CA ILE P 33 9.80 -32.39 -45.83
C ILE P 33 10.52 -31.07 -46.05
N TRP P 34 9.99 -29.99 -45.46
CA TRP P 34 10.65 -28.69 -45.57
C TRP P 34 12.03 -28.71 -44.93
N ARG P 35 12.09 -28.94 -43.62
CA ARG P 35 13.34 -29.01 -42.87
C ARG P 35 13.24 -30.03 -41.76
N PRO P 36 13.91 -31.17 -41.86
CA PRO P 36 13.89 -32.14 -40.76
C PRO P 36 14.53 -31.57 -39.50
N TRP P 37 14.02 -32.00 -38.34
CA TRP P 37 14.45 -31.47 -37.06
C TRP P 37 15.27 -32.45 -36.25
N VAL P 38 15.74 -33.54 -36.85
CA VAL P 38 16.60 -34.49 -36.14
C VAL P 38 18.00 -34.40 -36.73
N PRO P 39 18.94 -33.77 -36.03
CA PRO P 39 20.28 -33.57 -36.59
C PRO P 39 21.04 -34.89 -36.70
N GLY P 40 21.93 -34.95 -37.69
CA GLY P 40 22.80 -36.07 -37.86
C GLY P 40 24.05 -35.94 -37.03
N PRO P 41 25.03 -36.83 -37.25
CA PRO P 41 26.29 -36.72 -36.51
C PRO P 41 27.02 -35.40 -36.72
N ASN P 42 26.93 -34.83 -37.92
CA ASN P 42 27.59 -33.57 -38.23
C ASN P 42 26.71 -32.37 -37.96
N GLY P 43 25.51 -32.57 -37.42
CA GLY P 43 24.58 -31.48 -37.21
C GLY P 43 23.67 -31.27 -38.41
N TYR P 44 23.32 -30.03 -38.69
CA TYR P 44 22.47 -29.72 -39.82
C TYR P 44 23.29 -29.30 -41.03
N TRP Q 1 -36.51 25.42 -30.06
CA TRP Q 1 -37.00 25.70 -28.72
C TRP Q 1 -37.21 24.39 -28.01
N ARG Q 2 -37.46 23.35 -28.78
CA ARG Q 2 -37.65 22.02 -28.21
C ARG Q 2 -36.39 21.48 -27.55
N ILE Q 3 -35.24 22.11 -27.79
CA ILE Q 3 -34.00 21.70 -27.14
C ILE Q 3 -34.14 21.85 -25.62
N TRP Q 4 -34.84 22.90 -25.18
CA TRP Q 4 -35.10 23.09 -23.76
C TRP Q 4 -36.24 22.21 -23.26
N GLN Q 5 -37.06 21.67 -24.16
CA GLN Q 5 -37.97 20.61 -23.77
C GLN Q 5 -37.22 19.31 -23.54
N LEU Q 6 -36.08 19.15 -24.20
CA LEU Q 6 -35.28 17.93 -24.03
C LEU Q 6 -34.33 18.03 -22.84
N PHE Q 7 -33.79 19.21 -22.56
CA PHE Q 7 -32.79 19.40 -21.53
C PHE Q 7 -33.26 20.38 -20.45
N ASP Q 8 -32.72 20.21 -19.26
CA ASP Q 8 -33.01 21.10 -18.14
C ASP Q 8 -32.31 22.43 -18.33
N PRO Q 9 -33.04 23.55 -18.36
CA PRO Q 9 -32.39 24.85 -18.60
C PRO Q 9 -31.31 25.20 -17.59
N ARG Q 10 -31.53 24.92 -16.32
CA ARG Q 10 -30.56 25.32 -15.29
C ARG Q 10 -29.28 24.50 -15.40
N GLN Q 11 -29.40 23.18 -15.55
CA GLN Q 11 -28.22 22.34 -15.75
C GLN Q 11 -27.49 22.72 -17.02
N ALA Q 12 -28.23 23.00 -18.09
CA ALA Q 12 -27.61 23.40 -19.34
C ALA Q 12 -26.82 24.70 -19.17
N LEU Q 13 -27.41 25.68 -18.48
CA LEU Q 13 -26.72 26.94 -18.27
C LEU Q 13 -25.46 26.78 -17.44
N VAL Q 14 -25.55 25.99 -16.35
CA VAL Q 14 -24.38 25.80 -15.48
C VAL Q 14 -23.27 25.09 -16.24
N GLY Q 15 -23.61 24.02 -16.96
CA GLY Q 15 -22.61 23.29 -17.72
C GLY Q 15 -21.99 24.13 -18.81
N LEU Q 16 -22.80 24.92 -19.51
CA LEU Q 16 -22.27 25.81 -20.54
C LEU Q 16 -21.32 26.83 -19.94
N ALA Q 17 -21.70 27.42 -18.80
CA ALA Q 17 -20.83 28.40 -18.16
C ALA Q 17 -19.48 27.77 -17.80
N THR Q 18 -19.51 26.62 -17.14
CA THR Q 18 -18.25 25.98 -16.73
C THR Q 18 -17.40 25.62 -17.94
N PHE Q 19 -18.01 24.99 -18.95
CA PHE Q 19 -17.27 24.55 -20.12
C PHE Q 19 -16.68 25.73 -20.87
N LEU Q 20 -17.46 26.78 -21.08
CA LEU Q 20 -16.97 27.95 -21.81
C LEU Q 20 -15.86 28.64 -21.04
N PHE Q 21 -15.99 28.75 -19.72
CA PHE Q 21 -14.94 29.39 -18.93
C PHE Q 21 -13.63 28.60 -19.03
N VAL Q 22 -13.72 27.27 -18.89
CA VAL Q 22 -12.52 26.44 -18.96
C VAL Q 22 -11.89 26.53 -20.36
N LEU Q 23 -12.73 26.49 -21.40
CA LEU Q 23 -12.21 26.58 -22.76
C LEU Q 23 -11.53 27.91 -23.02
N ALA Q 24 -12.15 29.02 -22.58
CA ALA Q 24 -11.55 30.32 -22.78
C ALA Q 24 -10.23 30.45 -22.03
N LEU Q 25 -10.19 29.94 -20.80
CA LEU Q 25 -8.94 29.96 -20.03
C LEU Q 25 -7.85 29.17 -20.74
N LEU Q 26 -8.19 27.98 -21.25
CA LEU Q 26 -7.19 27.16 -21.93
C LEU Q 26 -6.70 27.84 -23.20
N ILE Q 27 -7.60 28.45 -23.97
CA ILE Q 27 -7.19 29.12 -25.20
C ILE Q 27 -6.30 30.31 -24.88
N HIS Q 28 -6.65 31.07 -23.84
CA HIS Q 28 -5.82 32.22 -23.47
C HIS Q 28 -4.43 31.78 -23.02
N PHE Q 29 -4.35 30.68 -22.25
CA PHE Q 29 -3.04 30.17 -21.85
C PHE Q 29 -2.23 29.69 -23.05
N ILE Q 30 -2.89 29.02 -23.99
CA ILE Q 30 -2.20 28.57 -25.21
C ILE Q 30 -1.66 29.76 -25.98
N LEU Q 31 -2.45 30.83 -26.08
CA LEU Q 31 -1.96 32.04 -26.73
C LEU Q 31 -0.77 32.63 -25.98
N LEU Q 32 -0.85 32.67 -24.65
CA LEU Q 32 0.22 33.20 -23.83
C LEU Q 32 1.50 32.40 -23.95
N SER Q 33 1.42 31.12 -24.31
CA SER Q 33 2.62 30.30 -24.45
C SER Q 33 3.33 30.49 -25.78
N THR Q 34 2.70 31.13 -26.76
CA THR Q 34 3.32 31.33 -28.06
C THR Q 34 4.10 32.64 -28.09
N GLU Q 35 5.07 32.71 -29.00
CA GLU Q 35 5.88 33.92 -29.13
C GLU Q 35 5.12 35.04 -29.81
N ARG Q 36 4.35 34.71 -30.85
CA ARG Q 36 3.68 35.74 -31.64
C ARG Q 36 2.49 36.34 -30.89
N PHE Q 37 1.71 35.51 -30.20
CA PHE Q 37 0.45 35.93 -29.61
C PHE Q 37 0.54 36.16 -28.11
N ASN Q 38 1.74 36.31 -27.56
CA ASN Q 38 1.90 36.66 -26.16
C ASN Q 38 1.86 38.18 -26.04
N TRP Q 39 0.73 38.72 -25.60
CA TRP Q 39 0.58 40.17 -25.47
C TRP Q 39 1.21 40.72 -24.21
N LEU Q 40 1.69 39.87 -23.31
CA LEU Q 40 2.31 40.33 -22.07
C LEU Q 40 3.83 40.42 -22.17
N GLU Q 41 4.45 39.71 -23.10
CA GLU Q 41 5.87 39.85 -23.36
C GLU Q 41 6.16 40.73 -24.56
N GLY Q 42 5.25 40.78 -25.54
CA GLY Q 42 5.37 41.68 -26.67
C GLY Q 42 6.55 41.43 -27.58
N ALA Q 43 6.77 40.16 -27.95
CA ALA Q 43 7.83 39.84 -28.89
C ALA Q 43 7.48 40.44 -30.26
N SER Q 44 8.51 40.99 -30.92
CA SER Q 44 8.30 41.64 -32.20
C SER Q 44 8.01 40.60 -33.29
N THR Q 45 7.38 41.07 -34.36
CA THR Q 45 7.05 40.22 -35.50
C THR Q 45 8.30 39.86 -36.28
N ILE R 1 -31.51 -25.03 -24.94
CA ILE R 1 -31.53 -24.98 -26.40
C ILE R 1 -32.14 -26.27 -26.95
N THR R 2 -33.20 -26.14 -27.73
CA THR R 2 -33.88 -27.29 -28.32
C THR R 2 -33.05 -27.87 -29.46
N GLU R 3 -33.44 -29.05 -29.92
CA GLU R 3 -32.68 -29.67 -30.98
C GLU R 3 -32.83 -28.92 -32.29
N GLY R 4 -34.03 -28.42 -32.59
CA GLY R 4 -34.17 -27.63 -33.81
C GLY R 4 -33.38 -26.34 -33.76
N GLU R 5 -33.40 -25.65 -32.61
CA GLU R 5 -32.61 -24.44 -32.46
C GLU R 5 -31.13 -24.73 -32.61
N ALA R 6 -30.64 -25.81 -31.99
CA ALA R 6 -29.25 -26.20 -32.12
C ALA R 6 -28.87 -26.57 -33.55
N LYS R 7 -29.73 -27.28 -34.27
CA LYS R 7 -29.46 -27.60 -35.67
C LYS R 7 -29.46 -26.38 -36.57
N GLU R 8 -30.38 -25.44 -36.36
CA GLU R 8 -30.38 -24.20 -37.15
C GLU R 8 -29.12 -23.38 -36.86
N PHE R 9 -28.74 -23.28 -35.58
CA PHE R 9 -27.51 -22.56 -35.25
C PHE R 9 -26.30 -23.26 -35.86
N HIS R 10 -26.28 -24.58 -35.86
CA HIS R 10 -25.18 -25.31 -36.47
C HIS R 10 -25.11 -25.06 -37.97
N LYS R 11 -26.26 -25.03 -38.64
CA LYS R 11 -26.27 -24.75 -40.07
C LYS R 11 -25.72 -23.36 -40.38
N ILE R 12 -26.22 -22.35 -39.66
CA ILE R 12 -25.77 -20.98 -39.92
C ILE R 12 -24.30 -20.82 -39.53
N PHE R 13 -23.89 -21.47 -38.44
CA PHE R 13 -22.48 -21.42 -38.03
C PHE R 13 -21.58 -22.07 -39.07
N THR R 14 -22.00 -23.20 -39.62
CA THR R 14 -21.21 -23.85 -40.66
C THR R 14 -21.09 -22.97 -41.89
N SER R 15 -22.20 -22.34 -42.31
CA SER R 15 -22.14 -21.44 -43.45
C SER R 15 -21.19 -20.27 -43.20
N SER R 16 -21.31 -19.65 -42.02
CA SER R 16 -20.47 -18.50 -41.70
C SER R 16 -19.00 -18.89 -41.61
N ILE R 17 -18.70 -20.03 -40.98
CA ILE R 17 -17.32 -20.45 -40.83
C ILE R 17 -16.73 -20.85 -42.18
N LEU R 18 -17.52 -21.35 -43.11
CA LEU R 18 -16.92 -21.69 -44.38
C LEU R 18 -16.69 -20.42 -45.17
N VAL R 19 -17.60 -19.46 -45.07
CA VAL R 19 -17.32 -18.18 -45.72
C VAL R 19 -16.05 -17.56 -45.15
N PHE R 20 -15.90 -17.57 -43.84
CA PHE R 20 -14.72 -17.01 -43.19
C PHE R 20 -13.46 -17.73 -43.63
N PHE R 21 -13.50 -19.05 -43.68
CA PHE R 21 -12.32 -19.83 -44.07
C PHE R 21 -11.99 -19.61 -45.54
N GLY R 22 -13.00 -19.50 -46.40
CA GLY R 22 -12.73 -19.20 -47.80
C GLY R 22 -12.08 -17.84 -47.98
N VAL R 23 -12.57 -16.82 -47.26
CA VAL R 23 -11.97 -15.49 -47.34
C VAL R 23 -10.54 -15.52 -46.82
N ALA R 24 -10.31 -16.22 -45.71
CA ALA R 24 -8.96 -16.32 -45.17
C ALA R 24 -8.03 -17.04 -46.13
N ALA R 25 -8.50 -18.10 -46.78
CA ALA R 25 -7.68 -18.83 -47.75
C ALA R 25 -7.35 -17.94 -48.94
N PHE R 26 -8.32 -17.16 -49.42
CA PHE R 26 -8.05 -16.24 -50.51
C PHE R 26 -7.01 -15.20 -50.12
N ALA R 27 -7.14 -14.65 -48.92
CA ALA R 27 -6.17 -13.66 -48.45
C ALA R 27 -4.78 -14.28 -48.33
N HIS R 28 -4.70 -15.50 -47.81
CA HIS R 28 -3.40 -16.16 -47.67
C HIS R 28 -2.79 -16.49 -49.02
N LEU R 29 -3.63 -16.85 -49.99
CA LEU R 29 -3.13 -17.09 -51.34
C LEU R 29 -2.57 -15.81 -51.95
N LEU R 30 -3.26 -14.68 -51.76
CA LEU R 30 -2.73 -13.41 -52.24
C LEU R 30 -1.41 -13.05 -51.56
N VAL R 31 -1.33 -13.27 -50.25
CA VAL R 31 -0.10 -12.97 -49.52
C VAL R 31 1.04 -13.86 -50.00
N TRP R 32 0.75 -15.14 -50.27
CA TRP R 32 1.78 -16.04 -50.79
C TRP R 32 2.23 -15.61 -52.18
N ILE R 33 1.28 -15.19 -53.02
CA ILE R 33 1.64 -14.69 -54.35
C ILE R 33 2.55 -13.47 -54.24
N TRP R 34 2.27 -12.61 -53.26
CA TRP R 34 3.13 -11.44 -53.05
C TRP R 34 4.52 -11.85 -52.57
N ARG R 35 4.59 -12.52 -51.42
CA ARG R 35 5.85 -12.98 -50.84
C ARG R 35 5.64 -14.28 -50.07
N PRO R 36 6.13 -15.41 -50.59
CA PRO R 36 5.99 -16.67 -49.87
C PRO R 36 6.74 -16.63 -48.54
N TRP R 37 6.22 -17.37 -47.56
CA TRP R 37 6.75 -17.36 -46.21
C TRP R 37 7.45 -18.66 -45.83
N VAL R 38 7.73 -19.52 -46.80
CA VAL R 38 8.47 -20.75 -46.54
C VAL R 38 9.85 -20.65 -47.19
N PRO R 39 10.90 -20.43 -46.41
CA PRO R 39 12.23 -20.26 -47.01
C PRO R 39 12.76 -21.55 -47.61
N GLY R 40 13.62 -21.38 -48.60
CA GLY R 40 14.29 -22.51 -49.22
C GLY R 40 15.55 -22.87 -48.49
N PRO R 41 16.36 -23.76 -49.08
CA PRO R 41 17.63 -24.13 -48.44
C PRO R 41 18.57 -22.96 -48.25
N ASN R 42 18.56 -21.99 -49.14
CA ASN R 42 19.43 -20.82 -49.06
C ASN R 42 18.71 -19.61 -48.49
N GLY R 43 17.57 -19.80 -47.84
CA GLY R 43 16.82 -18.68 -47.31
C GLY R 43 16.05 -17.95 -48.39
N TYR R 44 15.66 -16.71 -48.06
CA TYR R 44 14.88 -15.90 -48.97
C TYR R 44 15.78 -15.21 -49.99
N ALA S 1 -29.83 14.37 -10.04
CA ALA S 1 -30.35 13.01 -9.98
C ALA S 1 -30.00 12.36 -8.65
N LEU S 2 -30.90 11.52 -8.15
CA LEU S 2 -30.72 10.84 -6.88
C LEU S 2 -30.72 9.34 -7.09
N LEU S 3 -30.11 8.63 -6.14
CA LEU S 3 -30.20 7.18 -6.13
C LEU S 3 -31.60 6.76 -5.67
N SER S 4 -31.80 5.45 -5.57
CA SER S 4 -33.09 4.95 -5.10
C SER S 4 -33.27 5.08 -3.60
N PHE S 5 -32.23 5.50 -2.87
CA PHE S 5 -32.29 5.58 -1.42
C PHE S 5 -31.59 6.84 -0.87
N GLU S 6 -31.57 7.93 -1.64
CA GLU S 6 -30.81 9.11 -1.25
C GLU S 6 -31.67 10.23 -0.68
N ARG S 7 -32.95 10.28 -1.07
CA ARG S 7 -33.81 11.39 -0.67
C ARG S 7 -34.00 11.43 0.84
N LYS S 8 -34.17 10.27 1.47
CA LYS S 8 -34.38 10.23 2.92
C LYS S 8 -33.14 10.60 3.71
N TYR S 9 -31.96 10.53 3.09
CA TYR S 9 -30.72 10.93 3.75
C TYR S 9 -30.33 12.38 3.44
N ARG S 10 -30.82 12.96 2.34
CA ARG S 10 -30.51 14.35 1.99
C ARG S 10 -31.28 15.28 2.91
N VAL S 11 -30.72 15.48 4.11
CA VAL S 11 -31.38 16.29 5.12
C VAL S 11 -30.53 17.50 5.47
N ARG S 12 -31.17 18.46 6.12
CA ARG S 12 -30.51 19.69 6.54
C ARG S 12 -29.61 19.45 7.75
N GLY S 13 -28.62 20.31 7.92
CA GLY S 13 -27.75 20.28 9.08
C GLY S 13 -26.45 19.53 8.80
N GLY S 14 -25.61 19.50 9.84
CA GLY S 14 -24.34 18.82 9.77
C GLY S 14 -23.16 19.68 9.35
N THR S 15 -23.40 20.92 8.95
CA THR S 15 -22.31 21.79 8.52
C THR S 15 -21.47 22.22 9.72
N LEU S 16 -20.15 22.27 9.51
CA LEU S 16 -19.26 22.80 10.55
C LEU S 16 -19.34 24.32 10.62
N ILE S 17 -19.46 24.97 9.46
CA ILE S 17 -19.45 26.43 9.40
C ILE S 17 -20.20 26.84 8.14
N GLY S 18 -20.82 28.02 8.19
CA GLY S 18 -21.55 28.58 7.08
C GLY S 18 -23.06 28.44 7.18
N GLY S 19 -23.55 27.54 8.02
CA GLY S 19 -24.98 27.42 8.21
C GLY S 19 -25.70 26.91 6.96
N ASP S 20 -26.89 27.43 6.74
CA ASP S 20 -27.69 26.96 5.62
C ASP S 20 -27.27 27.47 4.26
N LEU S 21 -26.38 28.46 4.22
CA LEU S 21 -25.99 29.02 2.94
C LEU S 21 -25.52 27.95 1.97
N PHE S 22 -24.59 27.11 2.40
CA PHE S 22 -23.95 26.13 1.53
C PHE S 22 -24.49 24.72 1.73
N ASP S 23 -25.51 24.55 2.52
CA ASP S 23 -26.10 23.24 2.71
C ASP S 23 -26.97 22.93 1.55
N PHE S 24 -26.40 22.52 0.43
CA PHE S 24 -27.13 22.13 -0.77
C PHE S 24 -26.22 21.28 -1.65
N TRP S 25 -26.83 20.58 -2.60
CA TRP S 25 -26.13 19.70 -3.52
C TRP S 25 -26.20 20.25 -4.94
N VAL S 26 -25.12 20.06 -5.69
CA VAL S 26 -25.09 20.33 -7.12
C VAL S 26 -24.84 18.98 -7.79
N GLY S 27 -25.89 18.40 -8.36
CA GLY S 27 -25.82 17.05 -8.87
C GLY S 27 -25.57 16.07 -7.73
N PRO S 28 -24.61 15.16 -7.91
CA PRO S 28 -24.25 14.25 -6.82
C PRO S 28 -23.34 14.86 -5.77
N PHE S 29 -22.66 15.96 -6.09
CA PHE S 29 -21.69 16.55 -5.18
C PHE S 29 -22.39 17.35 -4.09
N TYR S 30 -22.00 17.11 -2.84
CA TYR S 30 -22.38 18.00 -1.75
C TYR S 30 -21.45 19.21 -1.75
N VAL S 31 -22.03 20.40 -1.65
CA VAL S 31 -21.21 21.60 -1.86
C VAL S 31 -20.52 22.01 -0.56
N GLY S 32 -21.29 22.48 0.42
CA GLY S 32 -20.69 22.92 1.66
C GLY S 32 -19.78 24.15 1.54
N PHE S 33 -19.55 24.83 2.65
CA PHE S 33 -18.62 25.96 2.64
C PHE S 33 -17.21 25.49 2.33
N PHE S 34 -16.79 24.38 2.93
CA PHE S 34 -15.47 23.86 2.64
C PHE S 34 -15.38 23.32 1.22
N GLY S 35 -16.51 22.91 0.63
CA GLY S 35 -16.51 22.59 -0.78
C GLY S 35 -16.34 23.82 -1.66
N VAL S 36 -16.96 24.93 -1.28
CA VAL S 36 -16.73 26.18 -2.00
C VAL S 36 -15.25 26.57 -1.92
N THR S 37 -14.66 26.44 -0.74
CA THR S 37 -13.23 26.73 -0.58
C THR S 37 -12.38 25.75 -1.38
N THR S 38 -12.78 24.48 -1.42
CA THR S 38 -12.08 23.49 -2.22
C THR S 38 -12.10 23.86 -3.69
N LEU S 39 -13.26 24.28 -4.21
CA LEU S 39 -13.34 24.71 -5.59
C LEU S 39 -12.49 25.95 -5.83
N LEU S 40 -12.50 26.89 -4.90
CA LEU S 40 -11.65 28.08 -5.02
C LEU S 40 -10.19 27.69 -5.17
N PHE S 41 -9.69 26.86 -4.25
CA PHE S 41 -8.27 26.51 -4.26
C PHE S 41 -7.93 25.62 -5.44
N THR S 42 -8.84 24.71 -5.82
CA THR S 42 -8.59 23.84 -6.96
C THR S 42 -8.48 24.63 -8.25
N VAL S 43 -9.42 25.57 -8.47
CA VAL S 43 -9.37 26.39 -9.68
C VAL S 43 -8.10 27.24 -9.67
N LEU S 44 -7.78 27.86 -8.54
CA LEU S 44 -6.59 28.69 -8.48
C LEU S 44 -5.33 27.88 -8.78
N GLY S 45 -5.18 26.73 -8.13
CA GLY S 45 -3.98 25.93 -8.33
C GLY S 45 -3.87 25.34 -9.73
N THR S 46 -4.99 24.86 -10.28
CA THR S 46 -4.97 24.32 -11.63
C THR S 46 -4.66 25.40 -12.65
N ALA S 47 -5.25 26.59 -12.49
CA ALA S 47 -4.96 27.68 -13.40
C ALA S 47 -3.50 28.10 -13.31
N LEU S 48 -2.93 28.13 -12.10
CA LEU S 48 -1.53 28.49 -11.97
C LEU S 48 -0.61 27.40 -12.50
N ILE S 49 -1.01 26.13 -12.39
CA ILE S 49 -0.23 25.05 -12.98
C ILE S 49 -0.22 25.16 -14.50
N VAL S 50 -1.37 25.45 -15.09
CA VAL S 50 -1.43 25.65 -16.54
C VAL S 50 -0.63 26.88 -16.94
N TRP S 51 -0.64 27.92 -16.10
CA TRP S 51 0.18 29.10 -16.37
C TRP S 51 1.66 28.78 -16.34
N GLY S 52 2.09 27.96 -15.38
CA GLY S 52 3.47 27.52 -15.35
C GLY S 52 3.84 26.68 -16.55
N ALA S 53 2.90 25.83 -17.00
CA ALA S 53 3.13 25.06 -18.21
C ALA S 53 3.29 25.98 -19.42
N ALA S 54 2.47 27.03 -19.51
CA ALA S 54 2.60 28.00 -20.59
C ALA S 54 3.94 28.72 -20.53
N LEU S 55 4.38 29.07 -19.32
CA LEU S 55 5.69 29.70 -19.16
C LEU S 55 6.81 28.74 -19.49
N GLY S 56 6.57 27.43 -19.39
CA GLY S 56 7.60 26.45 -19.59
C GLY S 56 7.95 26.29 -21.07
N PRO S 57 8.88 25.37 -21.34
CA PRO S 57 9.35 25.19 -22.72
C PRO S 57 8.50 24.27 -23.58
N SER S 58 7.72 23.38 -22.98
CA SER S 58 6.97 22.40 -23.75
C SER S 58 5.54 22.30 -23.23
N TRP S 59 4.63 21.90 -24.11
CA TRP S 59 3.24 21.64 -23.76
C TRP S 59 2.97 20.15 -23.57
N THR S 60 4.00 19.31 -23.65
CA THR S 60 3.81 17.89 -23.41
C THR S 60 3.43 17.67 -21.95
N PHE S 61 2.42 16.84 -21.73
CA PHE S 61 1.91 16.65 -20.37
C PHE S 61 2.96 16.03 -19.47
N TRP S 62 3.74 15.08 -20.00
CA TRP S 62 4.79 14.45 -19.20
C TRP S 62 5.88 15.45 -18.84
N GLN S 63 6.22 16.35 -19.76
CA GLN S 63 7.33 17.27 -19.58
C GLN S 63 6.92 18.58 -18.91
N ILE S 64 5.63 18.81 -18.68
CA ILE S 64 5.21 19.99 -17.94
C ILE S 64 5.74 19.90 -16.51
N SER S 65 6.36 21.00 -16.05
CA SER S 65 6.98 20.99 -14.74
C SER S 65 6.94 22.39 -14.14
N ILE S 66 6.53 22.47 -12.88
CA ILE S 66 6.59 23.70 -12.10
C ILE S 66 7.66 23.50 -11.04
N ASN S 67 8.73 24.27 -11.12
CA ASN S 67 9.85 23.95 -10.26
C ASN S 67 9.85 24.84 -9.02
N PRO S 68 10.30 24.31 -7.89
CA PRO S 68 10.44 25.13 -6.69
C PRO S 68 11.55 26.14 -6.84
N PRO S 69 11.59 27.17 -6.00
CA PRO S 69 12.67 28.15 -6.09
C PRO S 69 14.02 27.50 -5.79
N ASP S 70 15.08 28.17 -6.23
CA ASP S 70 16.42 27.65 -6.02
C ASP S 70 16.75 27.59 -4.53
N VAL S 71 17.69 26.70 -4.19
CA VAL S 71 18.11 26.56 -2.81
C VAL S 71 18.74 27.85 -2.30
N SER S 72 19.30 28.66 -3.20
CA SER S 72 19.89 29.93 -2.79
C SER S 72 18.86 30.88 -2.19
N TYR S 73 17.58 30.71 -2.56
CA TYR S 73 16.54 31.57 -2.00
C TYR S 73 16.26 31.27 -0.54
N GLY S 74 16.66 30.09 -0.04
CA GLY S 74 16.34 29.75 1.32
C GLY S 74 14.85 29.56 1.50
N LEU S 75 14.34 29.99 2.65
CA LEU S 75 12.92 29.92 2.96
C LEU S 75 12.17 31.19 2.57
N ALA S 76 12.86 32.17 2.00
CA ALA S 76 12.20 33.41 1.59
C ALA S 76 11.28 33.15 0.40
N MET S 77 10.17 33.88 0.35
CA MET S 77 9.26 33.78 -0.77
C MET S 77 9.94 34.31 -2.03
N ALA S 78 9.82 33.57 -3.12
CA ALA S 78 10.54 33.84 -4.35
C ALA S 78 9.68 34.61 -5.34
N PRO S 79 10.30 35.27 -6.31
CA PRO S 79 9.53 35.89 -7.39
C PRO S 79 8.75 34.84 -8.17
N MET S 80 7.60 35.28 -8.71
CA MET S 80 6.67 34.34 -9.32
C MET S 80 7.28 33.62 -10.52
N ALA S 81 8.24 34.24 -11.19
CA ALA S 81 8.92 33.60 -12.31
C ALA S 81 10.08 32.71 -11.88
N LYS S 82 10.38 32.66 -10.58
CA LYS S 82 11.54 31.93 -10.07
C LYS S 82 11.18 31.10 -8.84
N GLY S 83 10.03 30.41 -8.88
CA GLY S 83 9.60 29.54 -7.82
C GLY S 83 8.46 30.07 -6.98
N GLY S 84 8.17 31.37 -7.05
CA GLY S 84 7.02 31.90 -6.35
C GLY S 84 5.72 31.25 -6.80
N LEU S 85 5.62 30.93 -8.09
CA LEU S 85 4.47 30.21 -8.59
C LEU S 85 4.36 28.84 -7.94
N TRP S 86 5.50 28.15 -7.78
CA TRP S 86 5.48 26.87 -7.09
C TRP S 86 5.01 27.01 -5.65
N GLN S 87 5.47 28.05 -4.95
CA GLN S 87 5.05 28.24 -3.57
C GLN S 87 3.54 28.52 -3.49
N ILE S 88 3.04 29.36 -4.38
CA ILE S 88 1.61 29.67 -4.38
C ILE S 88 0.80 28.40 -4.66
N ILE S 89 1.24 27.60 -5.63
CA ILE S 89 0.54 26.37 -5.96
C ILE S 89 0.59 25.41 -4.77
N THR S 90 1.73 25.35 -4.08
CA THR S 90 1.86 24.47 -2.92
C THR S 90 0.86 24.83 -1.84
N PHE S 91 0.77 26.12 -1.50
CA PHE S 91 -0.13 26.51 -0.42
C PHE S 91 -1.60 26.43 -0.85
N SER S 92 -1.89 26.70 -2.12
CA SER S 92 -3.26 26.50 -2.61
C SER S 92 -3.65 25.03 -2.57
N ALA S 93 -2.71 24.14 -2.90
CA ALA S 93 -2.99 22.71 -2.81
C ALA S 93 -3.20 22.27 -1.37
N ILE S 94 -2.41 22.82 -0.43
CA ILE S 94 -2.62 22.51 0.98
C ILE S 94 -4.01 22.95 1.42
N GLY S 95 -4.40 24.17 1.04
CA GLY S 95 -5.74 24.64 1.36
C GLY S 95 -6.82 23.77 0.76
N ALA S 96 -6.63 23.35 -0.49
CA ALA S 96 -7.61 22.47 -1.14
C ALA S 96 -7.74 21.14 -0.42
N PHE S 97 -6.61 20.55 -0.01
CA PHE S 97 -6.66 19.28 0.70
C PHE S 97 -7.35 19.42 2.04
N VAL S 98 -7.02 20.48 2.79
CA VAL S 98 -7.66 20.68 4.09
C VAL S 98 -9.15 20.91 3.93
N SER S 99 -9.54 21.70 2.93
CA SER S 99 -10.96 21.95 2.70
C SER S 99 -11.70 20.69 2.27
N TRP S 100 -11.04 19.84 1.47
CA TRP S 100 -11.63 18.56 1.11
C TRP S 100 -11.84 17.68 2.34
N ALA S 101 -10.85 17.63 3.23
CA ALA S 101 -10.99 16.84 4.45
C ALA S 101 -12.12 17.37 5.32
N LEU S 102 -12.24 18.69 5.44
CA LEU S 102 -13.32 19.25 6.26
C LEU S 102 -14.68 19.07 5.62
N ARG S 103 -14.74 19.08 4.27
CA ARG S 103 -15.99 18.74 3.60
C ARG S 103 -16.38 17.29 3.86
N GLU S 104 -15.40 16.39 3.86
CA GLU S 104 -15.68 15.00 4.23
C GLU S 104 -16.18 14.91 5.67
N VAL S 105 -15.61 15.73 6.56
CA VAL S 105 -16.09 15.77 7.95
C VAL S 105 -17.54 16.22 7.99
N GLU S 106 -17.90 17.24 7.20
CA GLU S 106 -19.28 17.71 7.16
C GLU S 106 -20.22 16.62 6.65
N ILE S 107 -19.80 15.89 5.62
CA ILE S 107 -20.64 14.81 5.09
C ILE S 107 -20.80 13.70 6.13
N CYS S 108 -19.73 13.38 6.86
CA CYS S 108 -19.82 12.39 7.93
C CYS S 108 -20.80 12.85 9.00
N ARG S 109 -20.74 14.13 9.38
CA ARG S 109 -21.69 14.66 10.37
C ARG S 109 -23.12 14.57 9.86
N LYS S 110 -23.33 14.87 8.58
CA LYS S 110 -24.68 14.81 8.02
C LYS S 110 -25.21 13.40 8.01
N LEU S 111 -24.38 12.42 7.67
CA LEU S 111 -24.82 11.03 7.60
C LEU S 111 -24.76 10.29 8.93
N GLY S 112 -24.21 10.91 9.97
CA GLY S 112 -24.14 10.26 11.26
C GLY S 112 -23.23 9.05 11.31
N ILE S 113 -22.07 9.12 10.67
CA ILE S 113 -21.09 8.04 10.69
C ILE S 113 -19.79 8.59 11.26
N GLY S 114 -18.81 7.69 11.39
CA GLY S 114 -17.54 8.05 11.99
C GLY S 114 -16.69 8.91 11.08
N TYR S 115 -15.64 9.49 11.67
CA TYR S 115 -14.73 10.38 10.97
C TYR S 115 -13.46 9.66 10.53
N HIS S 116 -13.51 8.34 10.42
CA HIS S 116 -12.30 7.58 10.07
C HIS S 116 -11.79 7.94 8.69
N ILE S 117 -12.67 8.31 7.76
CA ILE S 117 -12.28 8.59 6.40
C ILE S 117 -11.53 9.93 6.32
N PRO S 118 -12.05 11.04 6.85
CA PRO S 118 -11.21 12.25 6.92
C PRO S 118 -9.97 12.06 7.78
N PHE S 119 -10.05 11.25 8.83
CA PHE S 119 -8.88 11.00 9.66
C PHE S 119 -7.78 10.30 8.86
N ALA S 120 -8.16 9.36 8.00
CA ALA S 120 -7.17 8.67 7.16
C ALA S 120 -6.66 9.59 6.05
N PHE S 121 -7.52 10.42 5.48
CA PHE S 121 -7.05 11.38 4.49
C PHE S 121 -6.10 12.40 5.10
N GLY S 122 -6.24 12.65 6.40
CA GLY S 122 -5.30 13.53 7.08
C GLY S 122 -3.88 13.03 7.02
N PHE S 123 -3.69 11.70 6.96
CA PHE S 123 -2.34 11.16 6.86
C PHE S 123 -1.75 11.41 5.48
N ALA S 124 -2.55 11.30 4.42
CA ALA S 124 -2.07 11.67 3.09
C ALA S 124 -1.72 13.15 3.03
N ILE S 125 -2.57 14.00 3.62
CA ILE S 125 -2.27 15.42 3.66
C ILE S 125 -0.97 15.68 4.43
N LEU S 126 -0.77 14.96 5.55
CA LEU S 126 0.43 15.12 6.34
C LEU S 126 1.68 14.68 5.57
N ALA S 127 1.57 13.59 4.82
CA ALA S 127 2.70 13.15 4.00
C ALA S 127 3.04 14.20 2.94
N TYR S 128 2.02 14.74 2.27
CA TYR S 128 2.27 15.78 1.27
C TYR S 128 2.91 17.01 1.91
N VAL S 129 2.41 17.43 3.06
CA VAL S 129 2.96 18.60 3.73
C VAL S 129 4.40 18.35 4.16
N SER S 130 4.67 17.16 4.70
CA SER S 130 6.04 16.82 5.09
C SER S 130 6.97 16.85 3.88
N LEU S 131 6.46 16.46 2.71
CA LEU S 131 7.31 16.45 1.53
C LEU S 131 7.55 17.86 0.99
N VAL S 132 6.55 18.75 1.07
CA VAL S 132 6.66 20.07 0.48
C VAL S 132 6.88 21.19 1.51
N VAL S 133 6.61 20.95 2.78
CA VAL S 133 6.73 22.02 3.77
C VAL S 133 7.70 21.63 4.87
N ILE S 134 7.40 20.55 5.58
CA ILE S 134 8.15 20.21 6.79
C ILE S 134 9.61 19.89 6.45
N ARG S 135 9.83 18.99 5.48
CA ARG S 135 11.21 18.61 5.15
C ARG S 135 12.01 19.77 4.58
N PRO S 136 11.52 20.54 3.60
CA PRO S 136 12.29 21.72 3.16
C PRO S 136 12.49 22.77 4.24
N VAL S 137 11.53 22.91 5.17
CA VAL S 137 11.69 23.90 6.24
C VAL S 137 12.78 23.48 7.20
N MET S 138 12.80 22.20 7.61
CA MET S 138 13.87 21.71 8.46
C MET S 138 15.18 21.52 7.70
N MET S 139 15.16 21.56 6.36
CA MET S 139 16.38 21.47 5.57
C MET S 139 16.94 22.84 5.19
N GLY S 140 16.14 23.90 5.29
CA GLY S 140 16.64 25.24 5.15
C GLY S 140 16.34 25.95 3.83
N ALA S 141 15.58 25.33 2.93
CA ALA S 141 15.28 25.97 1.67
C ALA S 141 14.06 25.30 1.03
N TRP S 142 13.27 26.10 0.31
CA TRP S 142 12.14 25.56 -0.43
C TRP S 142 12.56 24.72 -1.62
N GLY S 143 13.83 24.77 -2.00
CA GLY S 143 14.30 24.03 -3.17
C GLY S 143 14.31 22.53 -3.01
N TYR S 144 14.08 22.03 -1.79
CA TYR S 144 14.08 20.60 -1.53
C TYR S 144 12.70 19.97 -1.66
N GLY S 145 11.66 20.76 -1.95
CA GLY S 145 10.38 20.18 -2.26
C GLY S 145 10.33 19.67 -3.69
N PHE S 146 9.49 18.66 -3.92
CA PHE S 146 9.51 18.08 -5.25
C PHE S 146 8.80 19.00 -6.24
N PRO S 147 9.33 19.11 -7.46
CA PRO S 147 8.64 19.91 -8.48
C PRO S 147 7.33 19.27 -8.89
N TYR S 148 6.38 20.10 -9.29
CA TYR S 148 5.04 19.64 -9.66
C TYR S 148 5.03 19.31 -11.15
N GLY S 149 5.53 18.11 -11.46
CA GLY S 149 5.57 17.63 -12.83
C GLY S 149 5.37 16.14 -12.86
N PHE S 150 4.84 15.65 -13.99
CA PHE S 150 4.58 14.22 -14.12
C PHE S 150 5.87 13.41 -14.06
N MET S 151 6.91 13.89 -14.73
CA MET S 151 8.22 13.26 -14.73
C MET S 151 9.24 13.92 -13.83
N THR S 152 9.16 15.23 -13.63
CA THR S 152 10.18 15.91 -12.85
C THR S 152 10.10 15.57 -11.36
N HIS S 153 8.91 15.23 -10.86
CA HIS S 153 8.85 14.77 -9.48
C HIS S 153 9.45 13.37 -9.33
N LEU S 154 9.35 12.54 -10.38
CA LEU S 154 10.05 11.27 -10.37
C LEU S 154 11.56 11.47 -10.43
N ASP S 155 12.03 12.43 -11.23
CA ASP S 155 13.45 12.76 -11.24
C ASP S 155 13.91 13.26 -9.87
N TRP S 156 13.06 14.06 -9.21
CA TRP S 156 13.35 14.49 -7.85
C TRP S 156 13.47 13.31 -6.91
N VAL S 157 12.56 12.34 -7.04
CA VAL S 157 12.61 11.15 -6.18
C VAL S 157 13.92 10.40 -6.40
N SER S 158 14.30 10.22 -7.67
CA SER S 158 15.53 9.51 -7.99
C SER S 158 16.75 10.23 -7.43
N ASN S 159 16.84 11.54 -7.67
CA ASN S 159 18.00 12.30 -7.21
C ASN S 159 18.08 12.33 -5.68
N THR S 160 16.93 12.50 -5.01
CA THR S 160 16.94 12.52 -3.55
C THR S 160 17.33 11.17 -2.98
N GLY S 161 16.85 10.09 -3.59
CA GLY S 161 17.22 8.77 -3.12
C GLY S 161 18.63 8.35 -3.42
N TYR S 162 19.26 8.93 -4.45
CA TYR S 162 20.66 8.67 -4.74
C TYR S 162 21.59 9.66 -4.07
N GLN S 163 21.10 10.65 -3.36
CA GLN S 163 21.97 11.57 -2.66
C GLN S 163 22.54 10.87 -1.46
N TYR S 164 21.84 9.87 -0.98
CA TYR S 164 22.29 9.11 0.19
C TYR S 164 22.82 7.75 -0.22
N ALA S 165 23.57 7.72 -1.32
CA ALA S 165 24.18 6.51 -1.87
C ALA S 165 23.13 5.52 -2.33
N ASN S 166 22.42 4.90 -1.39
CA ASN S 166 21.36 3.97 -1.72
C ASN S 166 20.23 4.12 -0.71
N PHE S 167 19.07 4.59 -1.19
CA PHE S 167 17.91 4.75 -0.33
C PHE S 167 17.31 3.42 0.11
N HIS S 168 17.67 2.32 -0.54
CA HIS S 168 17.15 1.01 -0.15
C HIS S 168 17.56 0.62 1.26
N TYR S 169 18.62 1.23 1.78
CA TYR S 169 19.18 0.86 3.09
C TYR S 169 18.66 1.74 4.22
N ASN S 170 17.72 2.65 3.93
CA ASN S 170 17.12 3.46 4.98
C ASN S 170 16.22 2.58 5.83
N PRO S 171 16.48 2.44 7.13
CA PRO S 171 15.70 1.48 7.95
C PRO S 171 14.21 1.76 7.98
N ALA S 172 13.80 3.03 8.03
CA ALA S 172 12.38 3.35 7.99
C ALA S 172 11.80 3.18 6.60
N HIS S 173 12.61 3.36 5.56
CA HIS S 173 12.17 3.13 4.19
C HIS S 173 11.92 1.65 3.94
N MET S 174 12.73 0.77 4.53
CA MET S 174 12.45 -0.67 4.46
C MET S 174 11.11 -1.00 5.11
N LEU S 175 10.80 -0.43 6.25
CA LEU S 175 9.52 -0.67 6.92
C LEU S 175 8.39 -0.11 6.10
N GLY S 176 8.54 1.06 5.50
CA GLY S 176 7.52 1.57 4.60
C GLY S 176 7.27 0.67 3.41
N ILE S 177 8.33 0.13 2.82
CA ILE S 177 8.18 -0.81 1.71
C ILE S 177 7.45 -2.06 2.17
N THR S 178 7.83 -2.59 3.35
CA THR S 178 7.19 -3.79 3.87
C THR S 178 5.70 -3.57 4.08
N LEU S 179 5.33 -2.45 4.69
CA LEU S 179 3.92 -2.17 4.94
C LEU S 179 3.16 -1.86 3.65
N PHE S 180 3.81 -1.23 2.67
CA PHE S 180 3.13 -0.99 1.40
C PHE S 180 2.86 -2.29 0.65
N PHE S 181 3.82 -3.22 0.65
CA PHE S 181 3.58 -4.53 0.04
C PHE S 181 2.54 -5.32 0.80
N THR S 182 2.58 -5.28 2.13
CA THR S 182 1.59 -5.97 2.95
C THR S 182 0.19 -5.40 2.77
N THR S 183 0.05 -4.09 2.57
CA THR S 183 -1.25 -3.50 2.31
C THR S 183 -1.86 -4.03 1.02
N CYS S 184 -1.06 -4.12 -0.04
CA CYS S 184 -1.54 -4.70 -1.29
C CYS S 184 -1.87 -6.19 -1.15
N LEU S 185 -1.03 -6.95 -0.44
CA LEU S 185 -1.33 -8.36 -0.24
C LEU S 185 -2.62 -8.55 0.55
N ALA S 186 -2.80 -7.78 1.63
CA ALA S 186 -4.02 -7.85 2.42
C ALA S 186 -5.25 -7.37 1.66
N LEU S 187 -5.11 -6.34 0.82
CA LEU S 187 -6.22 -5.91 -0.02
C LEU S 187 -6.62 -7.00 -1.01
N ALA S 188 -5.64 -7.64 -1.64
CA ALA S 188 -5.95 -8.75 -2.54
C ALA S 188 -6.66 -9.87 -1.80
N LEU S 189 -6.15 -10.24 -0.61
CA LEU S 189 -6.78 -11.32 0.15
C LEU S 189 -8.20 -10.96 0.57
N HIS S 190 -8.42 -9.72 1.02
CA HIS S 190 -9.73 -9.32 1.50
C HIS S 190 -10.75 -9.24 0.38
N GLY S 191 -10.38 -8.58 -0.73
CA GLY S 191 -11.28 -8.56 -1.87
C GLY S 191 -11.56 -9.95 -2.40
N SER S 192 -10.54 -10.80 -2.44
CA SER S 192 -10.71 -12.16 -2.92
C SER S 192 -11.68 -12.95 -2.04
N LEU S 193 -11.52 -12.84 -0.72
CA LEU S 193 -12.40 -13.59 0.17
C LEU S 193 -13.83 -13.08 0.08
N ILE S 194 -14.02 -11.76 0.05
CA ILE S 194 -15.38 -11.22 0.00
C ILE S 194 -16.05 -11.61 -1.32
N LEU S 195 -15.33 -11.50 -2.44
CA LEU S 195 -15.89 -11.88 -3.72
C LEU S 195 -16.13 -13.38 -3.84
N SER S 196 -15.28 -14.20 -3.23
CA SER S 196 -15.49 -15.64 -3.25
C SER S 196 -16.66 -16.07 -2.36
N ALA S 197 -16.93 -15.34 -1.29
CA ALA S 197 -18.11 -15.61 -0.48
C ALA S 197 -19.39 -15.13 -1.17
N ALA S 198 -19.34 -13.96 -1.80
CA ALA S 198 -20.53 -13.43 -2.46
C ALA S 198 -20.83 -14.16 -3.77
N ASN S 199 -19.80 -14.70 -4.43
CA ASN S 199 -19.93 -15.40 -5.71
C ASN S 199 -19.29 -16.77 -5.56
N PRO S 200 -20.01 -17.73 -5.00
CA PRO S 200 -19.40 -19.03 -4.72
C PRO S 200 -19.42 -19.98 -5.92
N GLY S 201 -19.62 -19.43 -7.10
CA GLY S 201 -19.73 -20.25 -8.28
C GLY S 201 -21.17 -20.47 -8.68
N LYS S 202 -21.38 -20.68 -9.98
CA LYS S 202 -22.73 -20.84 -10.50
C LYS S 202 -23.38 -22.09 -9.93
N GLY S 203 -24.62 -21.96 -9.46
CA GLY S 203 -25.33 -23.08 -8.87
C GLY S 203 -25.03 -23.34 -7.41
N GLU S 204 -24.33 -22.38 -6.78
CA GLU S 204 -23.99 -22.52 -5.39
C GLU S 204 -24.59 -21.44 -4.54
N VAL S 205 -24.72 -21.67 -3.25
CA VAL S 205 -25.38 -20.74 -2.34
C VAL S 205 -24.33 -19.81 -1.73
N VAL S 206 -24.74 -18.55 -1.50
CA VAL S 206 -23.83 -17.56 -0.93
C VAL S 206 -23.38 -18.00 0.45
N LYS S 207 -22.09 -17.86 0.72
CA LYS S 207 -21.49 -18.29 1.96
C LYS S 207 -21.49 -17.16 2.98
N GLY S 208 -21.10 -17.49 4.21
CA GLY S 208 -21.15 -16.54 5.30
C GLY S 208 -19.86 -16.46 6.09
N PRO S 209 -19.92 -15.77 7.24
CA PRO S 209 -18.70 -15.56 8.04
C PRO S 209 -18.04 -16.86 8.48
N GLU S 210 -18.84 -17.89 8.70
CA GLU S 210 -18.29 -19.18 9.06
C GLU S 210 -17.35 -19.62 7.98
N HIS S 211 -17.83 -19.69 6.75
CA HIS S 211 -17.03 -20.13 5.63
C HIS S 211 -15.83 -19.21 5.39
N GLU S 212 -16.03 -17.89 5.53
CA GLU S 212 -14.91 -16.97 5.34
C GLU S 212 -13.78 -17.24 6.33
N ASN S 213 -14.12 -17.44 7.60
CA ASN S 213 -13.10 -17.75 8.60
C ASN S 213 -12.47 -19.10 8.34
N THR S 214 -13.30 -20.09 7.98
CA THR S 214 -12.80 -21.46 7.79
C THR S 214 -11.82 -21.54 6.62
N TYR S 215 -12.09 -20.80 5.54
CA TYR S 215 -11.23 -20.85 4.38
C TYR S 215 -9.80 -20.44 4.74
N PHE S 216 -9.66 -19.26 5.35
CA PHE S 216 -8.31 -18.77 5.65
C PHE S 216 -7.68 -19.54 6.81
N GLN S 217 -8.48 -20.02 7.76
CA GLN S 217 -7.92 -20.90 8.78
C GLN S 217 -7.31 -22.14 8.15
N ASP S 218 -8.07 -22.82 7.29
CA ASP S 218 -7.60 -24.03 6.64
C ASP S 218 -6.37 -23.76 5.79
N THR S 219 -6.36 -22.64 5.06
CA THR S 219 -5.26 -22.38 4.14
C THR S 219 -4.00 -21.95 4.88
N ILE S 220 -4.06 -20.86 5.63
CA ILE S 220 -2.83 -20.27 6.18
C ILE S 220 -2.64 -20.53 7.68
N GLY S 221 -3.70 -20.89 8.40
CA GLY S 221 -3.58 -21.24 9.80
C GLY S 221 -4.38 -20.36 10.75
N TYR S 222 -4.77 -19.16 10.33
CA TYR S 222 -5.49 -18.26 11.22
C TYR S 222 -6.28 -17.26 10.40
N SER S 223 -7.21 -16.58 11.08
CA SER S 223 -8.03 -15.52 10.51
C SER S 223 -7.98 -14.30 11.42
N VAL S 224 -8.60 -13.22 10.97
CA VAL S 224 -8.66 -11.97 11.72
C VAL S 224 -10.09 -11.64 12.13
N GLY S 225 -11.04 -11.69 11.21
CA GLY S 225 -12.43 -11.40 11.49
C GLY S 225 -13.05 -10.53 10.41
N THR S 226 -14.28 -10.10 10.69
CA THR S 226 -15.03 -9.28 9.75
C THR S 226 -14.65 -7.81 9.82
N LEU S 227 -14.50 -7.25 11.02
CA LEU S 227 -14.03 -5.89 11.21
C LEU S 227 -12.55 -5.81 11.53
N GLY S 228 -11.95 -6.88 12.05
CA GLY S 228 -10.52 -6.88 12.29
C GLY S 228 -9.73 -6.72 11.00
N ILE S 229 -10.23 -7.28 9.90
CA ILE S 229 -9.53 -7.14 8.63
C ILE S 229 -9.53 -5.69 8.15
N HIS S 230 -10.65 -4.99 8.29
CA HIS S 230 -10.70 -3.59 7.91
C HIS S 230 -9.83 -2.72 8.81
N ARG S 231 -9.86 -2.97 10.11
CA ARG S 231 -8.97 -2.25 11.02
C ARG S 231 -7.52 -2.50 10.68
N VAL S 232 -7.17 -3.75 10.37
CA VAL S 232 -5.80 -4.10 10.02
C VAL S 232 -5.38 -3.41 8.73
N GLY S 233 -6.27 -3.38 7.73
CA GLY S 233 -5.95 -2.71 6.48
C GLY S 233 -5.73 -1.21 6.65
N LEU S 234 -6.62 -0.56 7.40
CA LEU S 234 -6.46 0.87 7.66
C LEU S 234 -5.15 1.13 8.39
N ILE S 235 -4.86 0.33 9.43
CA ILE S 235 -3.64 0.53 10.21
C ILE S 235 -2.41 0.27 9.35
N LEU S 236 -2.49 -0.71 8.44
CA LEU S 236 -1.37 -1.00 7.56
C LEU S 236 -1.09 0.16 6.61
N ALA S 237 -2.13 0.69 5.97
CA ALA S 237 -1.92 1.80 5.05
C ALA S 237 -1.39 3.04 5.79
N LEU S 238 -2.00 3.37 6.94
CA LEU S 238 -1.55 4.52 7.69
C LEU S 238 -0.15 4.35 8.26
N SER S 239 0.22 3.13 8.68
CA SER S 239 1.58 2.88 9.16
C SER S 239 2.59 2.97 8.02
N ALA S 240 2.23 2.49 6.83
CA ALA S 240 3.12 2.67 5.68
C ALA S 240 3.36 4.13 5.40
N VAL S 241 2.30 4.94 5.41
CA VAL S 241 2.47 6.38 5.18
C VAL S 241 3.29 7.02 6.29
N VAL S 242 3.05 6.63 7.55
CA VAL S 242 3.77 7.22 8.67
C VAL S 242 5.25 6.87 8.60
N TRP S 243 5.60 5.63 8.29
CA TRP S 243 7.00 5.26 8.17
C TRP S 243 7.68 5.86 6.95
N SER S 244 6.94 6.08 5.87
CA SER S 244 7.47 6.89 4.76
C SER S 244 7.76 8.32 5.19
N ILE S 245 6.86 8.95 5.95
CA ILE S 245 7.13 10.28 6.49
C ILE S 245 8.37 10.26 7.37
N ILE S 246 8.50 9.23 8.21
CA ILE S 246 9.64 9.14 9.11
C ILE S 246 10.94 9.00 8.33
N CYS S 247 10.95 8.14 7.30
CA CYS S 247 12.17 7.96 6.52
C CYS S 247 12.55 9.26 5.79
N MET S 248 11.55 9.98 5.28
CA MET S 248 11.86 11.25 4.63
C MET S 248 12.34 12.30 5.61
N ILE S 249 11.82 12.31 6.83
CA ILE S 249 12.31 13.24 7.85
C ILE S 249 13.74 12.88 8.25
N LEU S 250 14.05 11.59 8.32
CA LEU S 250 15.41 11.16 8.66
C LEU S 250 16.39 11.49 7.54
N SER S 251 15.96 11.41 6.28
CA SER S 251 16.86 11.52 5.15
C SER S 251 17.08 13.00 4.81
N GLY S 252 18.07 13.61 5.46
CA GLY S 252 18.52 14.94 5.12
C GLY S 252 18.37 15.96 6.23
N PRO S 253 17.21 16.00 6.90
CA PRO S 253 17.12 16.85 8.10
C PRO S 253 17.92 16.31 9.27
N ILE S 254 17.87 15.01 9.52
CA ILE S 254 18.57 14.41 10.65
C ILE S 254 19.82 13.70 10.17
N TYR S 255 19.67 12.74 9.28
CA TYR S 255 20.80 11.97 8.77
C TYR S 255 21.16 12.48 7.37
N THR S 256 22.44 12.84 7.19
CA THR S 256 22.92 13.39 5.93
C THR S 256 23.90 12.48 5.22
N GLY S 257 24.34 11.39 5.84
CA GLY S 257 25.35 10.52 5.28
C GLY S 257 24.78 9.44 4.40
N SER S 258 25.57 8.37 4.23
CA SER S 258 25.18 7.26 3.37
C SER S 258 24.40 6.23 4.17
N TRP S 259 23.18 5.93 3.71
CA TRP S 259 22.39 4.89 4.37
C TRP S 259 23.04 3.51 4.32
N PRO S 260 23.65 3.06 3.22
CA PRO S 260 24.41 1.78 3.29
C PRO S 260 25.49 1.80 4.35
N ASP S 261 26.17 2.93 4.54
CA ASP S 261 27.19 3.06 5.57
C ASP S 261 26.59 3.16 6.97
N TRP S 262 25.32 3.53 7.09
CA TRP S 262 24.66 3.56 8.39
C TRP S 262 24.56 2.18 9.03
N TRP S 263 24.66 1.12 8.23
CA TRP S 263 24.44 -0.24 8.71
C TRP S 263 25.68 -0.90 9.29
N LEU S 264 26.79 -0.17 9.39
CA LEU S 264 28.00 -0.74 9.96
C LEU S 264 27.86 -1.04 11.45
N TRP S 265 26.91 -0.39 12.13
CA TRP S 265 26.71 -0.65 13.55
C TRP S 265 26.34 -2.11 13.81
N TRP S 266 25.60 -2.73 12.89
CA TRP S 266 25.24 -4.14 13.05
C TRP S 266 26.48 -5.01 13.01
N GLN S 267 27.43 -4.72 12.11
CA GLN S 267 28.66 -5.49 12.02
C GLN S 267 29.66 -5.11 13.11
N LYS S 268 29.45 -4.00 13.81
CA LYS S 268 30.32 -3.58 14.89
C LYS S 268 29.79 -3.96 16.27
N LEU S 269 28.77 -4.80 16.34
CA LEU S 269 28.21 -5.20 17.63
C LEU S 269 29.25 -6.01 18.42
N PRO S 270 29.28 -5.86 19.74
CA PRO S 270 30.35 -6.48 20.53
C PRO S 270 30.42 -7.99 20.42
N PHE S 271 29.30 -8.68 20.27
CA PHE S 271 29.31 -10.13 20.23
C PHE S 271 29.72 -10.69 18.87
N TRP S 272 29.89 -9.84 17.86
CA TRP S 272 30.39 -10.28 16.57
C TRP S 272 31.62 -9.52 16.10
N ASN S 273 32.05 -8.48 16.82
CA ASN S 273 33.16 -7.63 16.39
C ASN S 273 34.46 -8.40 16.57
N HIS S 274 34.92 -9.00 15.47
CA HIS S 274 36.18 -9.74 15.48
C HIS S 274 37.21 -9.06 14.59
N GLY T 1 -3.08 -23.32 13.51
CA GLY T 1 -4.26 -23.93 14.08
C GLY T 1 -4.83 -25.03 13.21
N PRO T 2 -6.12 -24.92 12.86
CA PRO T 2 -6.77 -25.91 11.99
C PRO T 2 -6.40 -25.77 10.52
N ILE T 3 -5.10 -25.88 10.23
CA ILE T 3 -4.60 -25.70 8.86
C ILE T 3 -4.78 -27.03 8.11
N TYR T 4 -5.52 -26.99 7.00
CA TYR T 4 -5.74 -28.16 6.17
C TYR T 4 -4.68 -28.16 5.08
N LEU T 5 -3.78 -29.15 5.13
CA LEU T 5 -2.72 -29.27 4.13
C LEU T 5 -3.14 -30.14 2.96
N GLY T 6 -3.55 -31.38 3.24
CA GLY T 6 -3.86 -32.32 2.20
C GLY T 6 -2.62 -32.78 1.47
N THR T 7 -2.85 -33.53 0.38
CA THR T 7 -1.73 -34.01 -0.43
C THR T 7 -0.98 -32.85 -1.06
N THR T 8 -1.71 -31.88 -1.61
CA THR T 8 -1.06 -30.74 -2.26
C THR T 8 -0.28 -29.92 -1.23
N GLY T 9 -0.84 -29.74 -0.04
CA GLY T 9 -0.12 -29.03 1.00
C GLY T 9 1.14 -29.76 1.45
N VAL T 10 1.06 -31.08 1.57
CA VAL T 10 2.25 -31.85 1.93
C VAL T 10 3.33 -31.70 0.86
N LEU T 11 2.95 -31.78 -0.40
CA LEU T 11 3.90 -31.61 -1.47
C LEU T 11 4.53 -30.26 -1.41
N SER T 12 3.71 -29.22 -1.34
CA SER T 12 4.21 -27.85 -1.33
C SER T 12 5.14 -27.61 -0.15
N LEU T 13 4.77 -28.11 1.03
CA LEU T 13 5.60 -27.93 2.21
C LEU T 13 6.93 -28.64 2.06
N VAL T 14 6.93 -29.86 1.52
CA VAL T 14 8.17 -30.60 1.34
C VAL T 14 9.09 -29.86 0.36
N PHE T 15 8.53 -29.42 -0.77
CA PHE T 15 9.35 -28.72 -1.76
C PHE T 15 9.91 -27.42 -1.19
N GLY T 16 9.06 -26.61 -0.56
CA GLY T 16 9.51 -25.35 0.00
C GLY T 16 10.51 -25.55 1.12
N PHE T 17 10.33 -26.61 1.92
CA PHE T 17 11.28 -26.89 2.99
C PHE T 17 12.63 -27.28 2.45
N PHE T 18 12.65 -28.09 1.38
CA PHE T 18 13.92 -28.41 0.72
C PHE T 18 14.59 -27.15 0.19
N ALA T 19 13.82 -26.27 -0.43
CA ALA T 19 14.40 -25.03 -0.95
C ALA T 19 14.95 -24.17 0.17
N ILE T 20 14.21 -24.02 1.26
CA ILE T 20 14.66 -23.21 2.39
C ILE T 20 15.91 -23.81 3.01
N GLU T 21 15.96 -25.13 3.16
CA GLU T 21 17.13 -25.77 3.72
C GLU T 21 18.35 -25.57 2.83
N ILE T 22 18.18 -25.69 1.51
CA ILE T 22 19.30 -25.47 0.59
C ILE T 22 19.81 -24.04 0.71
N ILE T 23 18.89 -23.07 0.73
CA ILE T 23 19.29 -21.66 0.80
C ILE T 23 20.01 -21.39 2.12
N GLY T 24 19.46 -21.87 3.22
CA GLY T 24 20.08 -21.62 4.51
C GLY T 24 21.43 -22.30 4.66
N PHE T 25 21.56 -23.52 4.16
CA PHE T 25 22.85 -24.21 4.21
C PHE T 25 23.88 -23.49 3.36
N ASN T 26 23.49 -22.99 2.19
CA ASN T 26 24.43 -22.23 1.36
C ASN T 26 24.85 -20.94 2.06
N LEU T 27 23.89 -20.24 2.68
CA LEU T 27 24.23 -19.01 3.40
C LEU T 27 25.18 -19.30 4.54
N LEU T 28 24.95 -20.37 5.29
CA LEU T 28 25.82 -20.70 6.41
C LEU T 28 27.19 -21.16 5.94
N ALA T 29 27.26 -21.85 4.81
CA ALA T 29 28.55 -22.27 4.27
C ALA T 29 29.34 -21.09 3.74
N SER T 30 28.65 -20.04 3.27
CA SER T 30 29.35 -18.86 2.76
C SER T 30 30.20 -18.17 3.82
N VAL T 31 29.82 -18.30 5.09
CA VAL T 31 30.60 -17.73 6.19
C VAL T 31 31.43 -18.81 6.90
N ASN T 32 31.72 -19.90 6.21
CA ASN T 32 32.52 -21.00 6.75
C ASN T 32 31.90 -21.56 8.04
N TRP T 33 30.58 -21.66 8.04
CA TRP T 33 29.81 -22.28 9.13
C TRP T 33 29.96 -21.55 10.45
N SER T 34 30.27 -20.25 10.43
CA SER T 34 30.40 -19.48 11.65
C SER T 34 29.03 -18.95 12.05
N PRO T 35 28.49 -19.35 13.21
CA PRO T 35 27.26 -18.69 13.69
C PRO T 35 27.46 -17.20 13.94
N MET T 36 28.63 -16.83 14.44
CA MET T 36 28.90 -15.42 14.70
C MET T 36 28.91 -14.61 13.41
N GLU T 37 29.65 -15.10 12.41
CA GLU T 37 29.69 -14.40 11.13
C GLU T 37 28.33 -14.45 10.42
N PHE T 38 27.57 -15.53 10.62
CA PHE T 38 26.23 -15.60 10.06
C PHE T 38 25.34 -14.51 10.63
N GLY T 39 25.38 -14.33 11.95
CA GLY T 39 24.63 -13.24 12.56
C GLY T 39 25.13 -11.88 12.14
N ARG T 40 26.47 -11.75 11.99
CA ARG T 40 27.05 -10.47 11.61
C ARG T 40 26.64 -10.06 10.20
N GLN T 41 26.65 -11.00 9.26
CA GLN T 41 26.48 -10.69 7.84
C GLN T 41 25.18 -11.25 7.27
N PHE T 42 24.20 -11.57 8.12
CA PHE T 42 22.99 -12.24 7.65
C PHE T 42 22.31 -11.47 6.53
N PHE T 43 22.22 -10.15 6.66
CA PHE T 43 21.61 -9.35 5.61
C PHE T 43 22.46 -9.38 4.34
N TRP T 44 23.78 -9.34 4.48
CA TRP T 44 24.67 -9.29 3.33
C TRP T 44 24.89 -10.65 2.67
N LEU T 45 24.54 -11.74 3.35
CA LEU T 45 24.67 -13.06 2.75
C LEU T 45 23.65 -13.25 1.64
N GLY T 46 24.04 -14.02 0.62
CA GLY T 46 23.15 -14.28 -0.49
C GLY T 46 23.60 -15.50 -1.27
N LEU T 47 22.65 -16.07 -2.00
CA LEU T 47 22.89 -17.20 -2.89
C LEU T 47 22.70 -16.71 -4.31
N GLU T 48 23.81 -16.47 -5.01
CA GLU T 48 23.77 -15.81 -6.31
C GLU T 48 23.39 -16.80 -7.41
N PRO T 49 22.71 -16.31 -8.46
CA PRO T 49 22.38 -17.16 -9.60
C PRO T 49 23.62 -17.45 -10.43
N PRO T 50 23.55 -18.45 -11.32
CA PRO T 50 24.73 -18.79 -12.11
C PRO T 50 25.11 -17.70 -13.09
N ALA T 51 26.36 -17.74 -13.54
CA ALA T 51 26.86 -16.78 -14.50
C ALA T 51 26.18 -16.97 -15.86
N ALA T 52 26.49 -16.07 -16.79
CA ALA T 52 25.82 -16.09 -18.09
C ALA T 52 26.35 -17.20 -18.98
N GLU T 53 27.60 -17.63 -18.79
CA GLU T 53 28.20 -18.61 -19.68
C GLU T 53 27.56 -19.98 -19.56
N TYR T 54 26.87 -20.27 -18.45
CA TYR T 54 26.23 -21.57 -18.27
C TYR T 54 24.89 -21.68 -18.97
N GLY T 55 24.32 -20.57 -19.43
CA GLY T 55 23.04 -20.62 -20.10
C GLY T 55 21.95 -21.06 -19.16
N LEU T 56 20.98 -21.79 -19.70
CA LEU T 56 19.88 -22.34 -18.91
C LEU T 56 20.16 -23.74 -18.38
N GLY T 57 21.35 -24.28 -18.64
CA GLY T 57 21.70 -25.59 -18.16
C GLY T 57 22.05 -25.60 -16.69
N PHE T 58 22.49 -26.77 -16.22
CA PHE T 58 22.83 -26.94 -14.81
C PHE T 58 24.26 -26.47 -14.57
N ALA T 59 24.39 -25.39 -13.83
CA ALA T 59 25.70 -24.90 -13.42
C ALA T 59 26.26 -25.77 -12.31
N PRO T 60 27.58 -25.73 -12.09
CA PRO T 60 28.16 -26.47 -10.97
C PRO T 60 27.58 -26.01 -9.65
N LEU T 61 27.59 -26.92 -8.67
CA LEU T 61 26.93 -26.66 -7.39
C LEU T 61 27.50 -25.42 -6.71
N ALA T 62 28.82 -25.27 -6.71
CA ALA T 62 29.44 -24.12 -6.09
C ALA T 62 29.35 -22.85 -6.94
N GLU T 63 28.86 -22.96 -8.18
CA GLU T 63 28.79 -21.84 -9.10
C GLU T 63 27.38 -21.65 -9.66
N GLY T 64 26.37 -21.70 -8.78
CA GLY T 64 25.00 -21.44 -9.17
C GLY T 64 24.11 -22.67 -9.26
N GLY T 65 24.67 -23.88 -9.18
CA GLY T 65 23.84 -25.07 -9.20
C GLY T 65 22.90 -25.14 -8.01
N TRP T 66 23.41 -24.80 -6.83
CA TRP T 66 22.54 -24.75 -5.65
C TRP T 66 21.45 -23.71 -5.81
N TRP T 67 21.77 -22.57 -6.41
CA TRP T 67 20.75 -21.57 -6.69
C TRP T 67 19.69 -22.11 -7.62
N GLN T 68 20.09 -22.82 -8.68
CA GLN T 68 19.12 -23.36 -9.61
C GLN T 68 18.21 -24.38 -8.94
N ILE T 69 18.80 -25.27 -8.14
CA ILE T 69 18.00 -26.29 -7.46
C ILE T 69 17.02 -25.64 -6.49
N ALA T 70 17.51 -24.70 -5.68
CA ALA T 70 16.64 -24.03 -4.72
C ALA T 70 15.54 -23.24 -5.40
N GLY T 71 15.87 -22.55 -6.50
CA GLY T 71 14.87 -21.79 -7.22
C GLY T 71 13.80 -22.67 -7.84
N PHE T 72 14.21 -23.79 -8.44
CA PHE T 72 13.23 -24.71 -9.01
C PHE T 72 12.33 -25.29 -7.92
N PHE T 73 12.91 -25.67 -6.79
CA PHE T 73 12.11 -26.21 -5.70
C PHE T 73 11.14 -25.17 -5.15
N LEU T 74 11.59 -23.92 -5.02
CA LEU T 74 10.72 -22.86 -4.54
C LEU T 74 9.60 -22.58 -5.53
N THR T 75 9.90 -22.58 -6.83
CA THR T 75 8.86 -22.38 -7.84
C THR T 75 7.84 -23.50 -7.80
N THR T 76 8.29 -24.75 -7.66
CA THR T 76 7.36 -25.87 -7.56
C THR T 76 6.50 -25.75 -6.30
N SER T 77 7.11 -25.35 -5.18
CA SER T 77 6.36 -25.19 -3.95
C SER T 77 5.30 -24.10 -4.10
N ILE T 78 5.64 -22.99 -4.75
CA ILE T 78 4.69 -21.89 -4.90
C ILE T 78 3.54 -22.29 -5.84
N LEU T 79 3.86 -23.01 -6.92
CA LEU T 79 2.81 -23.47 -7.81
C LEU T 79 1.89 -24.47 -7.14
N LEU T 80 2.46 -25.38 -6.32
CA LEU T 80 1.63 -26.30 -5.56
C LEU T 80 0.81 -25.57 -4.50
N TRP T 81 1.32 -24.48 -3.93
CA TRP T 81 0.50 -23.69 -3.02
C TRP T 81 -0.65 -23.02 -3.75
N TRP T 82 -0.42 -22.55 -4.98
CA TRP T 82 -1.52 -22.03 -5.78
C TRP T 82 -2.57 -23.10 -6.01
N VAL T 83 -2.14 -24.31 -6.35
CA VAL T 83 -3.07 -25.42 -6.52
C VAL T 83 -3.82 -25.69 -5.23
N ARG T 84 -3.12 -25.59 -4.09
CA ARG T 84 -3.75 -25.81 -2.79
C ARG T 84 -4.84 -24.80 -2.53
N MET T 85 -4.57 -23.51 -2.77
CA MET T 85 -5.57 -22.50 -2.47
C MET T 85 -6.70 -22.50 -3.49
N TYR T 86 -6.46 -23.04 -4.68
CA TYR T 86 -7.55 -23.31 -5.61
C TYR T 86 -8.44 -24.42 -5.08
N ARG T 87 -7.82 -25.53 -4.64
CA ARG T 87 -8.59 -26.69 -4.23
C ARG T 87 -9.33 -26.47 -2.91
N ARG T 88 -8.74 -25.69 -1.99
CA ARG T 88 -9.45 -25.38 -0.75
C ARG T 88 -10.71 -24.56 -1.02
N ALA T 89 -10.60 -23.56 -1.90
CA ALA T 89 -11.77 -22.78 -2.29
C ALA T 89 -12.81 -23.64 -2.98
N ARG T 90 -12.37 -24.54 -3.84
CA ARG T 90 -13.32 -25.45 -4.49
C ARG T 90 -13.99 -26.38 -3.48
N ALA T 91 -13.23 -26.87 -2.49
CA ALA T 91 -13.79 -27.78 -1.50
C ALA T 91 -14.80 -27.08 -0.61
N LEU T 92 -14.53 -25.83 -0.24
CA LEU T 92 -15.48 -25.07 0.56
C LEU T 92 -16.62 -24.49 -0.26
N LYS T 93 -16.77 -24.94 -1.50
CA LYS T 93 -17.82 -24.44 -2.39
C LYS T 93 -17.79 -22.95 -2.47
N MET T 94 -16.63 -22.37 -2.72
CA MET T 94 -16.44 -20.94 -2.81
C MET T 94 -15.71 -20.60 -4.11
N GLY T 95 -15.60 -19.31 -4.39
CA GLY T 95 -14.93 -18.87 -5.59
C GLY T 95 -13.42 -18.95 -5.49
N THR T 96 -12.77 -18.95 -6.65
CA THR T 96 -11.32 -19.06 -6.75
C THR T 96 -10.66 -17.70 -6.95
N HIS T 97 -11.28 -16.63 -6.44
CA HIS T 97 -10.70 -15.30 -6.58
C HIS T 97 -9.37 -15.19 -5.86
N THR T 98 -9.22 -15.85 -4.71
CA THR T 98 -7.94 -15.82 -4.01
C THR T 98 -6.85 -16.49 -4.83
N ALA T 99 -7.16 -17.65 -5.42
CA ALA T 99 -6.18 -18.33 -6.27
C ALA T 99 -5.81 -17.48 -7.48
N TRP T 100 -6.80 -16.82 -8.09
CA TRP T 100 -6.51 -16.04 -9.29
C TRP T 100 -5.89 -14.69 -8.97
N ALA T 101 -5.95 -14.24 -7.72
CA ALA T 101 -5.17 -13.07 -7.32
C ALA T 101 -3.75 -13.46 -6.96
N PHE T 102 -3.57 -14.63 -6.35
CA PHE T 102 -2.23 -15.17 -6.12
C PHE T 102 -1.52 -15.49 -7.43
N ALA T 103 -2.29 -15.80 -8.48
CA ALA T 103 -1.70 -16.08 -9.78
C ALA T 103 -0.93 -14.88 -10.33
N SER T 104 -1.39 -13.66 -10.05
CA SER T 104 -0.68 -12.48 -10.52
C SER T 104 0.66 -12.32 -9.83
N ALA T 105 0.70 -12.53 -8.51
CA ALA T 105 1.97 -12.49 -7.79
C ALA T 105 2.90 -13.58 -8.27
N ILE T 106 2.35 -14.77 -8.54
CA ILE T 106 3.17 -15.86 -9.07
C ILE T 106 3.71 -15.50 -10.45
N PHE T 107 2.90 -14.83 -11.26
CA PHE T 107 3.36 -14.38 -12.57
C PHE T 107 4.52 -13.42 -12.44
N LEU T 108 4.42 -12.47 -11.51
CA LEU T 108 5.53 -11.53 -11.30
C LEU T 108 6.77 -12.25 -10.78
N PHE T 109 6.59 -13.19 -9.86
CA PHE T 109 7.72 -13.95 -9.32
C PHE T 109 8.42 -14.75 -10.40
N LEU T 110 7.64 -15.39 -11.28
CA LEU T 110 8.23 -16.14 -12.38
C LEU T 110 8.91 -15.24 -13.39
N SER T 111 8.32 -14.07 -13.65
CA SER T 111 8.94 -13.11 -14.57
C SER T 111 10.28 -12.64 -14.03
N LEU T 112 10.35 -12.33 -12.74
CA LEU T 112 11.62 -11.93 -12.14
C LEU T 112 12.62 -13.07 -12.16
N GLY T 113 12.18 -14.28 -11.83
CA GLY T 113 13.10 -15.38 -11.61
C GLY T 113 13.34 -16.31 -12.78
N PHE T 114 12.28 -16.69 -13.49
CA PHE T 114 12.43 -17.73 -14.50
C PHE T 114 12.10 -17.29 -15.92
N ILE T 115 11.00 -16.56 -16.13
CA ILE T 115 10.53 -16.30 -17.49
C ILE T 115 11.48 -15.35 -18.22
N ARG T 116 11.88 -14.26 -17.55
CA ARG T 116 12.81 -13.34 -18.18
C ARG T 116 14.17 -13.97 -18.44
N PRO T 117 14.75 -14.71 -17.48
CA PRO T 117 15.98 -15.46 -17.80
C PRO T 117 15.79 -16.46 -18.93
N LEU T 118 14.62 -17.08 -19.03
CA LEU T 118 14.35 -17.98 -20.15
C LEU T 118 14.38 -17.23 -21.47
N LEU T 119 13.79 -16.04 -21.51
CA LEU T 119 13.80 -15.23 -22.72
C LEU T 119 15.21 -14.76 -23.05
N MET T 120 15.99 -14.38 -22.04
CA MET T 120 17.32 -13.84 -22.26
C MET T 120 18.40 -14.89 -22.47
N GLY T 121 18.11 -16.16 -22.17
CA GLY T 121 19.02 -17.24 -22.45
C GLY T 121 19.93 -17.66 -21.31
N ASN T 122 19.91 -16.95 -20.17
CA ASN T 122 20.76 -17.32 -19.05
C ASN T 122 20.15 -16.77 -17.76
N PHE T 123 20.63 -17.33 -16.64
CA PHE T 123 20.14 -16.97 -15.32
C PHE T 123 20.98 -15.90 -14.63
N SER T 124 21.84 -15.20 -15.38
CA SER T 124 22.79 -14.28 -14.76
C SER T 124 22.09 -13.14 -14.05
N GLU T 125 21.02 -12.60 -14.64
CA GLU T 125 20.31 -11.45 -14.09
C GLU T 125 19.10 -11.85 -13.25
N SER T 126 19.06 -13.08 -12.76
CA SER T 126 17.98 -13.51 -11.89
C SER T 126 18.21 -12.97 -10.47
N VAL T 127 17.17 -13.04 -9.66
CA VAL T 127 17.20 -12.46 -8.32
C VAL T 127 17.90 -13.42 -7.35
N PRO T 128 18.97 -13.01 -6.70
CA PRO T 128 19.63 -13.87 -5.70
C PRO T 128 18.83 -13.96 -4.41
N PHE T 129 19.08 -15.02 -3.67
CA PHE T 129 18.37 -15.29 -2.42
C PHE T 129 19.14 -14.63 -1.28
N GLY T 130 18.69 -13.43 -0.88
CA GLY T 130 19.29 -12.69 0.20
C GLY T 130 18.69 -11.31 0.29
N ILE T 131 18.60 -10.74 1.49
CA ILE T 131 17.92 -9.47 1.69
C ILE T 131 18.64 -8.36 0.92
N PHE T 132 19.87 -8.08 1.33
CA PHE T 132 20.66 -7.04 0.68
C PHE T 132 21.09 -7.46 -0.72
N PRO T 133 21.41 -8.74 -0.98
CA PRO T 133 21.65 -9.13 -2.38
C PRO T 133 20.48 -8.83 -3.31
N HIS T 134 19.23 -9.04 -2.87
CA HIS T 134 18.11 -8.80 -3.76
C HIS T 134 17.76 -7.31 -3.84
N LEU T 135 18.03 -6.56 -2.76
CA LEU T 135 17.94 -5.10 -2.86
C LEU T 135 18.96 -4.57 -3.87
N GLU T 136 20.19 -5.08 -3.82
CA GLU T 136 21.21 -4.66 -4.77
C GLU T 136 20.89 -5.12 -6.18
N TRP T 137 20.25 -6.27 -6.33
CA TRP T 137 19.79 -6.69 -7.65
C TRP T 137 18.76 -5.72 -8.19
N THR T 138 17.82 -5.28 -7.34
CA THR T 138 16.85 -4.27 -7.75
C THR T 138 17.55 -3.00 -8.23
N ASN T 139 18.48 -2.50 -7.42
CA ASN T 139 19.18 -1.27 -7.76
C ASN T 139 19.96 -1.41 -9.07
N SER T 140 20.72 -2.50 -9.21
CA SER T 140 21.53 -2.71 -10.39
C SER T 140 20.68 -2.95 -11.64
N PHE T 141 19.54 -3.63 -11.50
CA PHE T 141 18.63 -3.79 -12.64
C PHE T 141 18.15 -2.43 -13.14
N SER T 142 17.67 -1.58 -12.23
CA SER T 142 17.19 -0.27 -12.65
C SER T 142 18.33 0.54 -13.27
N LEU T 143 19.51 0.50 -12.66
CA LEU T 143 20.63 1.30 -13.15
C LEU T 143 21.09 0.82 -14.52
N ASN T 144 21.19 -0.50 -14.72
CA ASN T 144 21.64 -1.03 -15.99
C ASN T 144 20.65 -0.72 -17.10
N TYR T 145 19.34 -0.89 -16.84
CA TYR T 145 18.38 -0.67 -17.92
C TYR T 145 17.79 0.73 -17.84
N GLY T 146 18.62 1.75 -18.09
CA GLY T 146 18.18 3.12 -18.07
C GLY T 146 17.75 3.57 -16.70
N ASN T 147 16.50 3.99 -16.58
CA ASN T 147 15.90 4.34 -15.29
C ASN T 147 14.54 3.67 -15.22
N PHE T 148 14.33 2.85 -14.23
CA PHE T 148 13.06 2.19 -14.13
C PHE T 148 11.94 3.18 -13.93
N PHE T 149 12.21 4.35 -13.37
CA PHE T 149 11.16 5.35 -13.26
C PHE T 149 10.55 5.65 -14.61
N TYR T 150 11.31 5.47 -15.69
CA TYR T 150 10.83 5.77 -17.03
C TYR T 150 10.16 4.58 -17.70
N ASN T 151 10.10 3.44 -17.04
CA ASN T 151 9.34 2.31 -17.56
C ASN T 151 7.85 2.59 -17.37
N PRO T 152 7.05 2.64 -18.45
CA PRO T 152 5.62 2.92 -18.28
C PRO T 152 4.88 1.85 -17.48
N PHE T 153 5.29 0.59 -17.59
CA PHE T 153 4.63 -0.45 -16.81
C PHE T 153 5.08 -0.43 -15.36
N HIS T 154 6.31 0.02 -15.10
CA HIS T 154 6.72 0.32 -13.73
C HIS T 154 5.91 1.49 -13.18
N MET T 155 5.63 2.49 -14.03
CA MET T 155 4.75 3.58 -13.65
C MET T 155 3.38 3.04 -13.23
N LEU T 156 2.83 2.16 -14.06
CA LEU T 156 1.50 1.60 -13.78
C LEU T 156 1.51 0.74 -12.53
N SER T 157 2.57 -0.05 -12.33
CA SER T 157 2.66 -0.87 -11.12
C SER T 157 2.72 -0.01 -9.88
N ILE T 158 3.49 1.09 -9.92
CA ILE T 158 3.54 2.01 -8.79
C ILE T 158 2.18 2.66 -8.58
N ALA T 159 1.52 3.06 -9.67
CA ALA T 159 0.21 3.68 -9.56
C ALA T 159 -0.78 2.73 -8.91
N PHE T 160 -0.75 1.46 -9.29
CA PHE T 160 -1.68 0.49 -8.71
C PHE T 160 -1.29 0.08 -7.30
N LEU T 161 -0.01 0.16 -6.93
CA LEU T 161 0.38 -0.05 -5.54
C LEU T 161 -0.13 1.09 -4.65
N TYR T 162 0.08 2.33 -5.10
CA TYR T 162 -0.47 3.48 -4.40
C TYR T 162 -1.98 3.41 -4.37
N GLY T 163 -2.60 2.93 -5.45
CA GLY T 163 -4.04 2.76 -5.48
C GLY T 163 -4.53 1.68 -4.54
N SER T 164 -3.76 0.61 -4.37
CA SER T 164 -4.12 -0.42 -3.40
C SER T 164 -4.08 0.14 -1.99
N ALA T 165 -3.02 0.88 -1.67
CA ALA T 165 -2.94 1.51 -0.35
C ALA T 165 -4.08 2.51 -0.15
N LEU T 166 -4.34 3.34 -1.16
CA LEU T 166 -5.40 4.34 -1.08
C LEU T 166 -6.77 3.68 -0.94
N LEU T 167 -7.03 2.64 -1.71
CA LEU T 167 -8.29 1.93 -1.67
C LEU T 167 -8.51 1.20 -0.35
N PHE T 168 -7.47 0.60 0.22
CA PHE T 168 -7.65 -0.01 1.54
C PHE T 168 -7.81 1.03 2.63
N ALA T 169 -7.09 2.16 2.57
CA ALA T 169 -7.32 3.22 3.53
C ALA T 169 -8.70 3.82 3.41
N MET T 170 -9.28 3.86 2.20
CA MET T 170 -10.66 4.30 2.03
C MET T 170 -11.64 3.27 2.56
N HIS T 171 -11.44 2.00 2.20
CA HIS T 171 -12.42 0.97 2.50
C HIS T 171 -12.45 0.64 3.99
N GLY T 172 -11.28 0.46 4.61
CA GLY T 172 -11.25 0.21 6.03
C GLY T 172 -11.83 1.36 6.84
N ALA T 173 -11.49 2.59 6.46
CA ALA T 173 -12.03 3.76 7.15
C ALA T 173 -13.55 3.84 6.98
N THR T 174 -14.05 3.56 5.77
CA THR T 174 -15.48 3.60 5.55
C THR T 174 -16.20 2.53 6.35
N ILE T 175 -15.66 1.32 6.39
CA ILE T 175 -16.32 0.23 7.12
C ILE T 175 -16.28 0.49 8.62
N LEU T 176 -15.17 1.05 9.12
CA LEU T 176 -15.14 1.45 10.53
C LEU T 176 -16.11 2.58 10.82
N ALA T 177 -16.29 3.51 9.88
CA ALA T 177 -17.25 4.59 10.06
C ALA T 177 -18.67 4.06 10.13
N VAL T 178 -19.00 3.08 9.28
CA VAL T 178 -20.32 2.47 9.30
C VAL T 178 -20.34 1.19 10.13
N SER T 179 -19.33 0.98 10.97
CA SER T 179 -19.30 -0.22 11.80
C SER T 179 -20.38 -0.19 12.87
N ARG T 180 -20.85 1.00 13.24
CA ARG T 180 -21.92 1.18 14.22
C ARG T 180 -23.26 0.95 13.59
N LEU T 181 -23.30 0.67 12.30
CA LEU T 181 -24.54 0.37 11.58
C LEU T 181 -24.52 -1.03 10.98
N GLY T 182 -23.61 -1.89 11.44
CA GLY T 182 -23.51 -3.23 10.89
C GLY T 182 -22.78 -3.33 9.59
N GLY T 183 -21.85 -2.41 9.31
CA GLY T 183 -21.14 -2.43 8.04
C GLY T 183 -20.09 -3.51 7.92
N ASP T 184 -19.62 -4.06 9.05
CA ASP T 184 -18.60 -5.10 8.99
C ASP T 184 -19.14 -6.42 8.49
N ARG T 185 -20.46 -6.61 8.48
CA ARG T 185 -21.09 -7.80 7.91
C ARG T 185 -21.31 -7.57 6.42
N GLU T 186 -20.20 -7.64 5.67
CA GLU T 186 -20.19 -7.17 4.28
C GLU T 186 -21.02 -8.08 3.38
N VAL T 187 -20.91 -9.40 3.52
CA VAL T 187 -21.68 -10.30 2.68
C VAL T 187 -23.16 -10.20 3.00
N GLU T 188 -23.50 -10.04 4.28
CA GLU T 188 -24.89 -9.83 4.66
C GLU T 188 -25.43 -8.53 4.06
N GLN T 189 -24.59 -7.49 4.02
CA GLN T 189 -25.00 -6.24 3.37
C GLN T 189 -25.17 -6.42 1.86
N ILE T 190 -24.30 -7.23 1.24
CA ILE T 190 -24.42 -7.48 -0.19
C ILE T 190 -25.73 -8.20 -0.49
N THR T 191 -26.03 -9.24 0.28
CA THR T 191 -27.25 -10.00 0.09
C THR T 191 -28.51 -9.20 0.43
N ASP T 192 -28.47 -8.38 1.47
CA ASP T 192 -29.62 -7.55 1.85
C ASP T 192 -29.08 -6.16 2.19
N ARG T 193 -29.22 -5.23 1.25
CA ARG T 193 -28.66 -3.90 1.42
C ARG T 193 -29.23 -3.23 2.66
N GLY T 194 -28.34 -2.69 3.49
CA GLY T 194 -28.73 -2.03 4.72
C GLY T 194 -28.29 -0.57 4.73
N THR T 195 -28.67 0.11 5.82
CA THR T 195 -28.36 1.52 5.94
C THR T 195 -26.86 1.77 6.00
N ALA T 196 -26.06 0.80 6.44
CA ALA T 196 -24.61 0.98 6.45
C ALA T 196 -24.07 1.10 5.03
N ALA T 197 -24.45 0.16 4.15
CA ALA T 197 -24.03 0.25 2.75
C ALA T 197 -24.61 1.49 2.09
N GLU T 198 -25.87 1.80 2.38
CA GLU T 198 -26.48 2.99 1.79
C GLU T 198 -25.74 4.25 2.17
N ARG T 199 -25.38 4.39 3.46
CA ARG T 199 -24.68 5.57 3.92
C ARG T 199 -23.25 5.63 3.41
N ALA T 200 -22.57 4.48 3.28
CA ALA T 200 -21.24 4.48 2.71
C ALA T 200 -21.27 4.96 1.26
N ALA T 201 -22.19 4.40 0.47
CA ALA T 201 -22.32 4.81 -0.92
C ALA T 201 -22.69 6.28 -1.03
N LEU T 202 -23.60 6.75 -0.17
CA LEU T 202 -24.00 8.14 -0.23
C LEU T 202 -22.88 9.09 0.19
N PHE T 203 -22.08 8.69 1.19
CA PHE T 203 -20.93 9.50 1.57
C PHE T 203 -19.98 9.65 0.40
N TRP T 204 -19.63 8.53 -0.26
CA TRP T 204 -18.68 8.64 -1.35
C TRP T 204 -19.26 9.37 -2.54
N ARG T 205 -20.57 9.23 -2.78
CA ARG T 205 -21.22 9.99 -3.85
C ARG T 205 -21.16 11.49 -3.56
N TRP T 206 -21.58 11.90 -2.37
CA TRP T 206 -21.54 13.32 -2.01
C TRP T 206 -20.12 13.85 -1.96
N THR T 207 -19.12 12.99 -1.76
CA THR T 207 -17.74 13.45 -1.71
C THR T 207 -17.17 13.64 -3.10
N MET T 208 -17.17 12.59 -3.94
CA MET T 208 -16.43 12.62 -5.19
C MET T 208 -17.27 12.34 -6.43
N GLY T 209 -18.59 12.39 -6.35
CA GLY T 209 -19.45 12.33 -7.51
C GLY T 209 -19.95 10.95 -7.88
N PHE T 210 -19.27 9.90 -7.44
CA PHE T 210 -19.67 8.54 -7.79
C PHE T 210 -19.33 7.60 -6.64
N ASN T 211 -20.01 6.45 -6.63
CA ASN T 211 -19.90 5.51 -5.52
C ASN T 211 -19.86 4.09 -6.07
N ALA T 212 -19.51 3.16 -5.19
CA ALA T 212 -19.50 1.73 -5.46
C ALA T 212 -20.56 1.03 -4.61
N THR T 213 -20.57 -0.29 -4.67
CA THR T 213 -21.40 -1.11 -3.81
C THR T 213 -20.50 -1.94 -2.89
N MET T 214 -21.13 -2.66 -1.96
CA MET T 214 -20.36 -3.44 -0.99
C MET T 214 -19.60 -4.59 -1.65
N GLU T 215 -20.03 -5.01 -2.83
CA GLU T 215 -19.30 -6.04 -3.57
C GLU T 215 -18.36 -5.44 -4.60
N SER T 216 -18.80 -4.38 -5.29
CA SER T 216 -17.99 -3.78 -6.33
C SER T 216 -16.78 -3.03 -5.79
N ILE T 217 -16.82 -2.55 -4.54
CA ILE T 217 -15.61 -1.99 -3.97
C ILE T 217 -14.55 -3.08 -3.79
N HIS T 218 -14.99 -4.29 -3.43
CA HIS T 218 -14.04 -5.40 -3.36
C HIS T 218 -13.58 -5.82 -4.74
N ARG T 219 -14.42 -5.67 -5.76
CA ARG T 219 -13.94 -5.88 -7.13
C ARG T 219 -12.87 -4.87 -7.51
N TRP T 220 -13.08 -3.60 -7.16
CA TRP T 220 -12.08 -2.56 -7.38
C TRP T 220 -10.77 -2.92 -6.70
N ALA T 221 -10.86 -3.32 -5.43
CA ALA T 221 -9.66 -3.66 -4.66
C ALA T 221 -8.93 -4.86 -5.27
N TRP T 222 -9.68 -5.90 -5.62
CA TRP T 222 -9.10 -7.09 -6.24
C TRP T 222 -8.38 -6.73 -7.53
N TRP T 223 -9.02 -5.94 -8.39
CA TRP T 223 -8.42 -5.63 -9.68
C TRP T 223 -7.20 -4.72 -9.52
N PHE T 224 -7.25 -3.76 -8.59
CA PHE T 224 -6.08 -2.93 -8.35
C PHE T 224 -4.90 -3.77 -7.87
N ALA T 225 -5.14 -4.65 -6.90
CA ALA T 225 -4.07 -5.48 -6.37
C ALA T 225 -3.49 -6.40 -7.45
N VAL T 226 -4.36 -7.00 -8.26
CA VAL T 226 -3.87 -7.90 -9.32
C VAL T 226 -3.10 -7.11 -10.36
N LEU T 227 -3.63 -5.95 -10.78
CA LEU T 227 -3.01 -5.18 -11.86
C LEU T 227 -1.65 -4.64 -11.45
N CYS T 228 -1.45 -4.33 -10.16
CA CYS T 228 -0.11 -3.93 -9.71
C CYS T 228 0.95 -4.92 -10.19
N THR T 229 0.84 -6.17 -9.73
CA THR T 229 1.83 -7.18 -10.08
C THR T 229 1.76 -7.56 -11.55
N PHE T 230 0.58 -7.52 -12.18
CA PHE T 230 0.50 -7.89 -13.59
C PHE T 230 1.26 -6.89 -14.46
N THR T 231 0.99 -5.60 -14.29
CA THR T 231 1.72 -4.58 -15.02
C THR T 231 3.20 -4.60 -14.70
N GLY T 232 3.55 -4.86 -13.44
CA GLY T 232 4.96 -4.96 -13.11
C GLY T 232 5.65 -6.12 -13.81
N ALA T 233 4.98 -7.27 -13.87
CA ALA T 233 5.54 -8.41 -14.58
C ALA T 233 5.71 -8.13 -16.06
N ILE T 234 4.72 -7.44 -16.65
CA ILE T 234 4.84 -7.06 -18.06
C ILE T 234 6.04 -6.15 -18.26
N GLY T 235 6.23 -5.18 -17.36
CA GLY T 235 7.38 -4.29 -17.47
C GLY T 235 8.70 -5.03 -17.32
N ILE T 236 8.76 -5.98 -16.39
CA ILE T 236 9.97 -6.76 -16.19
C ILE T 236 10.28 -7.57 -17.44
N LEU T 237 9.27 -8.21 -18.03
CA LEU T 237 9.48 -9.00 -19.24
C LEU T 237 9.94 -8.12 -20.39
N LEU T 238 9.36 -6.94 -20.54
CA LEU T 238 9.75 -6.05 -21.64
C LEU T 238 11.10 -5.37 -21.38
N THR T 239 11.59 -5.35 -20.14
CA THR T 239 12.85 -4.72 -19.84
C THR T 239 14.00 -5.56 -20.37
N GLY T 240 14.82 -4.98 -21.24
CA GLY T 240 15.98 -5.65 -21.80
C GLY T 240 15.68 -6.52 -23.01
N THR T 241 14.56 -7.23 -23.00
CA THR T 241 14.21 -8.07 -24.13
C THR T 241 13.87 -7.25 -25.36
N VAL T 242 13.08 -6.19 -25.17
CA VAL T 242 12.72 -5.30 -26.28
C VAL T 242 13.17 -3.87 -26.06
N VAL T 243 13.39 -3.43 -24.82
CA VAL T 243 13.83 -2.07 -24.53
C VAL T 243 15.09 -2.17 -23.67
N ASP T 244 16.21 -1.69 -24.22
CA ASP T 244 17.48 -1.73 -23.50
C ASP T 244 17.69 -0.52 -22.61
N ASN T 245 17.06 0.60 -22.91
CA ASN T 245 17.22 1.82 -22.12
C ASN T 245 15.87 2.48 -21.97
N TRP T 246 15.31 2.42 -20.76
CA TRP T 246 13.99 3.00 -20.54
C TRP T 246 14.02 4.52 -20.59
N PHE T 247 15.14 5.14 -20.17
CA PHE T 247 15.26 6.59 -20.33
C PHE T 247 15.25 6.99 -21.79
N GLU T 248 15.97 6.24 -22.63
CA GLU T 248 15.95 6.52 -24.06
C GLU T 248 14.58 6.27 -24.67
N TRP T 249 13.88 5.24 -24.20
CA TRP T 249 12.51 5.02 -24.65
C TRP T 249 11.62 6.20 -24.29
N GLY T 250 11.74 6.71 -23.06
CA GLY T 250 10.96 7.87 -22.66
C GLY T 250 11.31 9.11 -23.44
N VAL T 251 12.58 9.31 -23.74
CA VAL T 251 12.99 10.44 -24.57
C VAL T 251 12.38 10.33 -25.97
N LYS T 252 12.41 9.12 -26.53
CA LYS T 252 11.80 8.91 -27.85
C LYS T 252 10.31 9.17 -27.82
N HIS T 253 9.63 8.75 -26.75
CA HIS T 253 8.18 8.86 -26.64
C HIS T 253 7.74 10.07 -25.83
N GLY T 254 8.59 11.09 -25.72
CA GLY T 254 8.21 12.36 -25.16
C GLY T 254 8.13 12.43 -23.65
N LEU T 255 8.56 11.40 -22.93
CA LEU T 255 8.52 11.46 -21.48
C LEU T 255 9.58 12.41 -20.93
N ALA T 256 10.66 12.64 -21.66
CA ALA T 256 11.73 13.50 -21.22
C ALA T 256 12.31 14.26 -22.39
N PRO T 257 12.85 15.45 -22.17
CA PRO T 257 13.57 16.15 -23.24
C PRO T 257 14.83 15.41 -23.63
N ALA T 258 15.20 15.54 -24.89
CA ALA T 258 16.39 14.85 -25.40
C ALA T 258 17.66 15.52 -24.85
N PRO T 259 18.54 14.77 -24.17
CA PRO T 259 19.82 15.24 -23.63
C PRO T 259 20.59 16.14 -24.58
N TRP U 1 -34.23 39.31 -15.80
CA TRP U 1 -34.46 39.28 -14.36
C TRP U 1 -34.96 37.91 -13.90
N ARG U 2 -35.27 37.05 -14.87
CA ARG U 2 -35.71 35.69 -14.56
C ARG U 2 -34.56 34.77 -14.18
N ILE U 3 -33.31 35.22 -14.34
CA ILE U 3 -32.17 34.42 -13.92
C ILE U 3 -32.21 34.18 -12.42
N TRP U 4 -32.80 35.12 -11.67
CA TRP U 4 -32.97 34.92 -10.23
C TRP U 4 -34.13 33.99 -9.93
N GLN U 5 -35.14 33.94 -10.80
CA GLN U 5 -36.13 32.88 -10.70
C GLN U 5 -35.54 31.52 -11.04
N LEU U 6 -34.43 31.48 -11.77
CA LEU U 6 -33.74 30.24 -12.08
C LEU U 6 -32.70 29.86 -11.03
N PHE U 7 -31.99 30.84 -10.47
CA PHE U 7 -30.92 30.59 -9.52
C PHE U 7 -31.18 31.35 -8.23
N ASP U 8 -30.88 30.71 -7.10
CA ASP U 8 -31.08 31.35 -5.81
C ASP U 8 -30.16 32.57 -5.70
N PRO U 9 -30.68 33.73 -5.28
CA PRO U 9 -29.85 34.94 -5.26
C PRO U 9 -28.62 34.84 -4.36
N ARG U 10 -28.77 34.32 -3.14
CA ARG U 10 -27.64 34.28 -2.21
C ARG U 10 -26.57 33.30 -2.69
N GLN U 11 -26.99 32.11 -3.12
CA GLN U 11 -26.02 31.13 -3.62
C GLN U 11 -25.33 31.65 -4.87
N ALA U 12 -26.08 32.28 -5.78
CA ALA U 12 -25.48 32.84 -6.99
C ALA U 12 -24.48 33.94 -6.64
N LEU U 13 -24.83 34.80 -5.67
CA LEU U 13 -23.93 35.87 -5.28
C LEU U 13 -22.64 35.33 -4.68
N VAL U 14 -22.75 34.32 -3.81
CA VAL U 14 -21.56 33.75 -3.19
C VAL U 14 -20.67 33.08 -4.23
N GLY U 15 -21.29 32.29 -5.12
CA GLY U 15 -20.51 31.64 -6.17
C GLY U 15 -19.84 32.63 -7.10
N LEU U 16 -20.56 33.69 -7.47
CA LEU U 16 -19.99 34.72 -8.34
C LEU U 16 -18.85 35.46 -7.64
N ALA U 17 -19.00 35.74 -6.34
CA ALA U 17 -17.91 36.37 -5.61
C ALA U 17 -16.68 35.49 -5.56
N THR U 18 -16.86 34.20 -5.32
CA THR U 18 -15.73 33.27 -5.31
C THR U 18 -15.05 33.23 -6.68
N PHE U 19 -15.85 33.14 -7.74
CA PHE U 19 -15.29 33.08 -9.08
C PHE U 19 -14.53 34.36 -9.44
N LEU U 20 -15.10 35.52 -9.12
CA LEU U 20 -14.44 36.78 -9.42
C LEU U 20 -13.16 36.93 -8.61
N PHE U 21 -13.17 36.51 -7.34
CA PHE U 21 -11.96 36.58 -6.53
C PHE U 21 -10.87 35.69 -7.11
N VAL U 22 -11.22 34.47 -7.52
CA VAL U 22 -10.24 33.56 -8.11
C VAL U 22 -9.69 34.17 -9.40
N LEU U 23 -10.56 34.74 -10.23
CA LEU U 23 -10.10 35.33 -11.48
C LEU U 23 -9.15 36.49 -11.24
N ALA U 24 -9.48 37.36 -10.27
CA ALA U 24 -8.62 38.49 -9.97
C ALA U 24 -7.27 38.04 -9.44
N LEU U 25 -7.27 37.05 -8.54
CA LEU U 25 -6.01 36.51 -8.03
C LEU U 25 -5.18 35.92 -9.16
N LEU U 26 -5.81 35.16 -10.05
CA LEU U 26 -5.08 34.55 -11.15
C LEU U 26 -4.47 35.60 -12.07
N ILE U 27 -5.24 36.63 -12.41
CA ILE U 27 -4.71 37.65 -13.31
C ILE U 27 -3.58 38.43 -12.65
N HIS U 28 -3.71 38.73 -11.35
CA HIS U 28 -2.64 39.43 -10.65
C HIS U 28 -1.39 38.58 -10.57
N PHE U 29 -1.53 37.27 -10.33
CA PHE U 29 -0.38 36.39 -10.30
C PHE U 29 0.28 36.32 -11.67
N ILE U 30 -0.52 36.29 -12.74
CA ILE U 30 0.04 36.30 -14.09
C ILE U 30 0.83 37.59 -14.33
N LEU U 31 0.28 38.72 -13.92
CA LEU U 31 0.97 40.00 -14.09
C LEU U 31 2.28 40.01 -13.31
N LEU U 32 2.27 39.48 -12.09
CA LEU U 32 3.50 39.38 -11.32
C LEU U 32 4.52 38.48 -12.00
N SER U 33 4.05 37.39 -12.62
CA SER U 33 4.96 36.51 -13.35
C SER U 33 5.60 37.22 -14.54
N THR U 34 4.83 38.03 -15.25
CA THR U 34 5.41 38.75 -16.39
C THR U 34 6.41 39.80 -15.90
N GLU U 35 7.29 40.21 -16.82
CA GLU U 35 8.34 41.18 -16.50
C GLU U 35 7.89 42.62 -16.74
N ARG U 36 7.14 42.87 -17.81
CA ARG U 36 6.74 44.22 -18.14
C ARG U 36 5.75 44.77 -17.12
N PHE U 37 4.82 43.94 -16.65
CA PHE U 37 3.72 44.40 -15.80
C PHE U 37 3.93 44.07 -14.33
N ASN U 38 5.11 43.59 -13.95
CA ASN U 38 5.41 43.37 -12.54
C ASN U 38 5.72 44.73 -11.91
N TRP U 39 4.69 45.32 -11.32
CA TRP U 39 4.83 46.65 -10.74
C TRP U 39 5.73 46.66 -9.51
N LEU U 40 5.85 45.53 -8.81
CA LEU U 40 6.69 45.49 -7.62
C LEU U 40 8.17 45.48 -7.99
N GLU U 41 8.55 44.72 -9.01
CA GLU U 41 9.94 44.70 -9.45
C GLU U 41 10.28 45.96 -10.23
N GLY U 42 9.34 46.47 -11.03
CA GLY U 42 9.53 47.71 -11.75
C GLY U 42 10.62 47.68 -12.79
N ALA U 43 10.65 46.64 -13.62
CA ALA U 43 11.61 46.58 -14.71
C ALA U 43 11.33 47.67 -15.74
N SER U 44 12.38 48.12 -16.40
CA SER U 44 12.25 49.18 -17.40
C SER U 44 11.50 48.66 -18.63
N THR U 45 10.87 49.58 -19.34
CA THR U 45 10.12 49.24 -20.56
C THR U 45 11.07 48.80 -21.67
N ILE V 1 -35.98 -8.75 -30.92
CA ILE V 1 -36.60 -9.64 -29.95
C ILE V 1 -37.66 -10.51 -30.62
N THR V 2 -38.42 -9.93 -31.55
CA THR V 2 -39.40 -10.65 -32.33
C THR V 2 -38.79 -11.07 -33.65
N GLU V 3 -39.64 -11.56 -34.56
CA GLU V 3 -39.18 -11.96 -35.89
C GLU V 3 -39.28 -10.82 -36.90
N GLY V 4 -40.42 -10.13 -36.93
CA GLY V 4 -40.57 -9.02 -37.86
C GLY V 4 -39.63 -7.87 -37.57
N GLU V 5 -39.50 -7.51 -36.29
CA GLU V 5 -38.56 -6.45 -35.92
C GLU V 5 -37.13 -6.86 -36.21
N ALA V 6 -36.79 -8.13 -35.96
CA ALA V 6 -35.45 -8.62 -36.27
C ALA V 6 -35.17 -8.56 -37.77
N LYS V 7 -36.17 -8.91 -38.59
CA LYS V 7 -35.97 -8.83 -40.04
C LYS V 7 -35.83 -7.39 -40.51
N GLU V 8 -36.62 -6.46 -39.94
CA GLU V 8 -36.47 -5.06 -40.28
C GLU V 8 -35.08 -4.55 -39.92
N PHE V 9 -34.62 -4.90 -38.72
CA PHE V 9 -33.29 -4.48 -38.28
C PHE V 9 -32.22 -5.10 -39.17
N HIS V 10 -32.39 -6.35 -39.57
CA HIS V 10 -31.42 -6.98 -40.45
C HIS V 10 -31.36 -6.29 -41.80
N LYS V 11 -32.52 -5.92 -42.36
CA LYS V 11 -32.54 -5.20 -43.63
C LYS V 11 -31.82 -3.86 -43.52
N ILE V 12 -32.16 -3.09 -42.49
CA ILE V 12 -31.54 -1.77 -42.34
C ILE V 12 -30.05 -1.89 -42.06
N PHE V 13 -29.67 -2.88 -41.24
CA PHE V 13 -28.26 -3.12 -40.92
C PHE V 13 -27.49 -3.54 -42.17
N THR V 14 -28.08 -4.38 -43.01
CA THR V 14 -27.41 -4.77 -44.26
C THR V 14 -27.21 -3.57 -45.16
N SER V 15 -28.23 -2.72 -45.30
CA SER V 15 -28.07 -1.52 -46.12
C SER V 15 -26.99 -0.60 -45.56
N SER V 16 -27.00 -0.40 -44.24
CA SER V 16 -26.01 0.50 -43.62
C SER V 16 -24.60 -0.04 -43.75
N ILE V 17 -24.42 -1.35 -43.54
CA ILE V 17 -23.08 -1.93 -43.64
C ILE V 17 -22.61 -1.93 -45.09
N LEU V 18 -23.53 -2.09 -46.06
CA LEU V 18 -23.13 -1.99 -47.46
C LEU V 18 -22.67 -0.58 -47.79
N VAL V 19 -23.38 0.45 -47.30
CA VAL V 19 -22.96 1.82 -47.53
C VAL V 19 -21.60 2.08 -46.86
N PHE V 20 -21.44 1.60 -45.64
CA PHE V 20 -20.18 1.79 -44.91
C PHE V 20 -19.03 1.14 -45.65
N PHE V 21 -19.22 -0.09 -46.12
CA PHE V 21 -18.17 -0.79 -46.84
C PHE V 21 -17.86 -0.15 -48.18
N GLY V 22 -18.89 0.38 -48.87
CA GLY V 22 -18.64 1.10 -50.10
C GLY V 22 -17.81 2.35 -49.88
N VAL V 23 -18.14 3.11 -48.84
CA VAL V 23 -17.37 4.31 -48.54
C VAL V 23 -15.94 3.95 -48.16
N ALA V 24 -15.77 2.89 -47.35
CA ALA V 24 -14.43 2.45 -46.96
C ALA V 24 -13.63 2.00 -48.17
N ALA V 25 -14.26 1.27 -49.09
CA ALA V 25 -13.56 0.82 -50.30
C ALA V 25 -13.17 2.00 -51.18
N PHE V 26 -14.04 3.00 -51.29
CA PHE V 26 -13.69 4.20 -52.07
C PHE V 26 -12.51 4.93 -51.44
N ALA V 27 -12.52 5.06 -50.11
CA ALA V 27 -11.40 5.70 -49.43
C ALA V 27 -10.11 4.92 -49.62
N HIS V 28 -10.19 3.58 -49.54
CA HIS V 28 -9.01 2.75 -49.73
C HIS V 28 -8.48 2.86 -51.16
N LEU V 29 -9.38 2.95 -52.13
CA LEU V 29 -8.96 3.15 -53.52
C LEU V 29 -8.23 4.48 -53.68
N LEU V 30 -8.76 5.54 -53.06
CA LEU V 30 -8.08 6.83 -53.11
C LEU V 30 -6.70 6.76 -52.47
N VAL V 31 -6.59 6.08 -51.32
CA VAL V 31 -5.32 5.98 -50.63
C VAL V 31 -4.33 5.16 -51.45
N TRP V 32 -4.81 4.10 -52.11
CA TRP V 32 -3.93 3.31 -52.98
C TRP V 32 -3.44 4.13 -54.16
N ILE V 33 -4.32 4.94 -54.75
CA ILE V 33 -3.90 5.83 -55.83
C ILE V 33 -2.83 6.79 -55.34
N TRP V 34 -3.02 7.34 -54.15
CA TRP V 34 -2.03 8.26 -53.58
C TRP V 34 -0.69 7.55 -53.37
N ARG V 35 -0.67 6.55 -52.49
CA ARG V 35 0.54 5.78 -52.19
C ARG V 35 0.17 4.32 -51.90
N PRO V 36 0.53 3.39 -52.77
CA PRO V 36 0.23 1.98 -52.50
C PRO V 36 0.99 1.47 -51.29
N TRP V 37 0.40 0.47 -50.63
CA TRP V 37 0.94 -0.05 -49.38
C TRP V 37 1.45 -1.49 -49.50
N VAL V 38 1.66 -1.98 -50.72
CA VAL V 38 2.21 -3.30 -50.95
C VAL V 38 3.55 -3.13 -51.67
N PRO V 39 4.66 -3.30 -50.97
CA PRO V 39 5.97 -3.10 -51.60
C PRO V 39 6.29 -4.17 -52.62
N GLY V 40 7.12 -3.81 -53.59
CA GLY V 40 7.58 -4.72 -54.60
C GLY V 40 8.81 -5.48 -54.15
N PRO V 41 9.44 -6.20 -55.08
CA PRO V 41 10.67 -6.93 -54.73
C PRO V 41 11.78 -6.02 -54.21
N ASN V 42 11.89 -4.81 -54.75
CA ASN V 42 12.92 -3.86 -54.34
C ASN V 42 12.43 -2.87 -53.30
N GLY V 43 11.20 -3.05 -52.80
CA GLY V 43 10.65 -2.10 -51.85
C GLY V 43 10.03 -0.91 -52.54
N TYR V 44 9.96 0.20 -51.82
CA TYR V 44 9.39 1.43 -52.35
C TYR V 44 10.44 2.24 -53.10
N ILE W 1 -39.67 6.41 -28.50
CA ILE W 1 -40.97 6.71 -27.91
C ILE W 1 -42.07 6.31 -28.88
N THR W 2 -42.50 7.27 -29.70
CA THR W 2 -43.52 7.04 -30.71
C THR W 2 -43.00 7.62 -32.01
N GLU W 3 -43.38 6.99 -33.14
CA GLU W 3 -42.77 7.36 -34.42
C GLU W 3 -43.03 8.80 -34.80
N GLY W 4 -44.08 9.43 -34.29
CA GLY W 4 -44.30 10.84 -34.54
C GLY W 4 -43.21 11.72 -33.97
N GLU W 5 -42.99 11.61 -32.65
CA GLU W 5 -41.91 12.34 -32.01
C GLU W 5 -40.56 11.92 -32.58
N ALA W 6 -40.40 10.64 -32.89
CA ALA W 6 -39.16 10.15 -33.47
C ALA W 6 -38.87 10.81 -34.81
N LYS W 7 -39.89 10.97 -35.65
CA LYS W 7 -39.71 11.61 -36.95
C LYS W 7 -39.49 13.11 -36.82
N GLU W 8 -40.14 13.76 -35.85
CA GLU W 8 -39.84 15.17 -35.60
C GLU W 8 -38.38 15.34 -35.18
N PHE W 9 -37.92 14.50 -34.25
CA PHE W 9 -36.52 14.54 -33.84
C PHE W 9 -35.59 14.22 -34.99
N HIS W 10 -35.97 13.27 -35.85
CA HIS W 10 -35.15 12.94 -37.01
C HIS W 10 -35.07 14.08 -38.01
N LYS W 11 -36.17 14.80 -38.22
CA LYS W 11 -36.13 15.98 -39.09
C LYS W 11 -35.19 17.03 -38.54
N ILE W 12 -35.32 17.33 -37.24
CA ILE W 12 -34.45 18.35 -36.63
C ILE W 12 -33.00 17.90 -36.65
N PHE W 13 -32.77 16.61 -36.37
CA PHE W 13 -31.43 16.03 -36.38
C PHE W 13 -30.81 16.09 -37.76
N THR W 14 -31.61 15.77 -38.80
CA THR W 14 -31.10 15.83 -40.16
C THR W 14 -30.72 17.25 -40.54
N SER W 15 -31.58 18.22 -40.21
CA SER W 15 -31.24 19.60 -40.51
C SER W 15 -29.97 20.05 -39.78
N SER W 16 -29.86 19.71 -38.50
CA SER W 16 -28.70 20.12 -37.72
C SER W 16 -27.43 19.45 -38.23
N ILE W 17 -27.50 18.17 -38.56
CA ILE W 17 -26.31 17.47 -39.04
C ILE W 17 -25.92 17.95 -40.42
N LEU W 18 -26.89 18.30 -41.27
CA LEU W 18 -26.56 18.89 -42.57
C LEU W 18 -25.86 20.23 -42.39
N VAL W 19 -26.35 21.07 -41.48
CA VAL W 19 -25.69 22.34 -41.23
C VAL W 19 -24.29 22.12 -40.68
N PHE W 20 -24.14 21.18 -39.75
CA PHE W 20 -22.84 20.88 -39.17
C PHE W 20 -21.85 20.40 -40.22
N PHE W 21 -22.30 19.49 -41.10
CA PHE W 21 -21.43 18.97 -42.15
C PHE W 21 -21.10 20.05 -43.18
N GLY W 22 -22.04 20.94 -43.47
CA GLY W 22 -21.73 22.05 -44.36
C GLY W 22 -20.69 22.98 -43.79
N VAL W 23 -20.81 23.31 -42.51
CA VAL W 23 -19.81 24.15 -41.86
C VAL W 23 -18.45 23.45 -41.85
N ALA W 24 -18.44 22.15 -41.54
CA ALA W 24 -17.19 21.41 -41.53
C ALA W 24 -16.56 21.35 -42.93
N ALA W 25 -17.38 21.17 -43.96
CA ALA W 25 -16.87 21.11 -45.33
C ALA W 25 -16.32 22.47 -45.76
N PHE W 26 -17.01 23.56 -45.40
CA PHE W 26 -16.49 24.88 -45.72
C PHE W 26 -15.16 25.15 -45.01
N ALA W 27 -15.07 24.76 -43.73
CA ALA W 27 -13.82 24.92 -42.99
C ALA W 27 -12.71 24.10 -43.63
N HIS W 28 -13.01 22.86 -44.02
CA HIS W 28 -12.00 22.01 -44.64
C HIS W 28 -11.55 22.56 -45.99
N LEU W 29 -12.49 23.11 -46.76
CA LEU W 29 -12.12 23.74 -48.02
C LEU W 29 -11.19 24.92 -47.80
N LEU W 30 -11.49 25.76 -46.80
CA LEU W 30 -10.61 26.89 -46.51
C LEU W 30 -9.24 26.42 -46.06
N VAL W 31 -9.20 25.37 -45.23
CA VAL W 31 -7.91 24.84 -44.76
C VAL W 31 -7.13 24.25 -45.92
N TRP W 32 -7.82 23.60 -46.86
CA TRP W 32 -7.14 23.05 -48.03
C TRP W 32 -6.57 24.14 -48.91
N ILE W 33 -7.32 25.23 -49.11
CA ILE W 33 -6.79 26.38 -49.85
C ILE W 33 -5.58 26.96 -49.14
N TRP W 34 -5.61 26.98 -47.81
CA TRP W 34 -4.48 27.48 -47.03
C TRP W 34 -3.25 26.59 -47.24
N ARG W 35 -3.34 25.32 -46.83
CA ARG W 35 -2.26 24.35 -46.96
C ARG W 35 -2.83 22.95 -47.14
N PRO W 36 -2.72 22.37 -48.34
CA PRO W 36 -3.22 21.01 -48.54
C PRO W 36 -2.46 19.99 -47.70
N TRP W 37 -3.15 18.92 -47.34
CA TRP W 37 -2.61 17.91 -46.43
C TRP W 37 -2.35 16.57 -47.10
N VAL W 38 -2.22 16.54 -48.42
CA VAL W 38 -1.89 15.34 -49.16
C VAL W 38 -0.59 15.59 -49.91
N PRO W 39 0.53 15.07 -49.42
CA PRO W 39 1.81 15.32 -50.09
C PRO W 39 1.92 14.56 -51.40
N GLY W 40 2.76 15.09 -52.29
CA GLY W 40 3.04 14.46 -53.55
C GLY W 40 4.19 13.46 -53.43
N PRO W 41 4.66 12.96 -54.56
CA PRO W 41 5.78 12.01 -54.54
C PRO W 41 7.05 12.56 -53.92
N ASN W 42 7.31 13.87 -54.03
CA ASN W 42 8.48 14.48 -53.43
C ASN W 42 8.19 15.13 -52.09
N GLY W 43 6.97 14.98 -51.56
CA GLY W 43 6.61 15.61 -50.31
C GLY W 43 5.95 16.96 -50.48
N TYR W 44 6.16 17.87 -49.54
CA TYR W 44 5.57 19.19 -49.61
C TYR W 44 6.52 20.19 -50.26
N TRP X 1 -20.67 43.17 25.08
CA TRP X 1 -21.49 42.19 25.79
C TRP X 1 -22.47 41.52 24.83
N ARG X 2 -23.17 42.33 24.04
CA ARG X 2 -24.05 41.78 23.00
C ARG X 2 -23.25 41.02 21.96
N ILE X 3 -22.04 41.47 21.67
CA ILE X 3 -21.15 40.73 20.78
C ILE X 3 -20.82 39.36 21.33
N TRP X 4 -20.49 39.26 22.62
CA TRP X 4 -20.14 37.99 23.25
C TRP X 4 -21.37 37.21 23.70
N GLN X 5 -22.56 37.80 23.62
CA GLN X 5 -23.79 37.03 23.80
C GLN X 5 -24.01 36.04 22.65
N LEU X 6 -23.36 36.27 21.50
CA LEU X 6 -23.37 35.34 20.38
C LEU X 6 -22.01 34.72 20.10
N PHE X 7 -20.93 35.48 20.26
CA PHE X 7 -19.57 34.95 20.13
C PHE X 7 -19.03 34.46 21.46
N ASP X 8 -19.79 33.53 22.02
CA ASP X 8 -19.41 32.95 23.27
C ASP X 8 -18.06 32.21 23.17
N PRO X 9 -17.20 32.25 24.23
CA PRO X 9 -15.89 31.62 24.04
C PRO X 9 -15.86 30.13 24.35
N ARG X 10 -16.77 29.35 23.76
CA ARG X 10 -16.71 27.90 23.93
C ARG X 10 -15.44 27.34 23.31
N GLN X 11 -15.10 27.82 22.10
CA GLN X 11 -13.84 27.47 21.47
C GLN X 11 -13.17 28.66 20.80
N ALA X 12 -13.80 29.84 20.83
CA ALA X 12 -13.18 31.03 20.25
C ALA X 12 -11.93 31.43 21.00
N LEU X 13 -11.90 31.21 22.33
CA LEU X 13 -10.69 31.49 23.09
C LEU X 13 -9.53 30.63 22.64
N VAL X 14 -9.77 29.33 22.43
CA VAL X 14 -8.74 28.45 21.92
C VAL X 14 -8.32 28.84 20.51
N GLY X 15 -9.27 29.16 19.65
CA GLY X 15 -8.94 29.60 18.30
C GLY X 15 -8.06 30.83 18.29
N LEU X 16 -8.42 31.84 19.10
CA LEU X 16 -7.63 33.05 19.21
C LEU X 16 -6.25 32.78 19.79
N ALA X 17 -6.15 31.93 20.81
CA ALA X 17 -4.84 31.62 21.38
C ALA X 17 -3.94 30.93 20.36
N THR X 18 -4.49 29.94 19.64
CA THR X 18 -3.74 29.24 18.60
C THR X 18 -3.32 30.16 17.46
N PHE X 19 -4.20 31.06 17.03
CA PHE X 19 -3.85 32.05 16.02
C PHE X 19 -2.73 32.98 16.48
N LEU X 20 -2.88 33.56 17.67
CA LEU X 20 -1.89 34.53 18.15
C LEU X 20 -0.53 33.88 18.36
N PHE X 21 -0.50 32.69 18.98
CA PHE X 21 0.78 32.03 19.24
C PHE X 21 1.49 31.68 17.93
N VAL X 22 0.74 31.16 16.95
CA VAL X 22 1.34 30.78 15.68
C VAL X 22 1.83 32.02 14.94
N LEU X 23 1.06 33.11 14.96
CA LEU X 23 1.51 34.34 14.31
C LEU X 23 2.78 34.88 14.95
N ALA X 24 2.83 34.87 16.30
CA ALA X 24 4.02 35.34 16.99
C ALA X 24 5.23 34.47 16.66
N LEU X 25 5.03 33.15 16.63
CA LEU X 25 6.12 32.24 16.30
C LEU X 25 6.63 32.48 14.88
N LEU X 26 5.71 32.68 13.93
CA LEU X 26 6.11 32.92 12.56
C LEU X 26 6.88 34.23 12.43
N ILE X 27 6.41 35.28 13.09
CA ILE X 27 7.11 36.57 12.99
C ILE X 27 8.49 36.47 13.64
N HIS X 28 8.59 35.78 14.78
CA HIS X 28 9.89 35.61 15.42
C HIS X 28 10.84 34.81 14.54
N PHE X 29 10.36 33.76 13.89
CA PHE X 29 11.21 32.97 13.01
C PHE X 29 11.65 33.79 11.80
N ILE X 30 10.77 34.64 11.27
CA ILE X 30 11.15 35.51 10.17
C ILE X 30 12.23 36.49 10.61
N LEU X 31 12.08 37.05 11.81
CA LEU X 31 13.10 37.95 12.33
C LEU X 31 14.44 37.24 12.50
N LEU X 32 14.42 36.00 12.99
CA LEU X 32 15.65 35.22 13.09
C LEU X 32 16.25 34.98 11.71
N SER X 33 15.39 34.75 10.71
CA SER X 33 15.88 34.54 9.35
C SER X 33 16.58 35.78 8.81
N THR X 34 16.03 36.96 9.08
CA THR X 34 16.69 38.19 8.65
C THR X 34 17.98 38.41 9.41
N GLU X 35 18.88 39.19 8.81
CA GLU X 35 20.18 39.46 9.42
C GLU X 35 20.16 40.67 10.34
N ARG X 36 19.43 41.72 9.96
CA ARG X 36 19.40 42.94 10.77
C ARG X 36 18.77 42.69 12.14
N PHE X 37 17.69 41.91 12.18
CA PHE X 37 16.92 41.71 13.39
C PHE X 37 17.20 40.38 14.08
N ASN X 38 18.26 39.69 13.69
CA ASN X 38 18.64 38.44 14.36
C ASN X 38 19.40 38.80 15.63
N TRP X 39 18.69 38.82 16.76
CA TRP X 39 19.31 39.22 18.02
C TRP X 39 20.27 38.17 18.55
N LEU X 40 20.13 36.92 18.14
CA LEU X 40 21.02 35.87 18.63
C LEU X 40 22.39 35.96 17.98
N GLU X 41 22.46 36.38 16.71
CA GLU X 41 23.74 36.51 16.03
C GLU X 41 24.33 37.91 16.14
N GLY X 42 23.49 38.94 16.12
CA GLY X 42 23.95 40.30 16.35
C GLY X 42 24.91 40.84 15.32
N ALA X 43 24.58 40.67 14.04
CA ALA X 43 25.42 41.22 12.99
C ALA X 43 25.43 42.74 13.05
N SER X 44 26.58 43.34 12.72
CA SER X 44 26.74 44.78 12.78
C SER X 44 25.94 45.48 11.70
N THR X 45 25.65 46.75 11.93
CA THR X 45 24.90 47.55 10.97
C THR X 45 25.84 48.44 10.15
N ILE Y 1 -41.47 19.78 -18.92
CA ILE Y 1 -41.14 21.17 -19.22
C ILE Y 1 -42.26 21.80 -20.03
N THR Y 2 -42.91 22.82 -19.45
CA THR Y 2 -44.02 23.49 -20.11
C THR Y 2 -43.54 24.21 -21.36
N GLU Y 3 -44.36 24.15 -22.42
CA GLU Y 3 -43.98 24.74 -23.70
C GLU Y 3 -43.80 26.25 -23.60
N GLY Y 4 -44.66 26.94 -22.84
CA GLY Y 4 -44.53 28.38 -22.72
C GLY Y 4 -43.23 28.79 -22.05
N GLU Y 5 -42.91 28.14 -20.93
CA GLU Y 5 -41.65 28.44 -20.24
C GLU Y 5 -40.45 28.07 -21.08
N ALA Y 6 -40.51 26.93 -21.79
CA ALA Y 6 -39.40 26.53 -22.64
C ALA Y 6 -39.19 27.54 -23.77
N LYS Y 7 -40.27 28.02 -24.37
CA LYS Y 7 -40.16 29.03 -25.42
C LYS Y 7 -39.67 30.37 -24.90
N GLU Y 8 -40.08 30.76 -23.68
CA GLU Y 8 -39.51 31.97 -23.09
C GLU Y 8 -38.02 31.81 -22.84
N PHE Y 9 -37.61 30.64 -22.35
CA PHE Y 9 -36.18 30.40 -22.16
C PHE Y 9 -35.44 30.43 -23.48
N HIS Y 10 -36.06 29.91 -24.54
CA HIS Y 10 -35.43 29.96 -25.86
C HIS Y 10 -35.33 31.40 -26.37
N LYS Y 11 -36.36 32.21 -26.14
CA LYS Y 11 -36.32 33.60 -26.61
C LYS Y 11 -35.30 34.42 -25.84
N ILE Y 12 -35.01 34.07 -24.59
CA ILE Y 12 -33.92 34.71 -23.88
C ILE Y 12 -32.55 34.17 -24.30
N PHE Y 13 -32.47 32.85 -24.48
CA PHE Y 13 -31.21 32.20 -24.82
C PHE Y 13 -30.72 32.62 -26.19
N THR Y 14 -31.62 32.77 -27.15
CA THR Y 14 -31.22 33.19 -28.49
C THR Y 14 -30.61 34.59 -28.44
N SER Y 15 -31.25 35.51 -27.73
CA SER Y 15 -30.70 36.86 -27.61
C SER Y 15 -29.35 36.85 -26.91
N SER Y 16 -29.24 36.09 -25.82
CA SER Y 16 -28.00 36.05 -25.07
C SER Y 16 -26.87 35.45 -25.90
N ILE Y 17 -27.13 34.36 -26.61
CA ILE Y 17 -26.10 33.72 -27.42
C ILE Y 17 -25.74 34.59 -28.61
N LEU Y 18 -26.70 35.32 -29.18
CA LEU Y 18 -26.37 36.23 -30.26
C LEU Y 18 -25.49 37.36 -29.78
N VAL Y 19 -25.77 37.91 -28.60
CA VAL Y 19 -24.93 38.96 -28.04
C VAL Y 19 -23.52 38.42 -27.76
N PHE Y 20 -23.45 37.22 -27.19
CA PHE Y 20 -22.14 36.61 -26.91
C PHE Y 20 -21.35 36.40 -28.20
N PHE Y 21 -22.02 35.88 -29.24
CA PHE Y 21 -21.34 35.64 -30.50
C PHE Y 21 -20.92 36.94 -31.17
N GLY Y 22 -21.74 37.99 -31.05
CA GLY Y 22 -21.35 39.28 -31.61
C GLY Y 22 -20.14 39.87 -30.90
N VAL Y 23 -20.10 39.79 -29.58
CA VAL Y 23 -18.94 40.26 -28.83
C VAL Y 23 -17.70 39.46 -29.21
N ALA Y 24 -17.85 38.14 -29.32
CA ALA Y 24 -16.72 37.29 -29.71
C ALA Y 24 -16.24 37.63 -31.11
N ALA Y 25 -17.16 37.89 -32.04
CA ALA Y 25 -16.78 38.26 -33.41
C ALA Y 25 -16.06 39.60 -33.44
N PHE Y 26 -16.54 40.57 -32.65
CA PHE Y 26 -15.85 41.86 -32.60
C PHE Y 26 -14.44 41.71 -32.03
N ALA Y 27 -14.31 40.92 -30.96
CA ALA Y 27 -12.98 40.69 -30.39
C ALA Y 27 -12.07 39.97 -31.39
N HIS Y 28 -12.60 38.99 -32.11
CA HIS Y 28 -11.79 38.28 -33.09
C HIS Y 28 -11.39 39.20 -34.24
N LEU Y 29 -12.28 40.10 -34.65
CA LEU Y 29 -11.92 41.06 -35.69
C LEU Y 29 -10.81 41.98 -35.23
N LEU Y 30 -10.90 42.45 -33.98
CA LEU Y 30 -9.82 43.29 -33.44
C LEU Y 30 -8.51 42.53 -33.38
N VAL Y 31 -8.56 41.26 -32.96
CA VAL Y 31 -7.34 40.45 -32.87
C VAL Y 31 -6.76 40.21 -34.25
N TRP Y 32 -7.61 39.99 -35.25
CA TRP Y 32 -7.12 39.80 -36.61
C TRP Y 32 -6.48 41.07 -37.16
N ILE Y 33 -7.08 42.22 -36.88
CA ILE Y 33 -6.48 43.49 -37.28
C ILE Y 33 -5.13 43.67 -36.59
N TRP Y 34 -5.03 43.25 -35.33
CA TRP Y 34 -3.75 43.35 -34.61
C TRP Y 34 -2.69 42.44 -35.23
N ARG Y 35 -2.94 41.14 -35.21
CA ARG Y 35 -2.03 40.13 -35.76
C ARG Y 35 -2.82 38.94 -36.29
N PRO Y 36 -2.93 38.77 -37.61
CA PRO Y 36 -3.63 37.61 -38.15
C PRO Y 36 -2.92 36.31 -37.79
N TRP Y 37 -3.70 35.24 -37.67
CA TRP Y 37 -3.20 33.96 -37.21
C TRP Y 37 -3.15 32.91 -38.31
N VAL Y 38 -3.14 33.33 -39.57
CA VAL Y 38 -3.05 32.44 -40.71
C VAL Y 38 -1.76 32.75 -41.47
N PRO Y 39 -0.71 31.97 -41.26
CA PRO Y 39 0.56 32.24 -41.94
C PRO Y 39 0.48 32.02 -43.44
N GLY Y 40 1.32 32.73 -44.17
CA GLY Y 40 1.42 32.55 -45.60
C GLY Y 40 2.37 31.43 -45.96
N PRO Y 41 2.69 31.31 -47.24
CA PRO Y 41 3.65 30.26 -47.65
C PRO Y 41 5.01 30.41 -47.00
N ASN Y 42 5.46 31.64 -46.73
CA ASN Y 42 6.73 31.89 -46.07
C ASN Y 42 6.59 31.99 -44.56
N GLY Y 43 5.40 31.75 -44.02
CA GLY Y 43 5.18 31.90 -42.59
C GLY Y 43 5.01 33.35 -42.20
N TYR Y 44 5.20 33.60 -40.91
CA TYR Y 44 5.09 34.95 -40.37
C TYR Y 44 6.35 35.75 -40.65
N TRP Z 1 -12.16 33.42 36.76
CA TRP Z 1 -12.00 32.11 37.40
C TRP Z 1 -12.95 31.08 36.79
N ARG Z 2 -13.94 31.58 36.04
CA ARG Z 2 -14.92 30.72 35.37
C ARG Z 2 -14.34 30.01 34.15
N ILE Z 3 -13.18 30.43 33.66
CA ILE Z 3 -12.52 29.69 32.59
C ILE Z 3 -12.12 28.29 33.03
N TRP Z 4 -12.01 28.05 34.33
CA TRP Z 4 -11.71 26.71 34.83
C TRP Z 4 -12.93 25.81 34.86
N GLN Z 5 -14.10 26.40 34.59
CA GLN Z 5 -15.31 25.59 34.46
C GLN Z 5 -15.46 25.45 32.96
N LEU Z 6 -15.04 26.46 32.21
CA LEU Z 6 -15.18 26.41 30.75
C LEU Z 6 -14.32 25.30 30.22
N PHE Z 7 -13.08 25.25 30.65
CA PHE Z 7 -12.12 24.24 30.20
C PHE Z 7 -11.90 23.23 31.31
N ASP Z 8 -11.66 21.97 30.94
CA ASP Z 8 -11.36 20.89 31.86
C ASP Z 8 -10.14 21.26 32.68
N PRO Z 9 -10.21 21.24 34.01
CA PRO Z 9 -9.06 21.70 34.81
C PRO Z 9 -7.95 20.67 34.88
N ARG Z 10 -8.13 19.56 34.17
CA ARG Z 10 -7.10 18.55 34.00
C ARG Z 10 -6.45 18.63 32.62
N GLN Z 11 -7.25 18.67 31.56
CA GLN Z 11 -6.72 18.86 30.22
C GLN Z 11 -6.02 20.20 30.10
N ALA Z 12 -6.50 21.24 30.78
CA ALA Z 12 -5.84 22.53 30.74
C ALA Z 12 -4.43 22.45 31.31
N LEU Z 13 -4.27 21.83 32.47
CA LEU Z 13 -2.95 21.67 33.07
C LEU Z 13 -2.05 20.81 32.20
N VAL Z 14 -2.58 19.71 31.65
CA VAL Z 14 -1.76 18.85 30.81
C VAL Z 14 -1.29 19.59 29.56
N GLY Z 15 -2.21 20.29 28.89
CA GLY Z 15 -1.84 21.01 27.69
C GLY Z 15 -0.86 22.14 27.97
N LEU Z 16 -1.06 22.87 29.06
CA LEU Z 16 -0.13 23.91 29.44
C LEU Z 16 1.26 23.38 29.77
N ALA Z 17 1.35 22.27 30.50
CA ALA Z 17 2.64 21.67 30.78
C ALA Z 17 3.33 21.22 29.50
N THR Z 18 2.58 20.55 28.62
CA THR Z 18 3.15 20.07 27.36
C THR Z 18 3.58 21.20 26.44
N PHE Z 19 2.83 22.31 26.41
CA PHE Z 19 3.22 23.48 25.64
C PHE Z 19 4.44 24.19 26.21
N LEU Z 20 4.48 24.41 27.53
CA LEU Z 20 5.63 25.09 28.12
C LEU Z 20 6.89 24.25 27.99
N PHE Z 21 6.80 22.93 28.17
CA PHE Z 21 7.98 22.09 28.04
C PHE Z 21 8.52 22.10 26.62
N VAL Z 22 7.62 22.01 25.63
CA VAL Z 22 8.06 22.00 24.23
C VAL Z 22 8.66 23.36 23.85
N LEU Z 23 8.05 24.44 24.31
CA LEU Z 23 8.62 25.77 24.06
C LEU Z 23 10.01 25.89 24.67
N ALA Z 24 10.17 25.41 25.91
CA ALA Z 24 11.47 25.47 26.57
C ALA Z 24 12.51 24.65 25.83
N LEU Z 25 12.13 23.45 25.38
CA LEU Z 25 13.05 22.62 24.63
C LEU Z 25 13.45 23.28 23.32
N LEU Z 26 12.48 23.88 22.62
CA LEU Z 26 12.79 24.55 21.36
C LEU Z 26 13.74 25.72 21.59
N ILE Z 27 13.49 26.53 22.62
CA ILE Z 27 14.36 27.67 22.88
C ILE Z 27 15.75 27.21 23.27
N HIS Z 28 15.85 26.17 24.10
CA HIS Z 28 17.16 25.66 24.51
C HIS Z 28 17.94 25.11 23.32
N PHE Z 29 17.26 24.40 22.42
CA PHE Z 29 17.94 23.88 21.25
C PHE Z 29 18.38 25.00 20.32
N ILE Z 30 17.56 26.04 20.20
CA ILE Z 30 17.96 27.21 19.41
C ILE Z 30 19.21 27.85 20.00
N LEU Z 31 19.24 27.99 21.33
CA LEU Z 31 20.42 28.56 21.98
C LEU Z 31 21.65 27.69 21.76
N LEU Z 32 21.48 26.37 21.83
CA LEU Z 32 22.58 25.46 21.53
C LEU Z 32 23.07 25.65 20.10
N SER Z 33 22.13 25.88 19.17
CA SER Z 33 22.52 26.14 17.79
C SER Z 33 23.33 27.43 17.66
N THR Z 34 22.93 28.47 18.39
CA THR Z 34 23.66 29.74 18.33
C THR Z 34 25.06 29.59 18.92
N GLU Z 35 26.01 30.31 18.32
CA GLU Z 35 27.39 30.26 18.79
C GLU Z 35 27.59 31.07 20.07
N ARG Z 36 26.93 32.23 20.16
CA ARG Z 36 27.15 33.11 21.31
C ARG Z 36 26.62 32.50 22.60
N PHE Z 37 25.45 31.87 22.55
CA PHE Z 37 24.77 31.37 23.74
C PHE Z 37 24.92 29.88 23.95
N ASN Z 38 25.84 29.23 23.23
CA ASN Z 38 26.09 27.81 23.43
C ASN Z 38 26.99 27.65 24.65
N TRP Z 39 26.38 27.30 25.79
CA TRP Z 39 27.13 27.18 27.03
C TRP Z 39 27.99 25.93 27.08
N LEU Z 40 27.59 24.87 26.37
CA LEU Z 40 28.38 23.64 26.38
C LEU Z 40 29.71 23.84 25.67
N GLU Z 41 29.67 24.26 24.40
CA GLU Z 41 30.90 24.53 23.66
C GLU Z 41 31.62 25.74 24.24
N GLY Z 42 30.89 26.82 24.50
CA GLY Z 42 31.44 27.99 25.13
C GLY Z 42 32.39 28.80 24.27
N ALA Z 43 31.89 29.35 23.17
CA ALA Z 43 32.72 30.18 22.31
C ALA Z 43 32.97 31.54 22.96
N SER Z 44 34.09 32.15 22.58
CA SER Z 44 34.44 33.46 23.09
C SER Z 44 33.64 34.55 22.40
N THR Z 45 33.45 35.67 23.10
CA THR Z 45 32.72 36.80 22.56
C THR Z 45 33.51 37.48 21.44
N ILE AA 1 -39.19 32.26 -4.47
CA ILE AA 1 -39.27 33.70 -4.50
C ILE AA 1 -40.35 34.15 -5.49
N THR AA 2 -40.76 35.41 -5.38
CA THR AA 2 -41.77 35.98 -6.25
C THR AA 2 -41.11 36.84 -7.33
N GLU AA 3 -41.90 37.23 -8.33
CA GLU AA 3 -41.39 38.10 -9.38
C GLU AA 3 -41.01 39.46 -8.83
N GLY AA 4 -41.78 39.97 -7.87
CA GLY AA 4 -41.43 41.25 -7.25
C GLY AA 4 -40.10 41.19 -6.54
N GLU AA 5 -39.86 40.12 -5.78
CA GLU AA 5 -38.58 39.97 -5.11
C GLU AA 5 -37.44 39.80 -6.11
N ALA AA 6 -37.67 38.99 -7.16
CA ALA AA 6 -36.66 38.76 -8.18
C ALA AA 6 -36.33 40.01 -8.98
N LYS AA 7 -37.27 40.95 -9.12
CA LYS AA 7 -37.01 42.21 -9.78
C LYS AA 7 -36.39 43.25 -8.86
N GLU AA 8 -36.82 43.31 -7.59
CA GLU AA 8 -36.18 44.19 -6.63
C GLU AA 8 -34.72 43.82 -6.39
N PHE AA 9 -34.40 42.53 -6.32
CA PHE AA 9 -33.01 42.09 -6.28
C PHE AA 9 -32.28 42.35 -7.60
N HIS AA 10 -32.96 42.18 -8.73
CA HIS AA 10 -32.30 42.39 -10.02
C HIS AA 10 -31.91 43.84 -10.22
N LYS AA 11 -32.73 44.78 -9.76
CA LYS AA 11 -32.39 46.20 -9.90
C LYS AA 11 -31.11 46.52 -9.14
N ILE AA 12 -31.00 46.06 -7.89
CA ILE AA 12 -29.82 46.32 -7.08
C ILE AA 12 -28.61 45.58 -7.67
N PHE AA 13 -28.82 44.38 -8.18
CA PHE AA 13 -27.74 43.64 -8.83
C PHE AA 13 -27.22 44.40 -10.06
N THR AA 14 -28.13 44.96 -10.85
CA THR AA 14 -27.72 45.74 -12.01
C THR AA 14 -26.94 46.97 -11.60
N SER AA 15 -27.41 47.67 -10.57
CA SER AA 15 -26.69 48.85 -10.10
C SER AA 15 -25.29 48.49 -9.61
N SER AA 16 -25.20 47.40 -8.84
CA SER AA 16 -23.90 46.99 -8.29
C SER AA 16 -22.96 46.53 -9.40
N ILE AA 17 -23.46 45.79 -10.38
CA ILE AA 17 -22.61 45.33 -11.47
C ILE AA 17 -22.17 46.49 -12.35
N LEU AA 18 -23.04 47.50 -12.52
CA LEU AA 18 -22.63 48.70 -13.25
C LEU AA 18 -21.51 49.43 -12.51
N VAL AA 19 -21.64 49.56 -11.18
CA VAL AA 19 -20.57 50.21 -10.41
C VAL AA 19 -19.28 49.40 -10.50
N PHE AA 20 -19.37 48.08 -10.40
CA PHE AA 20 -18.19 47.22 -10.49
C PHE AA 20 -17.52 47.37 -11.85
N PHE AA 21 -18.30 47.36 -12.92
CA PHE AA 21 -17.74 47.50 -14.26
C PHE AA 21 -17.14 48.89 -14.47
N GLY AA 22 -17.76 49.93 -13.92
CA GLY AA 22 -17.18 51.26 -14.02
C GLY AA 22 -15.85 51.35 -13.31
N VAL AA 23 -15.75 50.78 -12.10
CA VAL AA 23 -14.48 50.77 -11.38
C VAL AA 23 -13.43 49.99 -12.15
N ALA AA 24 -13.82 48.84 -12.71
CA ALA AA 24 -12.88 48.04 -13.49
C ALA AA 24 -12.41 48.81 -14.73
N ALA AA 25 -13.32 49.51 -15.40
CA ALA AA 25 -12.94 50.30 -16.57
C ALA AA 25 -12.00 51.43 -16.20
N PHE AA 26 -12.26 52.10 -15.08
CA PHE AA 26 -11.35 53.16 -14.63
C PHE AA 26 -9.96 52.62 -14.32
N ALA AA 27 -9.91 51.47 -13.63
CA ALA AA 27 -8.62 50.85 -13.33
C ALA AA 27 -7.89 50.45 -14.61
N HIS AA 28 -8.63 49.90 -15.58
CA HIS AA 28 -8.02 49.51 -16.84
C HIS AA 28 -7.50 50.72 -17.60
N LEU AA 29 -8.24 51.83 -17.58
CA LEU AA 29 -7.76 53.05 -18.22
C LEU AA 29 -6.48 53.55 -17.56
N LEU AA 30 -6.44 53.53 -16.23
CA LEU AA 30 -5.23 53.96 -15.53
C LEU AA 30 -4.04 53.05 -15.88
N VAL AA 31 -4.26 51.74 -15.91
CA VAL AA 31 -3.19 50.81 -16.25
C VAL AA 31 -2.75 51.01 -17.70
N TRP AA 32 -3.69 51.33 -18.59
CA TRP AA 32 -3.35 51.60 -19.98
C TRP AA 32 -2.49 52.85 -20.10
N ILE AA 33 -2.84 53.91 -19.37
CA ILE AA 33 -2.03 55.12 -19.39
C ILE AA 33 -0.64 54.83 -18.83
N TRP AA 34 -0.56 53.98 -17.80
CA TRP AA 34 0.73 53.59 -17.25
C TRP AA 34 1.57 52.84 -18.28
N ARG AA 35 1.09 51.69 -18.74
CA ARG AA 35 1.77 50.86 -19.73
C ARG AA 35 0.75 50.10 -20.59
N PRO AA 36 0.62 50.44 -21.87
CA PRO AA 36 -0.31 49.70 -22.73
C PRO AA 36 0.14 48.25 -22.93
N TRP AA 37 -0.83 47.38 -23.22
CA TRP AA 37 -0.59 45.94 -23.26
C TRP AA 37 -0.88 45.32 -24.62
N VAL AA 38 -0.75 46.09 -25.69
CA VAL AA 38 -0.82 45.49 -27.04
C VAL AA 38 0.46 45.84 -27.79
N PRO AA 39 1.33 44.86 -28.05
CA PRO AA 39 2.58 45.17 -28.76
C PRO AA 39 2.32 45.59 -30.20
N GLY AA 40 3.21 46.45 -30.70
CA GLY AA 40 3.15 46.87 -32.07
C GLY AA 40 3.91 45.92 -32.96
N PRO AA 41 4.11 46.30 -34.23
CA PRO AA 41 4.89 45.43 -35.14
C PRO AA 41 6.30 45.16 -34.64
N ASN AA 42 6.93 46.14 -33.98
CA ASN AA 42 8.27 45.99 -33.44
C ASN AA 42 8.27 45.74 -31.93
N GLY AA 43 7.22 45.11 -31.41
CA GLY AA 43 7.14 44.87 -29.98
C GLY AA 43 6.86 46.15 -29.22
N TYR AA 44 7.30 46.18 -27.96
CA TYR AA 44 7.10 47.36 -27.12
C TYR AA 44 8.27 48.33 -27.26
N TRP BA 1 -2.35 21.99 46.16
CA TRP BA 1 -1.85 20.95 47.04
C TRP BA 1 -2.80 19.79 47.12
N ARG BA 2 -3.74 19.70 46.18
CA ARG BA 2 -4.68 18.59 45.95
C ARG BA 2 -4.73 18.21 44.47
N ILE BA 3 -3.59 18.11 43.80
CA ILE BA 3 -3.54 17.79 42.39
C ILE BA 3 -4.03 16.35 42.20
N TRP BA 4 -3.82 15.52 43.22
CA TRP BA 4 -4.00 14.08 43.11
C TRP BA 4 -5.46 13.66 43.11
N GLN BA 5 -6.36 14.64 43.25
CA GLN BA 5 -7.78 14.35 43.11
C GLN BA 5 -8.03 14.41 41.61
N LEU BA 6 -7.36 15.35 40.94
CA LEU BA 6 -7.53 15.52 39.50
C LEU BA 6 -6.86 14.38 38.74
N PHE BA 7 -5.56 14.18 38.97
CA PHE BA 7 -4.82 13.13 38.27
C PHE BA 7 -4.72 11.87 39.12
N ASP BA 8 -4.86 10.72 38.47
CA ASP BA 8 -4.70 9.44 39.13
C ASP BA 8 -3.27 9.33 39.67
N PRO BA 9 -3.09 8.99 40.95
CA PRO BA 9 -1.72 8.92 41.49
C PRO BA 9 -0.83 7.94 40.75
N ARG BA 10 -1.37 6.77 40.37
CA ARG BA 10 -0.55 5.76 39.72
C ARG BA 10 -0.08 6.24 38.35
N GLN BA 11 -1.00 6.76 37.54
CA GLN BA 11 -0.63 7.28 36.23
C GLN BA 11 0.30 8.48 36.34
N ALA BA 12 0.09 9.34 37.35
CA ALA BA 12 0.97 10.48 37.55
C ALA BA 12 2.39 10.03 37.90
N LEU BA 13 2.52 9.04 38.77
CA LEU BA 13 3.84 8.57 39.17
C LEU BA 13 4.50 7.69 38.11
N VAL BA 14 3.74 7.12 37.19
CA VAL BA 14 4.32 6.31 36.11
C VAL BA 14 4.49 7.18 34.88
N GLY BA 15 4.17 8.46 34.99
CA GLY BA 15 4.34 9.38 33.88
C GLY BA 15 5.32 10.48 34.21
N LEU BA 16 5.55 10.70 35.50
CA LEU BA 16 6.56 11.65 35.93
C LEU BA 16 7.94 11.03 36.14
N ALA BA 17 8.02 9.75 36.50
CA ALA BA 17 9.29 9.06 36.55
C ALA BA 17 9.86 8.77 35.17
N THR BA 18 9.02 8.37 34.22
CA THR BA 18 9.48 8.14 32.86
C THR BA 18 9.99 9.42 32.22
N PHE BA 19 9.28 10.53 32.44
CA PHE BA 19 9.73 11.82 31.90
C PHE BA 19 11.09 12.19 32.46
N LEU BA 20 11.27 12.05 33.77
CA LEU BA 20 12.55 12.40 34.38
C LEU BA 20 13.67 11.49 33.88
N PHE BA 21 13.39 10.19 33.76
CA PHE BA 21 14.41 9.27 33.26
C PHE BA 21 14.81 9.60 31.83
N VAL BA 22 13.83 9.89 30.98
CA VAL BA 22 14.13 10.22 29.58
C VAL BA 22 14.91 11.52 29.51
N LEU BA 23 14.53 12.52 30.31
CA LEU BA 23 15.27 13.78 30.32
C LEU BA 23 16.70 13.58 30.78
N ALA BA 24 16.90 12.77 31.83
CA ALA BA 24 18.26 12.50 32.31
C ALA BA 24 19.08 11.78 31.25
N LEU BA 25 18.49 10.80 30.57
CA LEU BA 25 19.20 10.10 29.51
C LEU BA 25 19.57 11.04 28.37
N LEU BA 26 18.64 11.92 27.98
CA LEU BA 26 18.91 12.88 26.92
C LEU BA 26 20.04 13.83 27.31
N ILE BA 27 20.02 14.32 28.54
CA ILE BA 27 21.07 15.25 28.97
C ILE BA 27 22.42 14.55 29.04
N HIS BA 28 22.43 13.29 29.50
CA HIS BA 28 23.68 12.54 29.54
C HIS BA 28 24.24 12.31 28.14
N PHE BA 29 23.38 11.96 27.19
CA PHE BA 29 23.84 11.79 25.81
C PHE BA 29 24.33 13.11 25.22
N ILE BA 30 23.65 14.22 25.53
CA ILE BA 30 24.10 15.52 25.07
C ILE BA 30 25.48 15.84 25.62
N LEU BA 31 25.70 15.56 26.90
CA LEU BA 31 27.04 15.77 27.48
C LEU BA 31 28.08 14.89 26.81
N LEU BA 32 27.71 13.64 26.51
CA LEU BA 32 28.61 12.77 25.76
C LEU BA 32 28.93 13.33 24.38
N SER BA 33 27.99 14.10 23.81
CA SER BA 33 28.19 14.67 22.48
C SER BA 33 29.16 15.85 22.47
N THR BA 34 29.57 16.36 23.62
CA THR BA 34 30.46 17.51 23.70
C THR BA 34 31.85 17.06 24.14
N GLU BA 35 32.88 17.75 23.63
CA GLU BA 35 34.25 17.40 23.99
C GLU BA 35 34.56 17.74 25.44
N ARG BA 36 34.05 18.88 25.93
CA ARG BA 36 34.42 19.34 27.26
C ARG BA 36 33.86 18.43 28.35
N PHE BA 37 32.60 18.00 28.21
CA PHE BA 37 31.91 17.30 29.28
C PHE BA 37 31.83 15.79 29.06
N ASN BA 38 32.61 15.26 28.12
CA ASN BA 38 32.63 13.80 27.91
C ASN BA 38 33.63 13.19 28.87
N TRP BA 39 33.13 12.57 29.94
CA TRP BA 39 34.01 11.98 30.95
C TRP BA 39 34.54 10.62 30.55
N LEU BA 40 33.95 9.98 29.54
CA LEU BA 40 34.43 8.67 29.11
C LEU BA 40 35.66 8.80 28.23
N GLU BA 41 35.58 9.62 27.19
CA GLU BA 41 36.73 9.85 26.33
C GLU BA 41 37.79 10.66 27.07
N GLY BA 42 37.43 11.86 27.50
CA GLY BA 42 38.34 12.69 28.29
C GLY BA 42 39.21 13.59 27.45
N ALA BA 43 39.09 14.90 27.67
CA ALA BA 43 39.89 15.86 26.92
C ALA BA 43 40.38 16.98 27.84
N SER BA 44 41.10 17.95 27.28
CA SER BA 44 41.61 19.06 28.07
C SER BA 44 40.48 20.01 28.44
N THR BA 45 40.76 20.90 29.38
CA THR BA 45 39.78 21.88 29.85
C THR BA 45 39.42 22.88 28.76
N ILE CA 1 -30.67 38.69 15.06
CA ILE CA 1 -31.69 38.14 14.17
C ILE CA 1 -32.90 39.06 14.16
N THR CA 2 -33.25 39.60 15.32
CA THR CA 2 -34.36 40.55 15.39
C THR CA 2 -33.97 41.87 14.74
N GLU CA 3 -34.97 42.71 14.47
CA GLU CA 3 -34.73 43.94 13.73
C GLU CA 3 -33.81 44.88 14.48
N GLY CA 4 -33.99 45.01 15.79
CA GLY CA 4 -33.13 45.88 16.58
C GLY CA 4 -31.69 45.41 16.60
N GLU CA 5 -31.48 44.10 16.81
CA GLU CA 5 -30.13 43.55 16.78
C GLU CA 5 -29.51 43.73 15.41
N ALA CA 6 -30.29 43.55 14.34
CA ALA CA 6 -29.79 43.77 13.00
C ALA CA 6 -29.41 45.23 12.76
N LYS CA 7 -30.20 46.19 13.26
CA LYS CA 7 -29.84 47.59 13.13
C LYS CA 7 -28.55 47.92 13.89
N GLU CA 8 -28.41 47.41 15.11
CA GLU CA 8 -27.17 47.63 15.85
C GLU CA 8 -25.98 46.99 15.11
N PHE CA 9 -26.18 45.79 14.58
CA PHE CA 9 -25.11 45.13 13.84
C PHE CA 9 -24.72 45.92 12.60
N HIS CA 10 -25.70 46.46 11.87
CA HIS CA 10 -25.38 47.24 10.70
C HIS CA 10 -24.67 48.54 11.06
N LYS CA 11 -25.05 49.13 12.18
CA LYS CA 11 -24.42 50.38 12.64
C LYS CA 11 -22.98 50.17 13.00
N ILE CA 12 -22.72 49.12 13.76
CA ILE CA 12 -21.35 48.81 14.14
C ILE CA 12 -20.56 48.29 12.95
N PHE CA 13 -21.22 47.60 12.02
CA PHE CA 13 -20.55 47.07 10.83
C PHE CA 13 -20.08 48.19 9.92
N THR CA 14 -20.95 49.16 9.66
CA THR CA 14 -20.54 50.28 8.81
C THR CA 14 -19.47 51.12 9.50
N SER CA 15 -19.56 51.30 10.82
CA SER CA 15 -18.51 52.03 11.52
C SER CA 15 -17.18 51.29 11.44
N SER CA 16 -17.20 49.97 11.65
CA SER CA 16 -15.97 49.18 11.65
C SER CA 16 -15.38 49.09 10.25
N ILE CA 17 -16.21 48.94 9.23
CA ILE CA 17 -15.69 48.88 7.87
C ILE CA 17 -15.12 50.23 7.45
N LEU CA 18 -15.76 51.33 7.88
CA LEU CA 18 -15.20 52.64 7.59
C LEU CA 18 -13.86 52.85 8.29
N VAL CA 19 -13.75 52.44 9.56
CA VAL CA 19 -12.47 52.60 10.25
C VAL CA 19 -11.41 51.66 9.66
N PHE CA 20 -11.80 50.46 9.24
CA PHE CA 20 -10.85 49.53 8.63
C PHE CA 20 -10.34 50.08 7.31
N PHE CA 21 -11.23 50.60 6.46
CA PHE CA 21 -10.82 51.18 5.20
C PHE CA 21 -10.02 52.45 5.41
N GLY CA 22 -10.33 53.24 6.43
CA GLY CA 22 -9.53 54.41 6.72
C GLY CA 22 -8.13 54.07 7.17
N VAL CA 23 -8.00 53.05 8.03
CA VAL CA 23 -6.67 52.61 8.45
C VAL CA 23 -5.89 52.06 7.26
N ALA CA 24 -6.55 51.27 6.40
CA ALA CA 24 -5.88 50.74 5.22
C ALA CA 24 -5.45 51.86 4.28
N ALA CA 25 -6.30 52.87 4.09
CA ALA CA 25 -5.96 53.98 3.22
C ALA CA 25 -4.80 54.79 3.80
N PHE CA 26 -4.78 55.02 5.11
CA PHE CA 26 -3.68 55.73 5.72
C PHE CA 26 -2.38 54.93 5.59
N ALA CA 27 -2.44 53.62 5.78
CA ALA CA 27 -1.25 52.78 5.62
C ALA CA 27 -0.75 52.83 4.19
N HIS CA 28 -1.66 52.76 3.22
CA HIS CA 28 -1.26 52.84 1.82
C HIS CA 28 -0.66 54.20 1.48
N LEU CA 29 -1.22 55.28 2.04
CA LEU CA 29 -0.66 56.60 1.81
C LEU CA 29 0.73 56.73 2.40
N LEU CA 30 0.94 56.22 3.61
CA LEU CA 30 2.27 56.24 4.21
C LEU CA 30 3.26 55.42 3.40
N VAL CA 31 2.84 54.25 2.92
CA VAL CA 31 3.73 53.40 2.13
C VAL CA 31 4.06 54.09 0.80
N TRP CA 32 3.08 54.79 0.21
CA TRP CA 32 3.35 55.53 -1.02
C TRP CA 32 4.32 56.67 -0.78
N ILE CA 33 4.17 57.38 0.33
CA ILE CA 33 5.11 58.45 0.67
C ILE CA 33 6.51 57.89 0.86
N TRP CA 34 6.61 56.74 1.52
CA TRP CA 34 7.91 56.12 1.74
C TRP CA 34 8.54 55.65 0.43
N ARG CA 35 7.87 54.73 -0.27
CA ARG CA 35 8.32 54.22 -1.55
C ARG CA 35 7.12 53.92 -2.45
N PRO CA 36 6.91 54.72 -3.50
CA PRO CA 36 5.80 54.44 -4.41
C PRO CA 36 5.98 53.12 -5.15
N TRP CA 37 4.84 52.53 -5.53
CA TRP CA 37 4.83 51.22 -6.16
C TRP CA 37 4.37 51.25 -7.61
N VAL CA 38 4.42 52.41 -8.26
CA VAL CA 38 4.12 52.51 -9.68
C VAL CA 38 5.41 52.81 -10.43
N PRO CA 39 5.93 51.87 -11.21
CA PRO CA 39 7.22 52.08 -11.87
C PRO CA 39 7.14 53.18 -12.92
N GLY CA 40 8.28 53.84 -13.14
CA GLY CA 40 8.39 54.82 -14.19
C GLY CA 40 8.69 54.16 -15.52
N PRO CA 41 8.76 54.96 -16.59
CA PRO CA 41 9.09 54.38 -17.91
C PRO CA 41 10.43 53.67 -17.95
N ASN CA 42 11.43 54.19 -17.24
CA ASN CA 42 12.77 53.62 -17.25
C ASN CA 42 13.05 52.74 -16.03
N GLY CA 43 12.04 52.51 -15.19
CA GLY CA 43 12.20 51.71 -13.99
C GLY CA 43 11.85 52.52 -12.74
N TYR CA 44 12.65 52.35 -11.70
CA TYR CA 44 12.46 53.09 -10.46
C TYR CA 44 13.58 54.10 -10.24
N TRP DA 1 5.87 3.04 52.62
CA TRP DA 1 5.30 1.69 52.55
C TRP DA 1 4.03 1.68 51.70
N ARG DA 2 3.48 2.87 51.46
CA ARG DA 2 2.26 3.01 50.67
C ARG DA 2 2.52 2.95 49.17
N ILE DA 3 3.79 3.01 48.75
CA ILE DA 3 4.10 2.81 47.35
C ILE DA 3 3.64 1.43 46.90
N TRP DA 4 3.74 0.44 47.79
CA TRP DA 4 3.28 -0.91 47.46
C TRP DA 4 1.76 -1.00 47.57
N GLN DA 5 1.12 -0.09 48.31
CA GLN DA 5 -0.32 0.02 48.24
C GLN DA 5 -0.78 0.51 46.87
N LEU DA 6 -0.10 1.49 46.29
CA LEU DA 6 -0.48 1.95 44.96
C LEU DA 6 -0.09 0.97 43.89
N PHE DA 7 1.13 0.48 43.92
CA PHE DA 7 1.65 -0.37 42.87
C PHE DA 7 1.72 -1.82 43.35
N ASP DA 8 1.34 -2.75 42.47
CA ASP DA 8 1.49 -4.17 42.71
C ASP DA 8 2.95 -4.46 43.05
N PRO DA 9 3.25 -5.09 44.19
CA PRO DA 9 4.66 -5.37 44.49
C PRO DA 9 5.33 -6.31 43.50
N ARG DA 10 4.58 -7.27 42.98
CA ARG DA 10 5.13 -8.18 41.97
C ARG DA 10 5.51 -7.43 40.70
N GLN DA 11 4.60 -6.60 40.19
CA GLN DA 11 4.88 -5.83 39.00
C GLN DA 11 5.99 -4.81 39.23
N ALA DA 12 6.02 -4.18 40.41
CA ALA DA 12 7.11 -3.26 40.72
C ALA DA 12 8.45 -3.98 40.72
N LEU DA 13 8.51 -5.16 41.33
CA LEU DA 13 9.75 -5.93 41.34
C LEU DA 13 10.18 -6.29 39.92
N VAL DA 14 9.24 -6.77 39.11
CA VAL DA 14 9.58 -7.19 37.75
C VAL DA 14 10.08 -6.01 36.93
N GLY DA 15 9.34 -4.89 36.97
CA GLY DA 15 9.75 -3.73 36.20
C GLY DA 15 11.07 -3.15 36.66
N LEU DA 16 11.27 -3.07 37.97
CA LEU DA 16 12.54 -2.56 38.49
C LEU DA 16 13.70 -3.45 38.09
N ALA DA 17 13.53 -4.77 38.18
CA ALA DA 17 14.59 -5.69 37.80
C ALA DA 17 14.91 -5.58 36.31
N THR DA 18 13.88 -5.53 35.47
CA THR DA 18 14.11 -5.42 34.03
C THR DA 18 14.80 -4.10 33.69
N PHE DA 19 14.35 -3.00 34.29
CA PHE DA 19 14.96 -1.71 34.01
C PHE DA 19 16.41 -1.69 34.46
N LEU DA 20 16.70 -2.23 35.65
CA LEU DA 20 18.07 -2.26 36.13
C LEU DA 20 18.95 -3.11 35.22
N PHE DA 21 18.45 -4.26 34.79
CA PHE DA 21 19.26 -5.11 33.91
C PHE DA 21 19.54 -4.42 32.57
N VAL DA 22 18.52 -3.78 31.99
CA VAL DA 22 18.72 -3.11 30.72
C VAL DA 22 19.69 -1.94 30.86
N LEU DA 23 19.57 -1.17 31.96
CA LEU DA 23 20.50 -0.06 32.19
C LEU DA 23 21.92 -0.57 32.37
N ALA DA 24 22.10 -1.66 33.13
CA ALA DA 24 23.42 -2.24 33.31
C ALA DA 24 24.01 -2.71 31.98
N LEU DA 25 23.19 -3.37 31.17
CA LEU DA 25 23.67 -3.82 29.86
C LEU DA 25 24.07 -2.65 28.98
N LEU DA 26 23.27 -1.58 28.98
CA LEU DA 26 23.58 -0.41 28.18
C LEU DA 26 24.88 0.25 28.64
N ILE DA 27 25.07 0.38 29.95
CA ILE DA 27 26.29 1.01 30.45
C ILE DA 27 27.50 0.14 30.14
N HIS DA 28 27.36 -1.19 30.26
CA HIS DA 28 28.47 -2.08 29.93
C HIS DA 28 28.83 -1.99 28.46
N PHE DA 29 27.83 -1.92 27.57
CA PHE DA 29 28.11 -1.79 26.15
C PHE DA 29 28.77 -0.45 25.84
N ILE DA 30 28.34 0.62 26.52
CA ILE DA 30 28.98 1.92 26.34
C ILE DA 30 30.44 1.87 26.77
N LEU DA 31 30.72 1.25 27.92
CA LEU DA 31 32.10 1.10 28.37
C LEU DA 31 32.93 0.31 27.39
N LEU DA 32 32.36 -0.78 26.85
CA LEU DA 32 33.07 -1.56 25.84
C LEU DA 32 33.37 -0.72 24.60
N SER DA 33 32.42 0.14 24.22
CA SER DA 33 32.64 1.03 23.08
C SER DA 33 33.79 2.00 23.35
N THR DA 34 33.86 2.55 24.56
CA THR DA 34 34.93 3.47 24.89
C THR DA 34 36.27 2.76 24.91
N GLU DA 35 37.32 3.50 24.52
CA GLU DA 35 38.66 2.93 24.47
C GLU DA 35 39.25 2.76 25.87
N ARG DA 36 39.08 3.76 26.73
CA ARG DA 36 39.72 3.74 28.03
C ARG DA 36 39.22 2.60 28.90
N PHE DA 37 37.91 2.36 28.92
CA PHE DA 37 37.30 1.42 29.84
C PHE DA 37 37.01 0.07 29.22
N ASN DA 38 37.48 -0.19 28.00
CA ASN DA 38 37.30 -1.48 27.37
C ASN DA 38 38.24 -2.47 28.04
N TRP DA 39 37.73 -3.19 29.05
CA TRP DA 39 38.57 -4.08 29.84
C TRP DA 39 38.94 -5.36 29.11
N LEU DA 40 38.29 -5.68 28.00
CA LEU DA 40 38.60 -6.92 27.27
C LEU DA 40 39.81 -6.72 26.37
N GLU DA 41 39.71 -5.82 25.39
CA GLU DA 41 40.85 -5.43 24.57
C GLU DA 41 41.41 -4.14 25.13
N GLY DA 42 42.10 -4.26 26.26
CA GLY DA 42 42.57 -3.09 26.99
C GLY DA 42 43.67 -2.36 26.26
N ALA DA 43 43.57 -1.04 26.24
CA ALA DA 43 44.59 -0.17 25.69
C ALA DA 43 45.26 0.61 26.82
N SER DA 44 46.53 0.97 26.60
CA SER DA 44 47.29 1.66 27.63
C SER DA 44 46.67 3.03 27.94
N THR DA 45 46.81 3.45 29.18
CA THR DA 45 46.28 4.73 29.64
C THR DA 45 46.94 5.90 28.90
N ILE EA 1 -25.61 29.85 28.35
CA ILE EA 1 -24.80 31.04 28.57
C ILE EA 1 -25.70 32.25 28.86
N THR EA 2 -25.56 32.79 30.06
CA THR EA 2 -26.35 33.95 30.46
C THR EA 2 -25.75 35.23 29.87
N GLU EA 3 -26.57 36.27 29.85
CA GLU EA 3 -26.10 37.59 29.41
C GLU EA 3 -25.23 38.27 30.44
N GLY EA 4 -25.44 38.02 31.72
CA GLY EA 4 -24.56 38.56 32.75
C GLY EA 4 -23.15 38.02 32.71
N GLU EA 5 -22.99 36.72 32.51
CA GLU EA 5 -21.67 36.16 32.30
C GLU EA 5 -21.04 36.66 30.99
N ALA EA 6 -21.86 36.98 29.99
CA ALA EA 6 -21.34 37.66 28.81
C ALA EA 6 -20.85 39.06 29.13
N LYS EA 7 -21.55 39.78 30.02
CA LYS EA 7 -21.06 41.07 30.47
C LYS EA 7 -19.72 40.93 31.18
N GLU EA 8 -19.60 39.95 32.07
CA GLU EA 8 -18.34 39.71 32.76
C GLU EA 8 -17.23 39.38 31.77
N PHE EA 9 -17.53 38.53 30.79
CA PHE EA 9 -16.60 38.20 29.73
C PHE EA 9 -16.15 39.48 29.08
N HIS EA 10 -17.05 40.18 28.39
CA HIS EA 10 -16.77 41.47 27.74
C HIS EA 10 -15.86 42.35 28.59
N LYS EA 11 -16.19 42.49 29.87
CA LYS EA 11 -15.40 43.32 30.77
C LYS EA 11 -13.95 42.88 30.81
N ILE EA 12 -13.69 41.66 31.28
CA ILE EA 12 -12.29 41.28 31.49
C ILE EA 12 -11.59 40.99 30.17
N PHE EA 13 -12.38 40.67 29.14
CA PHE EA 13 -11.82 40.43 27.82
C PHE EA 13 -11.28 41.73 27.25
N THR EA 14 -12.04 42.82 27.31
CA THR EA 14 -11.52 44.08 26.84
C THR EA 14 -10.40 44.59 27.74
N SER EA 15 -10.51 44.36 29.05
CA SER EA 15 -9.43 44.74 29.97
C SER EA 15 -8.14 43.98 29.71
N SER EA 16 -8.22 42.77 29.15
CA SER EA 16 -7.04 41.98 28.81
C SER EA 16 -6.51 42.26 27.41
N ILE EA 17 -7.39 42.52 26.44
CA ILE EA 17 -6.88 42.92 25.12
C ILE EA 17 -6.22 44.29 25.21
N LEU EA 18 -6.67 45.16 26.12
CA LEU EA 18 -5.97 46.41 26.34
C LEU EA 18 -4.54 46.18 26.82
N VAL EA 19 -4.34 45.27 27.77
CA VAL EA 19 -3.01 44.98 28.29
C VAL EA 19 -2.16 44.31 27.21
N PHE EA 20 -2.77 43.42 26.44
CA PHE EA 20 -2.05 42.75 25.36
C PHE EA 20 -1.55 43.76 24.33
N PHE EA 21 -2.42 44.68 23.90
CA PHE EA 21 -2.01 45.69 22.94
C PHE EA 21 -1.01 46.67 23.55
N GLY EA 22 -1.15 46.97 24.85
CA GLY EA 22 -0.18 47.85 25.49
C GLY EA 22 1.20 47.25 25.54
N VAL EA 23 1.30 45.98 25.92
CA VAL EA 23 2.62 45.34 25.97
C VAL EA 23 3.17 45.14 24.56
N ALA EA 24 2.34 44.83 23.58
CA ALA EA 24 2.81 44.73 22.20
C ALA EA 24 3.34 46.07 21.71
N ALA EA 25 2.63 47.16 22.01
CA ALA EA 25 3.07 48.48 21.61
C ALA EA 25 4.38 48.87 22.30
N PHE EA 26 4.50 48.55 23.59
CA PHE EA 26 5.74 48.84 24.31
C PHE EA 26 6.91 48.06 23.72
N ALA EA 27 6.70 46.78 23.40
CA ALA EA 27 7.76 45.98 22.81
C ALA EA 27 8.16 46.53 21.45
N HIS EA 28 7.18 46.88 20.62
CA HIS EA 28 7.48 47.46 19.31
C HIS EA 28 8.20 48.79 19.45
N LEU EA 29 7.82 49.61 20.42
CA LEU EA 29 8.47 50.89 20.64
C LEU EA 29 9.94 50.69 21.03
N LEU EA 30 10.18 49.77 21.97
CA LEU EA 30 11.55 49.48 22.39
C LEU EA 30 12.38 48.96 21.22
N VAL EA 31 11.81 48.04 20.43
CA VAL EA 31 12.50 47.56 19.24
C VAL EA 31 12.76 48.72 18.28
N TRP EA 32 11.89 49.72 18.28
CA TRP EA 32 12.08 50.86 17.40
C TRP EA 32 13.29 51.70 17.82
N ILE EA 33 13.46 51.93 19.13
CA ILE EA 33 14.71 52.60 19.52
C ILE EA 33 15.90 51.72 19.20
N TRP EA 34 15.78 50.41 19.42
CA TRP EA 34 16.92 49.53 19.18
C TRP EA 34 17.36 49.58 17.72
N ARG EA 35 16.49 49.15 16.80
CA ARG EA 35 16.75 49.20 15.37
C ARG EA 35 15.45 49.49 14.62
N PRO EA 36 15.30 50.68 14.04
CA PRO EA 36 14.11 50.96 13.23
C PRO EA 36 14.04 50.04 12.03
N TRP EA 37 12.82 49.67 11.66
CA TRP EA 37 12.58 48.66 10.64
C TRP EA 37 12.00 49.22 9.35
N VAL EA 38 12.07 50.53 9.13
CA VAL EA 38 11.64 51.15 7.89
C VAL EA 38 12.88 51.71 7.20
N PRO EA 39 13.33 51.12 6.09
CA PRO EA 39 14.55 51.62 5.44
C PRO EA 39 14.34 53.01 4.85
N GLY EA 40 15.43 53.76 4.76
CA GLY EA 40 15.41 55.07 4.17
C GLY EA 40 15.68 55.01 2.68
N PRO EA 41 15.92 56.19 2.06
CA PRO EA 41 16.24 56.20 0.62
C PRO EA 41 17.46 55.37 0.27
N ASN EA 42 18.47 55.35 1.13
CA ASN EA 42 19.71 54.61 0.90
C ASN EA 42 19.74 53.29 1.66
N GLY EA 43 18.59 52.74 2.00
CA GLY EA 43 18.56 51.48 2.74
C GLY EA 43 19.02 51.68 4.17
N TYR EA 44 19.70 50.66 4.70
CA TYR EA 44 20.19 50.71 6.07
C TYR EA 44 21.67 51.05 6.11
N TRP FA 1 12.29 -16.56 51.52
CA TRP FA 1 11.36 -17.63 51.20
C TRP FA 1 10.05 -17.07 50.65
N ARG FA 2 9.67 -15.89 51.09
CA ARG FA 2 8.39 -15.32 50.69
C ARG FA 2 8.22 -15.19 49.21
N ILE FA 3 9.33 -15.06 48.50
CA ILE FA 3 9.23 -14.79 47.06
C ILE FA 3 8.30 -15.78 46.38
N TRP FA 4 8.45 -17.07 46.70
CA TRP FA 4 7.82 -18.15 45.93
C TRP FA 4 6.32 -18.24 46.10
N GLN FA 5 5.71 -17.53 47.06
CA GLN FA 5 4.27 -17.49 47.15
C GLN FA 5 3.64 -16.50 46.17
N LEU FA 6 4.29 -15.36 45.95
CA LEU FA 6 3.82 -14.38 44.98
C LEU FA 6 4.26 -14.72 43.57
N PHE FA 7 5.53 -15.11 43.41
CA PHE FA 7 6.07 -15.52 42.10
C PHE FA 7 5.95 -17.03 41.99
N ASP FA 8 5.29 -17.49 40.92
CA ASP FA 8 5.13 -18.91 40.68
C ASP FA 8 6.49 -19.55 40.42
N PRO FA 9 6.86 -20.61 41.16
CA PRO FA 9 8.18 -21.21 40.98
C PRO FA 9 8.27 -22.10 39.74
N ARG FA 10 7.19 -22.17 38.96
CA ARG FA 10 7.23 -22.81 37.65
C ARG FA 10 7.57 -21.83 36.55
N GLN FA 11 7.17 -20.57 36.67
CA GLN FA 11 7.52 -19.55 35.70
C GLN FA 11 8.79 -18.81 36.06
N ALA FA 12 9.05 -18.60 37.35
CA ALA FA 12 10.30 -17.96 37.75
C ALA FA 12 11.49 -18.80 37.35
N LEU FA 13 11.41 -20.13 37.55
CA LEU FA 13 12.52 -21.00 37.19
C LEU FA 13 12.75 -21.02 35.68
N VAL FA 14 11.68 -21.08 34.89
CA VAL FA 14 11.84 -21.08 33.44
C VAL FA 14 12.44 -19.76 32.96
N GLY FA 15 11.94 -18.64 33.48
CA GLY FA 15 12.50 -17.36 33.11
C GLY FA 15 13.96 -17.23 33.51
N LEU FA 16 14.30 -17.71 34.71
CA LEU FA 16 15.69 -17.67 35.16
C LEU FA 16 16.58 -18.51 34.27
N ALA FA 17 16.14 -19.71 33.92
CA ALA FA 17 16.94 -20.58 33.06
C ALA FA 17 17.17 -19.95 31.69
N THR FA 18 16.10 -19.41 31.08
CA THR FA 18 16.25 -18.80 29.77
C THR FA 18 17.14 -17.56 29.83
N PHE FA 19 16.96 -16.71 30.84
CA PHE FA 19 17.76 -15.49 30.96
C PHE FA 19 19.23 -15.83 31.19
N LEU FA 20 19.50 -16.81 32.07
CA LEU FA 20 20.87 -17.20 32.33
C LEU FA 20 21.53 -17.80 31.11
N PHE FA 21 20.80 -18.65 30.36
CA PHE FA 21 21.37 -19.21 29.14
C PHE FA 21 21.66 -18.11 28.12
N VAL FA 22 20.75 -17.15 27.97
CA VAL FA 22 20.98 -16.06 27.03
C VAL FA 22 22.18 -15.23 27.44
N LEU FA 23 22.30 -14.92 28.73
CA LEU FA 23 23.44 -14.14 29.21
C LEU FA 23 24.75 -14.89 29.01
N ALA FA 24 24.76 -16.19 29.31
CA ALA FA 24 25.97 -16.98 29.13
C ALA FA 24 26.37 -17.05 27.66
N LEU FA 25 25.39 -17.24 26.78
CA LEU FA 25 25.68 -17.25 25.35
C LEU FA 25 26.23 -15.90 24.88
N LEU FA 26 25.65 -14.81 25.38
CA LEU FA 26 26.10 -13.48 24.99
C LEU FA 26 27.54 -13.25 25.44
N ILE FA 27 27.85 -13.61 26.68
CA ILE FA 27 29.21 -13.40 27.19
C ILE FA 27 30.21 -14.27 26.45
N HIS FA 28 29.83 -15.53 26.15
CA HIS FA 28 30.73 -16.40 25.40
C HIS FA 28 30.96 -15.89 23.99
N PHE FA 29 29.92 -15.36 23.35
CA PHE FA 29 30.10 -14.79 22.01
C PHE FA 29 31.00 -13.56 22.06
N ILE FA 30 30.84 -12.73 23.10
CA ILE FA 30 31.73 -11.57 23.25
C ILE FA 30 33.17 -12.03 23.41
N LEU FA 31 33.39 -13.05 24.24
CA LEU FA 31 34.75 -13.56 24.44
C LEU FA 31 35.33 -14.14 23.16
N LEU FA 32 34.50 -14.84 22.38
CA LEU FA 32 34.97 -15.36 21.10
C LEU FA 32 35.32 -14.23 20.15
N SER FA 33 34.54 -13.15 20.17
CA SER FA 33 34.84 -12.00 19.32
C SER FA 33 36.15 -11.34 19.71
N THR FA 34 36.41 -11.20 21.02
CA THR FA 34 37.61 -10.52 21.47
C THR FA 34 38.86 -11.34 21.11
N GLU FA 35 40.01 -10.72 20.99
CA GLU FA 35 41.21 -11.43 20.56
C GLU FA 35 41.96 -12.05 21.69
N ARG FA 36 42.00 -11.38 22.82
CA ARG FA 36 42.81 -11.92 23.92
C ARG FA 36 42.20 -13.19 24.49
N PHE FA 37 40.87 -13.23 24.63
CA PHE FA 37 40.20 -14.31 25.34
C PHE FA 37 39.57 -15.33 24.39
N ASN FA 38 39.91 -15.29 23.11
CA ASN FA 38 39.43 -16.30 22.18
C ASN FA 38 40.24 -17.57 22.35
N TRP FA 39 39.67 -18.55 23.06
CA TRP FA 39 40.39 -19.78 23.35
C TRP FA 39 40.46 -20.73 22.16
N LEU FA 40 39.48 -20.69 21.27
CA LEU FA 40 39.49 -21.55 20.09
C LEU FA 40 40.54 -21.14 19.08
N GLU FA 41 40.74 -19.85 18.87
CA GLU FA 41 41.80 -19.32 18.02
C GLU FA 41 42.80 -18.58 18.90
N GLY FA 42 43.75 -19.33 19.45
CA GLY FA 42 44.69 -18.79 20.41
C GLY FA 42 45.72 -17.85 19.81
N ALA FA 43 45.72 -16.59 20.27
CA ALA FA 43 46.69 -15.59 19.86
C ALA FA 43 47.67 -15.34 21.01
N SER FA 44 48.58 -14.39 20.79
CA SER FA 44 49.56 -14.05 21.80
C SER FA 44 48.89 -13.39 23.00
N THR FA 45 49.47 -13.62 24.17
CA THR FA 45 48.93 -13.05 25.42
C THR FA 45 49.32 -11.58 25.56
N ILE GA 1 -16.02 21.60 38.62
CA ILE GA 1 -17.47 21.50 38.45
C ILE GA 1 -18.15 22.71 39.09
N THR GA 2 -17.99 22.86 40.40
CA THR GA 2 -18.64 23.95 41.11
C THR GA 2 -17.85 25.25 40.93
N GLU GA 3 -18.57 26.37 40.98
CA GLU GA 3 -17.92 27.68 40.84
C GLU GA 3 -16.97 27.94 42.00
N GLY GA 4 -17.34 27.53 43.21
CA GLY GA 4 -16.44 27.67 44.35
C GLY GA 4 -15.16 26.88 44.20
N GLU GA 5 -15.26 25.65 43.71
CA GLU GA 5 -14.05 24.85 43.46
C GLU GA 5 -13.21 25.42 42.33
N ALA GA 6 -13.85 25.99 41.30
CA ALA GA 6 -13.09 26.67 40.26
C ALA GA 6 -12.34 27.88 40.82
N LYS GA 7 -12.98 28.65 41.69
CA LYS GA 7 -12.31 29.77 42.34
C LYS GA 7 -11.14 29.29 43.20
N GLU GA 8 -11.34 28.22 43.95
CA GLU GA 8 -10.27 27.65 44.76
C GLU GA 8 -9.11 27.14 43.92
N PHE GA 9 -9.39 26.59 42.73
CA PHE GA 9 -8.32 26.29 41.79
C PHE GA 9 -7.60 27.57 41.39
N HIS GA 10 -8.35 28.56 40.91
CA HIS GA 10 -7.74 29.77 40.37
C HIS GA 10 -6.83 30.46 41.38
N LYS GA 11 -7.18 30.35 42.67
CA LYS GA 11 -6.34 30.94 43.71
C LYS GA 11 -4.90 30.43 43.63
N ILE GA 12 -4.68 29.15 43.89
CA ILE GA 12 -3.33 28.62 43.80
C ILE GA 12 -2.82 28.53 42.36
N PHE GA 13 -3.68 28.56 41.34
CA PHE GA 13 -3.19 28.67 39.97
C PHE GA 13 -2.44 29.98 39.75
N THR GA 14 -3.00 31.10 40.21
CA THR GA 14 -2.29 32.35 40.07
C THR GA 14 -1.09 32.41 41.03
N SER GA 15 -1.24 31.83 42.23
CA SER GA 15 -0.09 31.83 43.14
C SER GA 15 1.08 31.02 42.60
N SER GA 16 0.82 29.99 41.77
CA SER GA 16 1.86 29.17 41.17
C SER GA 16 2.38 29.70 39.84
N ILE GA 17 1.52 30.29 39.00
CA ILE GA 17 2.04 30.95 37.82
C ILE GA 17 2.92 32.12 38.25
N LEU GA 18 2.63 32.73 39.40
CA LEU GA 18 3.49 33.78 39.91
C LEU GA 18 4.90 33.27 40.21
N VAL GA 19 5.03 32.12 40.88
CA VAL GA 19 6.38 31.63 41.20
C VAL GA 19 7.07 31.12 39.94
N PHE GA 20 6.32 30.51 39.02
CA PHE GA 20 6.92 30.10 37.75
C PHE GA 20 7.47 31.31 36.99
N PHE GA 21 6.69 32.39 36.91
CA PHE GA 21 7.16 33.60 36.24
C PHE GA 21 8.32 34.24 36.99
N GLY GA 22 8.33 34.17 38.32
CA GLY GA 22 9.45 34.71 39.07
C GLY GA 22 10.74 33.96 38.82
N VAL GA 23 10.67 32.63 38.79
CA VAL GA 23 11.84 31.82 38.46
C VAL GA 23 12.32 32.13 37.04
N ALA GA 24 11.38 32.22 36.10
CA ALA GA 24 11.76 32.53 34.72
C ALA GA 24 12.44 33.89 34.63
N ALA GA 25 11.88 34.89 35.32
CA ALA GA 25 12.45 36.23 35.28
C ALA GA 25 13.82 36.29 35.94
N PHE GA 26 14.00 35.57 37.05
CA PHE GA 26 15.30 35.54 37.71
C PHE GA 26 16.35 34.85 36.82
N ALA GA 27 15.96 33.76 36.17
CA ALA GA 27 16.87 33.10 35.23
C ALA GA 27 17.22 34.02 34.07
N HIS GA 28 16.23 34.74 33.54
CA HIS GA 28 16.50 35.69 32.46
C HIS GA 28 17.43 36.79 32.90
N LEU GA 29 17.27 37.27 34.14
CA LEU GA 29 18.17 38.29 34.67
C LEU GA 29 19.60 37.77 34.74
N LEU GA 30 19.77 36.53 35.24
CA LEU GA 30 21.11 35.96 35.32
C LEU GA 30 21.72 35.80 33.93
N VAL GA 31 20.93 35.33 32.96
CA VAL GA 31 21.45 35.17 31.60
C VAL GA 31 21.78 36.53 31.01
N TRP GA 32 21.02 37.57 31.33
CA TRP GA 32 21.34 38.91 30.85
C TRP GA 32 22.66 39.40 31.43
N ILE GA 33 22.91 39.15 32.72
CA ILE GA 33 24.19 39.53 33.30
C ILE GA 33 25.32 38.75 32.65
N TRP GA 34 25.08 37.48 32.33
CA TRP GA 34 26.13 36.66 31.71
C TRP GA 34 26.45 37.16 30.30
N ARG GA 35 25.47 37.12 29.41
CA ARG GA 35 25.63 37.59 28.03
C ARG GA 35 24.33 38.25 27.57
N PRO GA 36 24.30 39.57 27.44
CA PRO GA 36 23.09 40.22 26.91
C PRO GA 36 22.84 39.82 25.46
N TRP GA 37 21.55 39.81 25.09
CA TRP GA 37 21.13 39.36 23.76
C TRP GA 37 20.62 40.49 22.88
N VAL GA 38 20.98 41.73 23.18
CA VAL GA 38 20.59 42.88 22.39
C VAL GA 38 21.85 43.49 21.79
N PRO GA 39 22.10 43.26 20.50
CA PRO GA 39 23.33 43.77 19.89
C PRO GA 39 23.33 45.29 19.76
N GLY GA 40 24.53 45.85 19.72
CA GLY GA 40 24.70 47.27 19.53
C GLY GA 40 24.86 47.64 18.08
N PRO GA 41 25.17 48.91 17.81
CA PRO GA 41 25.35 49.33 16.41
C PRO GA 41 26.46 48.58 15.69
N ASN GA 42 27.54 48.22 16.39
CA ASN GA 42 28.65 47.51 15.79
C ASN GA 42 28.59 46.00 16.04
N GLY GA 43 27.49 45.51 16.59
CA GLY GA 43 27.36 44.09 16.89
C GLY GA 43 27.66 43.77 18.33
N TYR GA 44 28.29 42.64 18.58
CA TYR GA 44 28.65 42.24 19.93
C TYR GA 44 30.12 42.54 20.22
N ILE HA 1 -10.90 9.14 45.40
CA ILE HA 1 -9.68 9.67 46.00
C ILE HA 1 -10.05 10.43 47.27
N THR HA 2 -9.65 9.90 48.42
CA THR HA 2 -9.97 10.51 49.69
C THR HA 2 -9.02 11.66 50.00
N GLU HA 3 -9.55 12.70 50.64
CA GLU HA 3 -8.75 13.89 50.94
C GLU HA 3 -7.60 13.60 51.90
N GLY HA 4 -7.81 12.76 52.91
CA GLY HA 4 -6.75 12.44 53.86
C GLY HA 4 -5.59 11.67 53.24
N GLU HA 5 -5.90 10.64 52.46
CA GLU HA 5 -4.86 9.88 51.76
C GLU HA 5 -4.18 10.75 50.71
N ALA HA 6 -4.95 11.65 50.11
CA ALA HA 6 -4.38 12.59 49.15
C ALA HA 6 -3.40 13.54 49.84
N LYS HA 7 -3.74 14.02 51.03
CA LYS HA 7 -2.81 14.84 51.81
C LYS HA 7 -1.57 14.07 52.23
N GLU HA 8 -1.73 12.80 52.60
CA GLU HA 8 -0.57 11.98 52.93
C GLU HA 8 0.35 11.83 51.72
N PHE HA 9 -0.22 11.74 50.51
CA PHE HA 9 0.60 11.72 49.30
C PHE HA 9 1.33 13.05 49.29
N HIS HA 10 0.60 14.14 49.24
CA HIS HA 10 1.22 15.46 49.13
C HIS HA 10 2.43 15.58 50.06
N LYS HA 11 2.28 15.15 51.31
CA LYS HA 11 3.37 15.24 52.27
C LYS HA 11 4.58 14.40 51.83
N ILE HA 12 4.35 13.12 51.56
CA ILE HA 12 5.49 12.25 51.22
C ILE HA 12 6.09 12.59 49.87
N PHE HA 13 5.25 12.95 48.88
CA PHE HA 13 5.69 13.46 47.60
C PHE HA 13 6.58 14.69 47.76
N THR HA 14 6.19 15.63 48.63
CA THR HA 14 7.02 16.79 48.88
C THR HA 14 8.36 16.40 49.48
N SER HA 15 8.36 15.48 50.44
CA SER HA 15 9.61 15.03 51.04
C SER HA 15 10.51 14.39 50.00
N SER HA 16 9.94 13.54 49.14
CA SER HA 16 10.73 12.84 48.14
C SER HA 16 11.27 13.78 47.08
N ILE HA 17 10.45 14.74 46.64
CA ILE HA 17 10.92 15.69 45.64
C ILE HA 17 12.00 16.60 46.22
N LEU HA 18 11.89 16.92 47.51
CA LEU HA 18 12.97 17.66 48.17
C LEU HA 18 14.25 16.86 48.25
N VAL HA 19 14.17 15.56 48.55
CA VAL HA 19 15.36 14.72 48.54
C VAL HA 19 15.97 14.64 47.15
N PHE HA 20 15.13 14.47 46.13
CA PHE HA 20 15.60 14.40 44.75
C PHE HA 20 16.31 15.69 44.36
N PHE HA 21 15.72 16.84 44.70
CA PHE HA 21 16.32 18.12 44.35
C PHE HA 21 17.60 18.37 45.13
N GLY HA 22 17.66 17.93 46.39
CA GLY HA 22 18.90 18.05 47.14
C GLY HA 22 20.02 17.24 46.54
N VAL HA 23 19.73 15.99 46.16
CA VAL HA 23 20.73 15.17 45.48
C VAL HA 23 21.16 15.76 44.15
N ALA HA 24 20.20 16.26 43.35
CA ALA HA 24 20.54 16.90 42.09
C ALA HA 24 21.40 18.15 42.29
N ALA HA 25 21.08 18.96 43.31
CA ALA HA 25 21.89 20.13 43.61
C ALA HA 25 23.30 19.74 44.03
N PHE HA 26 23.44 18.69 44.84
CA PHE HA 26 24.76 18.22 45.21
C PHE HA 26 25.56 17.78 43.99
N ALA HA 27 24.92 17.02 43.10
CA ALA HA 27 25.60 16.56 41.89
C ALA HA 27 26.00 17.74 41.00
N HIS HA 28 25.11 18.70 40.82
CA HIS HA 28 25.42 19.87 40.01
C HIS HA 28 26.55 20.70 40.62
N LEU HA 29 26.58 20.81 41.95
CA LEU HA 29 27.69 21.51 42.60
C LEU HA 29 29.00 20.78 42.35
N LEU HA 30 29.00 19.45 42.47
CA LEU HA 30 30.23 18.70 42.23
C LEU HA 30 30.70 18.90 40.79
N VAL HA 31 29.76 18.88 39.84
CA VAL HA 31 30.13 19.11 38.45
C VAL HA 31 30.63 20.54 38.24
N TRP HA 32 30.08 21.49 38.98
CA TRP HA 32 30.54 22.88 38.86
C TRP HA 32 31.99 23.01 39.32
N ILE HA 33 32.35 22.38 40.43
CA ILE HA 33 33.75 22.35 40.83
C ILE HA 33 34.60 21.63 39.78
N TRP HA 34 34.08 20.54 39.21
CA TRP HA 34 34.85 19.80 38.22
C TRP HA 34 35.15 20.66 37.00
N ARG HA 35 34.11 21.06 36.27
CA ARG HA 35 34.24 21.90 35.08
C ARG HA 35 32.99 22.77 34.95
N PRO HA 36 33.10 24.07 35.21
CA PRO HA 36 31.93 24.95 35.05
C PRO HA 36 31.48 25.01 33.60
N TRP HA 37 30.17 25.20 33.41
CA TRP HA 37 29.57 25.21 32.08
C TRP HA 37 29.19 26.61 31.61
N VAL HA 38 29.59 27.64 32.33
CA VAL HA 38 29.30 29.02 31.97
C VAL HA 38 30.61 29.66 31.49
N PRO HA 39 30.75 29.90 30.19
CA PRO HA 39 32.01 30.47 29.69
C PRO HA 39 32.16 31.94 30.04
N GLY HA 40 33.40 32.40 30.01
CA GLY HA 40 33.71 33.79 30.23
C GLY HA 40 33.83 34.54 28.92
N PRO HA 41 34.25 35.81 28.99
CA PRO HA 41 34.44 36.58 27.74
C PRO HA 41 35.42 35.93 26.78
N ASN HA 42 36.45 35.28 27.29
CA ASN HA 42 37.44 34.62 26.45
C ASN HA 42 37.13 33.14 26.24
N GLY HA 43 35.99 32.66 26.73
CA GLY HA 43 35.65 31.26 26.59
C GLY HA 43 36.29 30.41 27.66
N TYR HA 44 36.44 29.12 27.35
CA TYR HA 44 37.05 28.18 28.28
C TYR HA 44 38.57 28.18 28.16
N ILE IA 1 -3.66 -5.89 48.21
CA ILE IA 1 -2.53 -6.04 49.11
C ILE IA 1 -2.86 -5.38 50.45
N THR IA 2 -2.65 -6.12 51.54
CA THR IA 2 -3.00 -5.64 52.87
C THR IA 2 -1.92 -4.72 53.42
N GLU IA 3 -2.25 -4.05 54.53
CA GLU IA 3 -1.32 -3.13 55.16
C GLU IA 3 -0.09 -3.85 55.69
N GLY IA 4 -0.28 -4.99 56.36
CA GLY IA 4 0.86 -5.75 56.85
C GLY IA 4 1.72 -6.27 55.72
N GLU IA 5 1.10 -6.71 54.62
CA GLU IA 5 1.85 -7.15 53.45
C GLU IA 5 2.69 -6.02 52.88
N ALA IA 6 2.09 -4.82 52.78
CA ALA IA 6 2.82 -3.67 52.26
C ALA IA 6 4.01 -3.33 53.16
N LYS IA 7 3.80 -3.35 54.48
CA LYS IA 7 4.89 -3.04 55.41
C LYS IA 7 6.00 -4.08 55.35
N GLU IA 8 5.64 -5.35 55.20
CA GLU IA 8 6.66 -6.40 55.09
C GLU IA 8 7.47 -6.23 53.81
N PHE IA 9 6.78 -6.05 52.68
CA PHE IA 9 7.46 -5.73 51.43
C PHE IA 9 8.40 -4.55 51.65
N HIS IA 10 7.94 -3.51 52.32
CA HIS IA 10 8.75 -2.33 52.51
C HIS IA 10 10.03 -2.61 53.30
N LYS IA 11 9.92 -3.29 54.45
CA LYS IA 11 11.12 -3.41 55.27
C LYS IA 11 12.14 -4.32 54.59
N ILE IA 12 11.69 -5.46 54.05
CA ILE IA 12 12.70 -6.33 53.45
C ILE IA 12 13.16 -5.78 52.10
N PHE IA 13 12.34 -4.93 51.46
CA PHE IA 13 12.73 -4.31 50.19
C PHE IA 13 13.84 -3.29 50.41
N THR IA 14 13.70 -2.44 51.44
CA THR IA 14 14.80 -1.54 51.76
C THR IA 14 16.01 -2.30 52.31
N SER IA 15 15.78 -3.42 53.00
CA SER IA 15 16.90 -4.26 53.42
C SER IA 15 17.70 -4.80 52.24
N SER IA 16 17.02 -5.22 51.18
CA SER IA 16 17.68 -5.70 49.96
C SER IA 16 18.28 -4.57 49.14
N ILE IA 17 17.68 -3.37 49.18
CA ILE IA 17 18.21 -2.21 48.48
C ILE IA 17 19.51 -1.73 49.11
N LEU IA 18 19.60 -1.76 50.43
CA LEU IA 18 20.84 -1.31 51.08
C LEU IA 18 22.02 -2.19 50.67
N VAL IA 19 21.82 -3.51 50.61
CA VAL IA 19 22.87 -4.42 50.18
C VAL IA 19 23.25 -4.16 48.73
N PHE IA 20 22.24 -3.94 47.88
CA PHE IA 20 22.50 -3.65 46.47
C PHE IA 20 23.34 -2.39 46.31
N PHE IA 21 22.97 -1.34 47.03
CA PHE IA 21 23.74 -0.09 46.96
C PHE IA 21 25.14 -0.27 47.49
N GLY IA 22 25.31 -1.04 48.57
CA GLY IA 22 26.65 -1.29 49.08
C GLY IA 22 27.51 -2.04 48.09
N VAL IA 23 26.96 -3.05 47.43
CA VAL IA 23 27.71 -3.81 46.43
C VAL IA 23 28.07 -2.90 45.25
N ALA IA 24 27.12 -2.09 44.80
CA ALA IA 24 27.41 -1.18 43.69
C ALA IA 24 28.49 -0.17 44.07
N ALA IA 25 28.43 0.35 45.30
CA ALA IA 25 29.45 1.30 45.74
C ALA IA 25 30.82 0.66 45.82
N PHE IA 26 30.89 -0.58 46.32
CA PHE IA 26 32.17 -1.28 46.39
C PHE IA 26 32.73 -1.52 44.99
N ALA IA 27 31.87 -1.94 44.05
CA ALA IA 27 32.32 -2.17 42.69
C ALA IA 27 32.80 -0.88 42.04
N HIS IA 28 32.08 0.22 42.24
CA HIS IA 28 32.49 1.49 41.67
C HIS IA 28 33.78 2.00 42.30
N LEU IA 29 33.97 1.75 43.60
CA LEU IA 29 35.24 2.10 44.24
C LEU IA 29 36.39 1.31 43.62
N LEU IA 30 36.19 0.01 43.40
CA LEU IA 30 37.23 -0.80 42.77
C LEU IA 30 37.55 -0.29 41.37
N VAL IA 31 36.52 0.06 40.60
CA VAL IA 31 36.73 0.57 39.26
C VAL IA 31 37.47 1.92 39.31
N TRP IA 32 37.17 2.73 40.32
CA TRP IA 32 37.85 4.01 40.47
C TRP IA 32 39.34 3.81 40.76
N ILE IA 33 39.68 2.86 41.64
CA ILE IA 33 41.09 2.59 41.90
C ILE IA 33 41.76 2.04 40.65
N TRP IA 34 41.02 1.24 39.86
CA TRP IA 34 41.58 0.72 38.62
C TRP IA 34 41.90 1.86 37.66
N ARG IA 35 40.86 2.60 37.23
CA ARG IA 35 41.00 3.73 36.34
C ARG IA 35 39.93 4.77 36.64
N PRO IA 36 40.29 5.92 37.20
CA PRO IA 36 39.29 6.96 37.46
C PRO IA 36 38.66 7.46 36.17
N TRP IA 37 37.38 7.82 36.25
CA TRP IA 37 36.62 8.24 35.09
C TRP IA 37 36.35 9.74 35.04
N VAL IA 38 36.96 10.52 35.92
CA VAL IA 38 36.82 11.97 35.91
C VAL IA 38 38.14 12.57 35.41
N PRO IA 39 38.18 13.09 34.18
CA PRO IA 39 39.43 13.65 33.66
C PRO IA 39 39.86 14.90 34.41
N GLY IA 40 41.17 15.14 34.43
CA GLY IA 40 41.72 16.31 35.05
C GLY IA 40 41.71 17.50 34.10
N PRO IA 41 42.41 18.57 34.48
CA PRO IA 41 42.46 19.77 33.62
C PRO IA 41 43.03 19.47 32.24
N ASN IA 42 44.23 18.91 32.18
CA ASN IA 42 44.85 18.60 30.90
C ASN IA 42 44.20 17.41 30.22
N GLY IA 43 43.54 16.54 30.98
CA GLY IA 43 42.92 15.34 30.47
C GLY IA 43 43.31 14.15 31.30
N TYR IA 44 43.35 12.98 30.67
CA TYR IA 44 43.77 11.77 31.34
C TYR IA 44 45.30 11.64 31.32
#